data_3HMR
# 
_entry.id   3HMR 
# 
_audit_conform.dict_name       mmcif_pdbx.dic 
_audit_conform.dict_version    5.398 
_audit_conform.dict_location   http://mmcif.pdb.org/dictionaries/ascii/mmcif_pdbx.dic 
# 
loop_
_database_2.database_id 
_database_2.database_code 
_database_2.pdbx_database_accession 
_database_2.pdbx_DOI 
PDB   3HMR         pdb_00003hmr 10.2210/pdb3hmr/pdb 
RCSB  RCSB053324   ?            ?                   
WWPDB D_1000053324 ?            ?                   
# 
loop_
_pdbx_audit_revision_history.ordinal 
_pdbx_audit_revision_history.data_content_type 
_pdbx_audit_revision_history.major_revision 
_pdbx_audit_revision_history.minor_revision 
_pdbx_audit_revision_history.revision_date 
1 'Structure model' 1 0 2010-06-09 
2 'Structure model' 1 1 2011-07-13 
3 'Structure model' 1 2 2017-11-01 
4 'Structure model' 1 3 2023-09-06 
5 'Structure model' 1 4 2024-11-06 
# 
_pdbx_audit_revision_details.ordinal             1 
_pdbx_audit_revision_details.revision_ordinal    1 
_pdbx_audit_revision_details.data_content_type   'Structure model' 
_pdbx_audit_revision_details.provider            repository 
_pdbx_audit_revision_details.type                'Initial release' 
_pdbx_audit_revision_details.description         ? 
_pdbx_audit_revision_details.details             ? 
# 
loop_
_pdbx_audit_revision_group.ordinal 
_pdbx_audit_revision_group.revision_ordinal 
_pdbx_audit_revision_group.data_content_type 
_pdbx_audit_revision_group.group 
1 2 'Structure model' 'Version format compliance' 
2 3 'Structure model' 'Refinement description'    
3 4 'Structure model' 'Data collection'           
4 4 'Structure model' 'Database references'       
5 4 'Structure model' 'Derived calculations'      
6 4 'Structure model' 'Refinement description'    
7 5 'Structure model' 'Structure summary'         
# 
loop_
_pdbx_audit_revision_category.ordinal 
_pdbx_audit_revision_category.revision_ordinal 
_pdbx_audit_revision_category.data_content_type 
_pdbx_audit_revision_category.category 
1 3 'Structure model' software                      
2 4 'Structure model' chem_comp_atom                
3 4 'Structure model' chem_comp_bond                
4 4 'Structure model' database_2                    
5 4 'Structure model' pdbx_initial_refinement_model 
6 4 'Structure model' struct_ref_seq_dif            
7 4 'Structure model' struct_site                   
8 5 'Structure model' pdbx_entry_details            
9 5 'Structure model' pdbx_modification_feature     
# 
loop_
_pdbx_audit_revision_item.ordinal 
_pdbx_audit_revision_item.revision_ordinal 
_pdbx_audit_revision_item.data_content_type 
_pdbx_audit_revision_item.item 
1 3 'Structure model' '_software.name'                      
2 4 'Structure model' '_database_2.pdbx_DOI'                
3 4 'Structure model' '_database_2.pdbx_database_accession' 
4 4 'Structure model' '_struct_ref_seq_dif.details'         
5 4 'Structure model' '_struct_site.pdbx_auth_asym_id'      
6 4 'Structure model' '_struct_site.pdbx_auth_comp_id'      
7 4 'Structure model' '_struct_site.pdbx_auth_seq_id'       
# 
_pdbx_database_status.status_code                     REL 
_pdbx_database_status.entry_id                        3HMR 
_pdbx_database_status.recvd_initial_deposition_date   2009-05-29 
_pdbx_database_status.deposit_site                    RCSB 
_pdbx_database_status.process_site                    RCSB 
_pdbx_database_status.status_code_sf                  REL 
_pdbx_database_status.status_code_mr                  ? 
_pdbx_database_status.SG_entry                        ? 
_pdbx_database_status.pdb_format_compatible           Y 
_pdbx_database_status.status_code_cs                  ? 
_pdbx_database_status.methods_development_category    ? 
_pdbx_database_status.status_code_nmr_data            ? 
# 
loop_
_pdbx_database_related.db_name 
_pdbx_database_related.db_id 
_pdbx_database_related.details 
_pdbx_database_related.content_type 
PDB 1NK1 'NK1 structure'                   unspecified 
PDB 1GP9 'NK1 structure'                   unspecified 
PDB 1GMN 'NK1-heparin complexes'           unspecified 
PDB 1GMO 'NK1-heparin complexes'           unspecified 
PDB 1BHT 'NK1 structure'                   unspecified 
PDB 2HGF 'NMR N-terminal domain structure' unspecified 
PDB 2QJ2 'NK1 structure'                   unspecified 
PDB 2QJ4 'mouse NK1 structure'             unspecified 
PDB 3HMS 'NK2 N-terminal domain structure' unspecified 
PDB 3HMT 'NK2 N-terminal domain structure' unspecified 
PDB 3HN4 'NK2 fragment'                    unspecified 
# 
_audit_author.name           'Tolbert, W.D.' 
_audit_author.pdbx_ordinal   1 
# 
_citation.id                        primary 
_citation.title                     'Structural basis for agonism and antagonism of hepatocyte growth factor.' 
_citation.journal_abbrev            Proc.Natl.Acad.Sci.USA 
_citation.journal_volume            107 
_citation.page_first                13264 
_citation.page_last                 13269 
_citation.year                      2010 
_citation.journal_id_ASTM           PNASA6 
_citation.country                   US 
_citation.journal_id_ISSN           0027-8424 
_citation.journal_id_CSD            0040 
_citation.book_publisher            ? 
_citation.pdbx_database_id_PubMed   20624990 
_citation.pdbx_database_id_DOI      10.1073/pnas.1005183107 
# 
loop_
_citation_author.citation_id 
_citation_author.name 
_citation_author.ordinal 
_citation_author.identifier_ORCID 
primary 'Tolbert, W.D.'         1 ? 
primary 'Daugherty-Holtrop, J.' 2 ? 
primary 'Gherardi, E.'          3 ? 
primary 'Vande Woude, G.'       4 ? 
primary 'Xu, H.E.'              5 ? 
# 
loop_
_entity.id 
_entity.type 
_entity.src_method 
_entity.pdbx_description 
_entity.formula_weight 
_entity.pdbx_number_of_molecules 
_entity.pdbx_ec 
_entity.pdbx_mutation 
_entity.pdbx_fragment 
_entity.details 
1 polymer     man 'Hepatocyte growth factor' 11682.447 1  ? ? 'N-terminal domain: UNP residues 31-127' ? 
2 non-polymer syn 'SULFATE ION'              96.063    1  ? ? ?                                        ? 
3 water       nat water                      18.015    82 ? ? ?                                        ? 
# 
_entity_name_com.entity_id   1 
_entity_name_com.name        
'Scatter factor, SF, Hepatopoeitin-A, Hepatocyte growth factor alpha chain, Hepatocyte growth factor beta chain' 
# 
_entity_poly.entity_id                      1 
_entity_poly.type                           'polypeptide(L)' 
_entity_poly.nstd_linkage                   no 
_entity_poly.nstd_monomer                   no 
_entity_poly.pdbx_seq_one_letter_code       
;GSEGQKKRRNTLHEFKKSAKTTLTKEDPLLKIKTKKVNSADECANRCIRNRGFTFTCKAFVFDKSRKRCYWYPFNSMSSG
VKKGFGHEFDLYENKDYIR
;
_entity_poly.pdbx_seq_one_letter_code_can   
;GSEGQKKRRNTLHEFKKSAKTTLTKEDPLLKIKTKKVNSADECANRCIRNRGFTFTCKAFVFDKSRKRCYWYPFNSMSSG
VKKGFGHEFDLYENKDYIR
;
_entity_poly.pdbx_strand_id                 A 
_entity_poly.pdbx_target_identifier         ? 
# 
loop_
_pdbx_entity_nonpoly.entity_id 
_pdbx_entity_nonpoly.name 
_pdbx_entity_nonpoly.comp_id 
2 'SULFATE ION' SO4 
3 water         HOH 
# 
loop_
_entity_poly_seq.entity_id 
_entity_poly_seq.num 
_entity_poly_seq.mon_id 
_entity_poly_seq.hetero 
1 1  GLY n 
1 2  SER n 
1 3  GLU n 
1 4  GLY n 
1 5  GLN n 
1 6  LYS n 
1 7  LYS n 
1 8  ARG n 
1 9  ARG n 
1 10 ASN n 
1 11 THR n 
1 12 LEU n 
1 13 HIS n 
1 14 GLU n 
1 15 PHE n 
1 16 LYS n 
1 17 LYS n 
1 18 SER n 
1 19 ALA n 
1 20 LYS n 
1 21 THR n 
1 22 THR n 
1 23 LEU n 
1 24 THR n 
1 25 LYS n 
1 26 GLU n 
1 27 ASP n 
1 28 PRO n 
1 29 LEU n 
1 30 LEU n 
1 31 LYS n 
1 32 ILE n 
1 33 LYS n 
1 34 THR n 
1 35 LYS n 
1 36 LYS n 
1 37 VAL n 
1 38 ASN n 
1 39 SER n 
1 40 ALA n 
1 41 ASP n 
1 42 GLU n 
1 43 CYS n 
1 44 ALA n 
1 45 ASN n 
1 46 ARG n 
1 47 CYS n 
1 48 ILE n 
1 49 ARG n 
1 50 ASN n 
1 51 ARG n 
1 52 GLY n 
1 53 PHE n 
1 54 THR n 
1 55 PHE n 
1 56 THR n 
1 57 CYS n 
1 58 LYS n 
1 59 ALA n 
1 60 PHE n 
1 61 VAL n 
1 62 PHE n 
1 63 ASP n 
1 64 LYS n 
1 65 SER n 
1 66 ARG n 
1 67 LYS n 
1 68 ARG n 
1 69 CYS n 
1 70 TYR n 
1 71 TRP n 
1 72 TYR n 
1 73 PRO n 
1 74 PHE n 
1 75 ASN n 
1 76 SER n 
1 77 MET n 
1 78 SER n 
1 79 SER n 
1 80 GLY n 
1 81 VAL n 
1 82 LYS n 
1 83 LYS n 
1 84 GLY n 
1 85 PHE n 
1 86 GLY n 
1 87 HIS n 
1 88 GLU n 
1 89 PHE n 
1 90 ASP n 
1 91 LEU n 
1 92 TYR n 
1 93 GLU n 
1 94 ASN n 
1 95 LYS n 
1 96 ASP n 
1 97 TYR n 
1 98 ILE n 
1 99 ARG n 
# 
_entity_src_gen.entity_id                          1 
_entity_src_gen.pdbx_src_id                        1 
_entity_src_gen.pdbx_alt_source_flag               sample 
_entity_src_gen.pdbx_seq_type                      ? 
_entity_src_gen.pdbx_beg_seq_num                   ? 
_entity_src_gen.pdbx_end_seq_num                   ? 
_entity_src_gen.gene_src_common_name               mouse 
_entity_src_gen.gene_src_genus                     ? 
_entity_src_gen.pdbx_gene_src_gene                 Hgf 
_entity_src_gen.gene_src_species                   ? 
_entity_src_gen.gene_src_strain                    ? 
_entity_src_gen.gene_src_tissue                    ? 
_entity_src_gen.gene_src_tissue_fraction           ? 
_entity_src_gen.gene_src_details                   'Expressed as a thioredoxin fusion protein' 
_entity_src_gen.pdbx_gene_src_fragment             ? 
_entity_src_gen.pdbx_gene_src_scientific_name      'Mus musculus' 
_entity_src_gen.pdbx_gene_src_ncbi_taxonomy_id     10090 
_entity_src_gen.pdbx_gene_src_variant              ? 
_entity_src_gen.pdbx_gene_src_cell_line            ? 
_entity_src_gen.pdbx_gene_src_atcc                 ? 
_entity_src_gen.pdbx_gene_src_organ                ? 
_entity_src_gen.pdbx_gene_src_organelle            ? 
_entity_src_gen.pdbx_gene_src_cell                 ? 
_entity_src_gen.pdbx_gene_src_cellular_location    ? 
_entity_src_gen.host_org_common_name               ? 
_entity_src_gen.pdbx_host_org_scientific_name      'Escherichia coli' 
_entity_src_gen.pdbx_host_org_ncbi_taxonomy_id     562 
_entity_src_gen.host_org_genus                     ? 
_entity_src_gen.pdbx_host_org_gene                 ? 
_entity_src_gen.pdbx_host_org_organ                ? 
_entity_src_gen.host_org_species                   ? 
_entity_src_gen.pdbx_host_org_tissue               ? 
_entity_src_gen.pdbx_host_org_tissue_fraction      ? 
_entity_src_gen.pdbx_host_org_strain               'Origami B(DE)' 
_entity_src_gen.pdbx_host_org_variant              ? 
_entity_src_gen.pdbx_host_org_cell_line            ? 
_entity_src_gen.pdbx_host_org_atcc                 ? 
_entity_src_gen.pdbx_host_org_culture_collection   ? 
_entity_src_gen.pdbx_host_org_cell                 ? 
_entity_src_gen.pdbx_host_org_organelle            ? 
_entity_src_gen.pdbx_host_org_cellular_location    ? 
_entity_src_gen.pdbx_host_org_vector_type          plasmid 
_entity_src_gen.pdbx_host_org_vector               ? 
_entity_src_gen.host_org_details                   ? 
_entity_src_gen.expression_system_id               ? 
_entity_src_gen.plasmid_name                       pET-Duet1/Trx 
_entity_src_gen.plasmid_details                    ? 
_entity_src_gen.pdbx_description                   ? 
# 
loop_
_chem_comp.id 
_chem_comp.type 
_chem_comp.mon_nstd_flag 
_chem_comp.name 
_chem_comp.pdbx_synonyms 
_chem_comp.formula 
_chem_comp.formula_weight 
ALA 'L-peptide linking' y ALANINE         ? 'C3 H7 N O2'     89.093  
ARG 'L-peptide linking' y ARGININE        ? 'C6 H15 N4 O2 1' 175.209 
ASN 'L-peptide linking' y ASPARAGINE      ? 'C4 H8 N2 O3'    132.118 
ASP 'L-peptide linking' y 'ASPARTIC ACID' ? 'C4 H7 N O4'     133.103 
CYS 'L-peptide linking' y CYSTEINE        ? 'C3 H7 N O2 S'   121.158 
GLN 'L-peptide linking' y GLUTAMINE       ? 'C5 H10 N2 O3'   146.144 
GLU 'L-peptide linking' y 'GLUTAMIC ACID' ? 'C5 H9 N O4'     147.129 
GLY 'peptide linking'   y GLYCINE         ? 'C2 H5 N O2'     75.067  
HIS 'L-peptide linking' y HISTIDINE       ? 'C6 H10 N3 O2 1' 156.162 
HOH non-polymer         . WATER           ? 'H2 O'           18.015  
ILE 'L-peptide linking' y ISOLEUCINE      ? 'C6 H13 N O2'    131.173 
LEU 'L-peptide linking' y LEUCINE         ? 'C6 H13 N O2'    131.173 
LYS 'L-peptide linking' y LYSINE          ? 'C6 H15 N2 O2 1' 147.195 
MET 'L-peptide linking' y METHIONINE      ? 'C5 H11 N O2 S'  149.211 
PHE 'L-peptide linking' y PHENYLALANINE   ? 'C9 H11 N O2'    165.189 
PRO 'L-peptide linking' y PROLINE         ? 'C5 H9 N O2'     115.130 
SER 'L-peptide linking' y SERINE          ? 'C3 H7 N O3'     105.093 
SO4 non-polymer         . 'SULFATE ION'   ? 'O4 S -2'        96.063  
THR 'L-peptide linking' y THREONINE       ? 'C4 H9 N O3'     119.119 
TRP 'L-peptide linking' y TRYPTOPHAN      ? 'C11 H12 N2 O2'  204.225 
TYR 'L-peptide linking' y TYROSINE        ? 'C9 H11 N O3'    181.189 
VAL 'L-peptide linking' y VALINE          ? 'C5 H11 N O2'    117.146 
# 
loop_
_pdbx_poly_seq_scheme.asym_id 
_pdbx_poly_seq_scheme.entity_id 
_pdbx_poly_seq_scheme.seq_id 
_pdbx_poly_seq_scheme.mon_id 
_pdbx_poly_seq_scheme.ndb_seq_num 
_pdbx_poly_seq_scheme.pdb_seq_num 
_pdbx_poly_seq_scheme.auth_seq_num 
_pdbx_poly_seq_scheme.pdb_mon_id 
_pdbx_poly_seq_scheme.auth_mon_id 
_pdbx_poly_seq_scheme.pdb_strand_id 
_pdbx_poly_seq_scheme.pdb_ins_code 
_pdbx_poly_seq_scheme.hetero 
A 1 1  GLY 1  29  ?   ?   ?   A . n 
A 1 2  SER 2  30  ?   ?   ?   A . n 
A 1 3  GLU 3  31  ?   ?   ?   A . n 
A 1 4  GLY 4  32  ?   ?   ?   A . n 
A 1 5  GLN 5  33  ?   ?   ?   A . n 
A 1 6  LYS 6  34  ?   ?   ?   A . n 
A 1 7  LYS 7  35  ?   ?   ?   A . n 
A 1 8  ARG 8  36  ?   ?   ?   A . n 
A 1 9  ARG 9  37  ?   ?   ?   A . n 
A 1 10 ASN 10 38  38  ASN ASN A . n 
A 1 11 THR 11 39  39  THR THR A . n 
A 1 12 LEU 12 40  40  LEU LEU A . n 
A 1 13 HIS 13 41  41  HIS HIS A . n 
A 1 14 GLU 14 42  42  GLU GLU A . n 
A 1 15 PHE 15 43  43  PHE PHE A . n 
A 1 16 LYS 16 44  44  LYS LYS A . n 
A 1 17 LYS 17 45  45  LYS LYS A . n 
A 1 18 SER 18 46  46  SER SER A . n 
A 1 19 ALA 19 47  47  ALA ALA A . n 
A 1 20 LYS 20 48  48  LYS LYS A . n 
A 1 21 THR 21 49  49  THR THR A . n 
A 1 22 THR 22 50  50  THR THR A . n 
A 1 23 LEU 23 51  51  LEU LEU A . n 
A 1 24 THR 24 52  52  THR THR A . n 
A 1 25 LYS 25 53  53  LYS LYS A . n 
A 1 26 GLU 26 54  54  GLU GLU A . n 
A 1 27 ASP 27 55  55  ASP ASP A . n 
A 1 28 PRO 28 56  56  PRO PRO A . n 
A 1 29 LEU 29 57  57  LEU LEU A . n 
A 1 30 LEU 30 58  58  LEU LEU A . n 
A 1 31 LYS 31 59  59  LYS LYS A . n 
A 1 32 ILE 32 60  60  ILE ILE A . n 
A 1 33 LYS 33 61  61  LYS LYS A . n 
A 1 34 THR 34 62  62  THR THR A . n 
A 1 35 LYS 35 63  63  LYS LYS A . n 
A 1 36 LYS 36 64  64  LYS LYS A . n 
A 1 37 VAL 37 65  65  VAL VAL A . n 
A 1 38 ASN 38 66  66  ASN ASN A . n 
A 1 39 SER 39 67  67  SER SER A . n 
A 1 40 ALA 40 68  68  ALA ALA A . n 
A 1 41 ASP 41 69  69  ASP ASP A . n 
A 1 42 GLU 42 70  70  GLU GLU A . n 
A 1 43 CYS 43 71  71  CYS CYS A . n 
A 1 44 ALA 44 72  72  ALA ALA A . n 
A 1 45 ASN 45 73  73  ASN ASN A . n 
A 1 46 ARG 46 74  74  ARG ARG A . n 
A 1 47 CYS 47 75  75  CYS CYS A . n 
A 1 48 ILE 48 76  76  ILE ILE A . n 
A 1 49 ARG 49 77  77  ARG ARG A . n 
A 1 50 ASN 50 78  78  ASN ASN A . n 
A 1 51 ARG 51 79  79  ARG ARG A . n 
A 1 52 GLY 52 80  80  GLY GLY A . n 
A 1 53 PHE 53 81  81  PHE PHE A . n 
A 1 54 THR 54 82  82  THR THR A . n 
A 1 55 PHE 55 83  83  PHE PHE A . n 
A 1 56 THR 56 84  84  THR THR A . n 
A 1 57 CYS 57 85  85  CYS CYS A . n 
A 1 58 LYS 58 86  86  LYS LYS A . n 
A 1 59 ALA 59 87  87  ALA ALA A . n 
A 1 60 PHE 60 88  88  PHE PHE A . n 
A 1 61 VAL 61 89  89  VAL VAL A . n 
A 1 62 PHE 62 90  90  PHE PHE A . n 
A 1 63 ASP 63 91  91  ASP ASP A . n 
A 1 64 LYS 64 92  92  LYS LYS A . n 
A 1 65 SER 65 93  93  SER SER A . n 
A 1 66 ARG 66 94  94  ARG ARG A . n 
A 1 67 LYS 67 95  95  LYS LYS A . n 
A 1 68 ARG 68 96  96  ARG ARG A . n 
A 1 69 CYS 69 97  97  CYS CYS A . n 
A 1 70 TYR 70 98  98  TYR TYR A . n 
A 1 71 TRP 71 99  99  TRP TRP A . n 
A 1 72 TYR 72 100 100 TYR TYR A . n 
A 1 73 PRO 73 101 101 PRO PRO A . n 
A 1 74 PHE 74 102 102 PHE PHE A . n 
A 1 75 ASN 75 103 103 ASN ASN A . n 
A 1 76 SER 76 104 104 SER SER A . n 
A 1 77 MET 77 105 105 MET MET A . n 
A 1 78 SER 78 106 106 SER SER A . n 
A 1 79 SER 79 107 107 SER SER A . n 
A 1 80 GLY 80 108 108 GLY GLY A . n 
A 1 81 VAL 81 109 109 VAL VAL A . n 
A 1 82 LYS 82 110 110 LYS LYS A . n 
A 1 83 LYS 83 111 111 LYS LYS A . n 
A 1 84 GLY 84 112 112 GLY GLY A . n 
A 1 85 PHE 85 113 113 PHE PHE A . n 
A 1 86 GLY 86 114 114 GLY GLY A . n 
A 1 87 HIS 87 115 115 HIS HIS A . n 
A 1 88 GLU 88 116 116 GLU GLU A . n 
A 1 89 PHE 89 117 117 PHE PHE A . n 
A 1 90 ASP 90 118 118 ASP ASP A . n 
A 1 91 LEU 91 119 119 LEU LEU A . n 
A 1 92 TYR 92 120 120 TYR TYR A . n 
A 1 93 GLU 93 121 121 GLU GLU A . n 
A 1 94 ASN 94 122 122 ASN ASN A . n 
A 1 95 LYS 95 123 123 LYS LYS A . n 
A 1 96 ASP 96 124 124 ASP ASP A . n 
A 1 97 TYR 97 125 125 TYR TYR A . n 
A 1 98 ILE 98 126 126 ILE ILE A . n 
A 1 99 ARG 99 127 127 ARG ARG A . n 
# 
loop_
_pdbx_nonpoly_scheme.asym_id 
_pdbx_nonpoly_scheme.entity_id 
_pdbx_nonpoly_scheme.mon_id 
_pdbx_nonpoly_scheme.ndb_seq_num 
_pdbx_nonpoly_scheme.pdb_seq_num 
_pdbx_nonpoly_scheme.auth_seq_num 
_pdbx_nonpoly_scheme.pdb_mon_id 
_pdbx_nonpoly_scheme.auth_mon_id 
_pdbx_nonpoly_scheme.pdb_strand_id 
_pdbx_nonpoly_scheme.pdb_ins_code 
B 2 SO4 1  301  3001 SO4 SO4 A . 
C 3 HOH 1  1001 1001 HOH HOH A . 
C 3 HOH 2  1002 1002 HOH HOH A . 
C 3 HOH 3  1003 1003 HOH HOH A . 
C 3 HOH 4  1004 1004 HOH HOH A . 
C 3 HOH 5  1005 1005 HOH HOH A . 
C 3 HOH 6  1006 1006 HOH HOH A . 
C 3 HOH 7  1007 1007 HOH HOH A . 
C 3 HOH 8  1008 1008 HOH HOH A . 
C 3 HOH 9  1009 1009 HOH HOH A . 
C 3 HOH 10 1010 1010 HOH HOH A . 
C 3 HOH 11 1011 1011 HOH HOH A . 
C 3 HOH 12 1012 1012 HOH HOH A . 
C 3 HOH 13 1013 1013 HOH HOH A . 
C 3 HOH 14 1014 1014 HOH HOH A . 
C 3 HOH 15 1015 1015 HOH HOH A . 
C 3 HOH 16 1016 1016 HOH HOH A . 
C 3 HOH 17 1017 1017 HOH HOH A . 
C 3 HOH 18 1018 1018 HOH HOH A . 
C 3 HOH 19 1019 1019 HOH HOH A . 
C 3 HOH 20 1020 1020 HOH HOH A . 
C 3 HOH 21 1021 1021 HOH HOH A . 
C 3 HOH 22 1022 1022 HOH HOH A . 
C 3 HOH 23 1023 1023 HOH HOH A . 
C 3 HOH 24 1024 1024 HOH HOH A . 
C 3 HOH 25 1025 1025 HOH HOH A . 
C 3 HOH 26 1026 1026 HOH HOH A . 
C 3 HOH 27 1027 1027 HOH HOH A . 
C 3 HOH 28 1028 1028 HOH HOH A . 
C 3 HOH 29 1029 1029 HOH HOH A . 
C 3 HOH 30 1030 1030 HOH HOH A . 
C 3 HOH 31 1031 1031 HOH HOH A . 
C 3 HOH 32 1032 1032 HOH HOH A . 
C 3 HOH 33 1033 1033 HOH HOH A . 
C 3 HOH 34 1034 1034 HOH HOH A . 
C 3 HOH 35 1035 1035 HOH HOH A . 
C 3 HOH 36 1036 1036 HOH HOH A . 
C 3 HOH 37 1037 1037 HOH HOH A . 
C 3 HOH 38 1038 1038 HOH HOH A . 
C 3 HOH 39 1039 1039 HOH HOH A . 
C 3 HOH 40 1040 1040 HOH HOH A . 
C 3 HOH 41 1041 1041 HOH HOH A . 
C 3 HOH 42 1042 1042 HOH HOH A . 
C 3 HOH 43 1043 1043 HOH HOH A . 
C 3 HOH 44 1044 1044 HOH HOH A . 
C 3 HOH 45 1045 1045 HOH HOH A . 
C 3 HOH 46 1046 1046 HOH HOH A . 
C 3 HOH 47 1047 1047 HOH HOH A . 
C 3 HOH 48 1048 1048 HOH HOH A . 
C 3 HOH 49 1049 1049 HOH HOH A . 
C 3 HOH 50 1050 1050 HOH HOH A . 
C 3 HOH 51 1051 1051 HOH HOH A . 
C 3 HOH 52 1052 1052 HOH HOH A . 
C 3 HOH 53 1053 1053 HOH HOH A . 
C 3 HOH 54 1054 1054 HOH HOH A . 
C 3 HOH 55 1055 1055 HOH HOH A . 
C 3 HOH 56 1056 1056 HOH HOH A . 
C 3 HOH 57 1057 1057 HOH HOH A . 
C 3 HOH 58 1058 1058 HOH HOH A . 
C 3 HOH 59 1059 1059 HOH HOH A . 
C 3 HOH 60 1060 1060 HOH HOH A . 
C 3 HOH 61 1061 1061 HOH HOH A . 
C 3 HOH 62 1062 1062 HOH HOH A . 
C 3 HOH 63 1063 1063 HOH HOH A . 
C 3 HOH 64 1064 1064 HOH HOH A . 
C 3 HOH 65 1065 1065 HOH HOH A . 
C 3 HOH 66 1066 1066 HOH HOH A . 
C 3 HOH 67 1067 1067 HOH HOH A . 
C 3 HOH 68 1068 1068 HOH HOH A . 
C 3 HOH 69 1069 1069 HOH HOH A . 
C 3 HOH 70 1070 1070 HOH HOH A . 
C 3 HOH 71 1071 1071 HOH HOH A . 
C 3 HOH 72 1072 1072 HOH HOH A . 
C 3 HOH 73 1073 1073 HOH HOH A . 
C 3 HOH 74 1074 1074 HOH HOH A . 
C 3 HOH 75 1075 1075 HOH HOH A . 
C 3 HOH 76 1076 1076 HOH HOH A . 
C 3 HOH 77 1077 1077 HOH HOH A . 
C 3 HOH 78 1078 1078 HOH HOH A . 
C 3 HOH 79 1079 1079 HOH HOH A . 
C 3 HOH 80 1080 1080 HOH HOH A . 
C 3 HOH 81 1081 1081 HOH HOH A . 
C 3 HOH 82 1082 1082 HOH HOH A . 
# 
loop_
_software.name 
_software.classification 
_software.version 
_software.citation_id 
_software.pdbx_ordinal 
SERGUI   'data collection' . ? 1 
CNS      refinement        . ? 2 
HKL-2000 'data reduction'  . ? 3 
HKL-2000 'data scaling'    . ? 4 
CNS      phasing           . ? 5 
# 
_cell.entry_id           3HMR 
_cell.length_a           62.420 
_cell.length_b           62.420 
_cell.length_c           58.890 
_cell.angle_alpha        90.00 
_cell.angle_beta         90.00 
_cell.angle_gamma        120.00 
_cell.Z_PDB              6 
_cell.pdbx_unique_axis   ? 
_cell.length_a_esd       ? 
_cell.length_b_esd       ? 
_cell.length_c_esd       ? 
_cell.angle_alpha_esd    ? 
_cell.angle_beta_esd     ? 
_cell.angle_gamma_esd    ? 
# 
_symmetry.entry_id                         3HMR 
_symmetry.space_group_name_H-M             'P 65' 
_symmetry.pdbx_full_space_group_name_H-M   ? 
_symmetry.cell_setting                     ? 
_symmetry.Int_Tables_number                170 
_symmetry.space_group_name_Hall            ? 
# 
_exptl.entry_id          3HMR 
_exptl.method            'X-RAY DIFFRACTION' 
_exptl.crystals_number   1 
# 
_exptl_crystal.id                    1 
_exptl_crystal.density_meas          ? 
_exptl_crystal.density_Matthews      2.83 
_exptl_crystal.density_percent_sol   56.61 
_exptl_crystal.description           ? 
_exptl_crystal.F_000                 ? 
_exptl_crystal.preparation           ? 
# 
_exptl_crystal_grow.crystal_id      1 
_exptl_crystal_grow.method          'VAPOR DIFFUSION, HANGING DROP' 
_exptl_crystal_grow.temp            298 
_exptl_crystal_grow.temp_details    ? 
_exptl_crystal_grow.pH              8.0 
_exptl_crystal_grow.pdbx_details    
;50 mM Ammonium sulfate, 24-30% PEG 2000, 50 mM HEPES pH 8.0, 5% 2-Methyl-2,4-pentanediol, VAPOR DIFFUSION, HANGING DROP, temperature 298K
;
_exptl_crystal_grow.pdbx_pH_range   ? 
# 
_diffrn.id                     1 
_diffrn.ambient_temp           100 
_diffrn.ambient_temp_details   ? 
_diffrn.crystal_id             1 
# 
_diffrn_detector.diffrn_id              1 
_diffrn_detector.detector               CCD 
_diffrn_detector.type                   'MARMOSAIC 300 mm CCD' 
_diffrn_detector.pdbx_collection_date   2006-08-22 
_diffrn_detector.details                ? 
# 
_diffrn_radiation.diffrn_id                        1 
_diffrn_radiation.wavelength_id                    1 
_diffrn_radiation.pdbx_monochromatic_or_laue_m_l   M 
_diffrn_radiation.monochromator                    'Si(220)' 
_diffrn_radiation.pdbx_diffrn_protocol             'SINGLE WAVELENGTH' 
_diffrn_radiation.pdbx_scattering_type             x-ray 
# 
_diffrn_radiation_wavelength.id           1 
_diffrn_radiation_wavelength.wavelength   1.00000 
_diffrn_radiation_wavelength.wt           1.0 
# 
_diffrn_source.diffrn_id                   1 
_diffrn_source.source                      SYNCHROTRON 
_diffrn_source.type                        'APS BEAMLINE 22-ID' 
_diffrn_source.pdbx_synchrotron_site       APS 
_diffrn_source.pdbx_synchrotron_beamline   22-ID 
_diffrn_source.pdbx_wavelength             ? 
_diffrn_source.pdbx_wavelength_list        1.00000 
# 
_reflns.entry_id                     3HMR 
_reflns.observed_criterion_sigma_I   0.0 
_reflns.observed_criterion_sigma_F   0.0 
_reflns.d_resolution_low             50.0 
_reflns.d_resolution_high            2.00 
_reflns.number_obs                   8117 
_reflns.number_all                   8117 
_reflns.percent_possible_obs         90.7 
_reflns.pdbx_Rmerge_I_obs            0.133 
_reflns.pdbx_Rsym_value              0.133 
_reflns.pdbx_netI_over_sigmaI        11.2 
_reflns.B_iso_Wilson_estimate        7.7 
_reflns.pdbx_redundancy              7.5 
_reflns.R_free_details               ? 
_reflns.limit_h_max                  ? 
_reflns.limit_h_min                  ? 
_reflns.limit_k_max                  ? 
_reflns.limit_k_min                  ? 
_reflns.limit_l_max                  ? 
_reflns.limit_l_min                  ? 
_reflns.observed_criterion_F_max     ? 
_reflns.observed_criterion_F_min     ? 
_reflns.pdbx_chi_squared             ? 
_reflns.pdbx_scaling_rejects         ? 
_reflns.pdbx_diffrn_id               1 
_reflns.pdbx_ordinal                 1 
# 
_reflns_shell.d_res_high             2.00 
_reflns_shell.d_res_low              2.07 
_reflns_shell.percent_possible_all   53.9 
_reflns_shell.Rmerge_I_obs           0.415 
_reflns_shell.pdbx_Rsym_value        0.415 
_reflns_shell.meanI_over_sigI_obs    1.7 
_reflns_shell.pdbx_redundancy        2.5 
_reflns_shell.percent_possible_obs   ? 
_reflns_shell.number_unique_all      877 
_reflns_shell.number_measured_all    ? 
_reflns_shell.number_measured_obs    ? 
_reflns_shell.number_unique_obs      ? 
_reflns_shell.pdbx_chi_squared       ? 
_reflns_shell.pdbx_diffrn_id         ? 
_reflns_shell.pdbx_ordinal           1 
# 
_refine.entry_id                                 3HMR 
_refine.ls_number_reflns_obs                     7699 
_refine.ls_number_reflns_all                     8117 
_refine.pdbx_ls_sigma_I                          ? 
_refine.pdbx_ls_sigma_F                          ? 
_refine.pdbx_data_cutoff_high_absF               80574.06 
_refine.pdbx_data_cutoff_low_absF                0.000000 
_refine.pdbx_data_cutoff_high_rms_absF           ? 
_refine.ls_d_res_low                             39.82 
_refine.ls_d_res_high                            2.00 
_refine.ls_percent_reflns_obs                    86.6 
_refine.ls_R_factor_obs                          0.211 
_refine.ls_R_factor_all                          0.228 
_refine.ls_R_factor_R_work                       0.211 
_refine.ls_R_factor_R_free                       0.265 
_refine.ls_R_factor_R_free_error                 0.009 
_refine.ls_R_factor_R_free_error_details         ? 
_refine.ls_percent_reflns_R_free                 10.8 
_refine.ls_number_reflns_R_free                  829 
_refine.ls_number_parameters                     ? 
_refine.ls_number_restraints                     ? 
_refine.occupancy_min                            ? 
_refine.occupancy_max                            ? 
_refine.correlation_coeff_Fo_to_Fc               ? 
_refine.correlation_coeff_Fo_to_Fc_free          ? 
_refine.B_iso_mean                               30.2 
_refine.aniso_B[1][1]                            0.73 
_refine.aniso_B[2][2]                            0.73 
_refine.aniso_B[3][3]                            -1.46 
_refine.aniso_B[1][2]                            1.98 
_refine.aniso_B[1][3]                            0.00 
_refine.aniso_B[2][3]                            0.00 
_refine.solvent_model_details                    'FLAT MODEL' 
_refine.solvent_model_param_ksol                 0.395291 
_refine.solvent_model_param_bsol                 56.1047 
_refine.pdbx_solvent_vdw_probe_radii             ? 
_refine.pdbx_solvent_ion_probe_radii             ? 
_refine.pdbx_solvent_shrinkage_radii             ? 
_refine.pdbx_ls_cross_valid_method               THROUGHOUT 
_refine.details                                  ? 
_refine.pdbx_starting_model                      'PDB entry 1NK1' 
_refine.pdbx_method_to_determine_struct          'MOLECULAR REPLACEMENT' 
_refine.pdbx_isotropic_thermal_model             RESTRAINED 
_refine.pdbx_stereochemistry_target_values       'Engh & Huber' 
_refine.pdbx_stereochem_target_val_spec_case     ? 
_refine.pdbx_R_Free_selection_details            RANDOM 
_refine.pdbx_overall_ESU_R                       ? 
_refine.pdbx_overall_ESU_R_Free                  ? 
_refine.overall_SU_ML                            ? 
_refine.overall_SU_B                             ? 
_refine.ls_redundancy_reflns_obs                 ? 
_refine.B_iso_min                                ? 
_refine.B_iso_max                                ? 
_refine.overall_SU_R_Cruickshank_DPI             ? 
_refine.overall_SU_R_free                        ? 
_refine.ls_wR_factor_R_free                      ? 
_refine.ls_wR_factor_R_work                      ? 
_refine.overall_FOM_free_R_set                   ? 
_refine.overall_FOM_work_R_set                   ? 
_refine.pdbx_overall_phase_error                 ? 
_refine.pdbx_refine_id                           'X-RAY DIFFRACTION' 
_refine.pdbx_diffrn_id                           1 
_refine.pdbx_TLS_residual_ADP_flag               ? 
_refine.pdbx_overall_SU_R_free_Cruickshank_DPI   ? 
_refine.pdbx_overall_SU_R_Blow_DPI               ? 
_refine.pdbx_overall_SU_R_free_Blow_DPI          ? 
# 
_refine_analyze.entry_id                        3HMR 
_refine_analyze.Luzzati_coordinate_error_obs    0.24 
_refine_analyze.Luzzati_sigma_a_obs             0.22 
_refine_analyze.Luzzati_d_res_low_obs           5.00 
_refine_analyze.Luzzati_coordinate_error_free   0.29 
_refine_analyze.Luzzati_sigma_a_free            0.18 
_refine_analyze.Luzzati_d_res_low_free          ? 
_refine_analyze.number_disordered_residues      ? 
_refine_analyze.occupancy_sum_hydrogen          ? 
_refine_analyze.occupancy_sum_non_hydrogen      ? 
_refine_analyze.pdbx_Luzzati_d_res_high_obs     ? 
_refine_analyze.pdbx_refine_id                  'X-RAY DIFFRACTION' 
# 
_refine_hist.pdbx_refine_id                   'X-RAY DIFFRACTION' 
_refine_hist.cycle_id                         LAST 
_refine_hist.pdbx_number_atoms_protein        748 
_refine_hist.pdbx_number_atoms_nucleic_acid   0 
_refine_hist.pdbx_number_atoms_ligand         5 
_refine_hist.number_atoms_solvent             82 
_refine_hist.number_atoms_total               835 
_refine_hist.d_res_high                       2.00 
_refine_hist.d_res_low                        39.82 
# 
loop_
_refine_ls_restr.type 
_refine_ls_restr.dev_ideal 
_refine_ls_restr.dev_ideal_target 
_refine_ls_restr.weight 
_refine_ls_restr.number 
_refine_ls_restr.pdbx_refine_id 
_refine_ls_restr.pdbx_restraint_function 
c_bond_d           0.006 ?    ? ? 'X-RAY DIFFRACTION' ? 
c_angle_deg        1.1   ?    ? ? 'X-RAY DIFFRACTION' ? 
c_dihedral_angle_d 25.7  ?    ? ? 'X-RAY DIFFRACTION' ? 
c_improper_angle_d 0.68  ?    ? ? 'X-RAY DIFFRACTION' ? 
c_mcbond_it        1.97  1.50 ? ? 'X-RAY DIFFRACTION' ? 
c_mcangle_it       3.35  2.00 ? ? 'X-RAY DIFFRACTION' ? 
c_scbond_it        2.47  2.00 ? ? 'X-RAY DIFFRACTION' ? 
c_scangle_it       3.82  2.50 ? ? 'X-RAY DIFFRACTION' ? 
# 
_refine_ls_shell.pdbx_total_number_of_bins_used   6 
_refine_ls_shell.d_res_high                       2.00 
_refine_ls_shell.d_res_low                        2.07 
_refine_ls_shell.number_reflns_R_work             738 
_refine_ls_shell.R_factor_R_work                  0.272 
_refine_ls_shell.percent_reflns_obs               53.9 
_refine_ls_shell.R_factor_R_free                  0.285 
_refine_ls_shell.R_factor_R_free_error            0.030 
_refine_ls_shell.percent_reflns_R_free            11.8 
_refine_ls_shell.number_reflns_R_free             47 
_refine_ls_shell.number_reflns_all                ? 
_refine_ls_shell.R_factor_all                     ? 
_refine_ls_shell.number_reflns_obs                429 
_refine_ls_shell.redundancy_reflns_obs            ? 
_refine_ls_shell.pdbx_refine_id                   'X-RAY DIFFRACTION' 
# 
loop_
_pdbx_xplor_file.serial_no 
_pdbx_xplor_file.param_file 
_pdbx_xplor_file.topol_file 
_pdbx_xplor_file.pdbx_refine_id 
1 protein_rep.param protein.top   'X-RAY DIFFRACTION' 
2 water_rep.param   water_rep.top 'X-RAY DIFFRACTION' 
3 ion.param         ion.top       'X-RAY DIFFRACTION' 
# 
_struct.entry_id                  3HMR 
_struct.title                     
'Crystal structure of the N-terminal fragment (31-127) of the mouse hepatocyte growth factor/scatter factor' 
_struct.pdbx_model_details        ? 
_struct.pdbx_CASP_flag            ? 
_struct.pdbx_model_type_details   ? 
# 
_struct_keywords.entry_id        3HMR 
_struct_keywords.pdbx_keywords   HORMONE 
_struct_keywords.text            
;HGF/SF, hormone/growth factor, Disulfide bond, Glycoprotein, Growth factor, Kringle, Pyrrolidone carboxylic acid, Serine protease homolog, HORMONE
;
# 
loop_
_struct_asym.id 
_struct_asym.pdbx_blank_PDB_chainid_flag 
_struct_asym.pdbx_modified 
_struct_asym.entity_id 
_struct_asym.details 
A N N 1 ? 
B N N 2 ? 
C N N 3 ? 
# 
_struct_ref.id                         1 
_struct_ref.db_name                    UNP 
_struct_ref.db_code                    HGF_MOUSE 
_struct_ref.pdbx_db_accession          Q08048 
_struct_ref.entity_id                  1 
_struct_ref.pdbx_seq_one_letter_code   
;EGQKKRRNTLHEFKKSAKTTLTKEDPLLKIKTKKVNSADECANRCIRNRGFTFTCKAFVFDKSRKRCYWYPFNSMSSGVK
KGFGHEFDLYENKDYIR
;
_struct_ref.pdbx_align_begin           31 
_struct_ref.pdbx_db_isoform            ? 
# 
_struct_ref_seq.align_id                      1 
_struct_ref_seq.ref_id                        1 
_struct_ref_seq.pdbx_PDB_id_code              3HMR 
_struct_ref_seq.pdbx_strand_id                A 
_struct_ref_seq.seq_align_beg                 3 
_struct_ref_seq.pdbx_seq_align_beg_ins_code   ? 
_struct_ref_seq.seq_align_end                 99 
_struct_ref_seq.pdbx_seq_align_end_ins_code   ? 
_struct_ref_seq.pdbx_db_accession             Q08048 
_struct_ref_seq.db_align_beg                  31 
_struct_ref_seq.pdbx_db_align_beg_ins_code    ? 
_struct_ref_seq.db_align_end                  127 
_struct_ref_seq.pdbx_db_align_end_ins_code    ? 
_struct_ref_seq.pdbx_auth_seq_align_beg       31 
_struct_ref_seq.pdbx_auth_seq_align_end       127 
# 
loop_
_struct_ref_seq_dif.align_id 
_struct_ref_seq_dif.pdbx_pdb_id_code 
_struct_ref_seq_dif.mon_id 
_struct_ref_seq_dif.pdbx_pdb_strand_id 
_struct_ref_seq_dif.seq_num 
_struct_ref_seq_dif.pdbx_pdb_ins_code 
_struct_ref_seq_dif.pdbx_seq_db_name 
_struct_ref_seq_dif.pdbx_seq_db_accession_code 
_struct_ref_seq_dif.db_mon_id 
_struct_ref_seq_dif.pdbx_seq_db_seq_num 
_struct_ref_seq_dif.details 
_struct_ref_seq_dif.pdbx_auth_seq_num 
_struct_ref_seq_dif.pdbx_ordinal 
1 3HMR GLY A 1 ? UNP Q08048 ? ? 'expression tag' 29 1 
1 3HMR SER A 2 ? UNP Q08048 ? ? 'expression tag' 30 2 
# 
_pdbx_struct_assembly.id                   1 
_pdbx_struct_assembly.details              author_and_software_defined_assembly 
_pdbx_struct_assembly.method_details       PISA 
_pdbx_struct_assembly.oligomeric_details   monomeric 
_pdbx_struct_assembly.oligomeric_count     1 
# 
_pdbx_struct_assembly_gen.assembly_id       1 
_pdbx_struct_assembly_gen.oper_expression   1 
_pdbx_struct_assembly_gen.asym_id_list      A,B,C 
# 
_pdbx_struct_oper_list.id                   1 
_pdbx_struct_oper_list.type                 'identity operation' 
_pdbx_struct_oper_list.name                 1_555 
_pdbx_struct_oper_list.symmetry_operation   x,y,z 
_pdbx_struct_oper_list.matrix[1][1]         1.0000000000 
_pdbx_struct_oper_list.matrix[1][2]         0.0000000000 
_pdbx_struct_oper_list.matrix[1][3]         0.0000000000 
_pdbx_struct_oper_list.vector[1]            0.0000000000 
_pdbx_struct_oper_list.matrix[2][1]         0.0000000000 
_pdbx_struct_oper_list.matrix[2][2]         1.0000000000 
_pdbx_struct_oper_list.matrix[2][3]         0.0000000000 
_pdbx_struct_oper_list.vector[2]            0.0000000000 
_pdbx_struct_oper_list.matrix[3][1]         0.0000000000 
_pdbx_struct_oper_list.matrix[3][2]         0.0000000000 
_pdbx_struct_oper_list.matrix[3][3]         1.0000000000 
_pdbx_struct_oper_list.vector[3]            0.0000000000 
# 
_struct_biol.id        1 
_struct_biol.details   ? 
# 
loop_
_struct_conf.conf_type_id 
_struct_conf.id 
_struct_conf.pdbx_PDB_helix_id 
_struct_conf.beg_label_comp_id 
_struct_conf.beg_label_asym_id 
_struct_conf.beg_label_seq_id 
_struct_conf.pdbx_beg_PDB_ins_code 
_struct_conf.end_label_comp_id 
_struct_conf.end_label_asym_id 
_struct_conf.end_label_seq_id 
_struct_conf.pdbx_end_PDB_ins_code 
_struct_conf.beg_auth_comp_id 
_struct_conf.beg_auth_asym_id 
_struct_conf.beg_auth_seq_id 
_struct_conf.end_auth_comp_id 
_struct_conf.end_auth_asym_id 
_struct_conf.end_auth_seq_id 
_struct_conf.pdbx_PDB_helix_class 
_struct_conf.details 
_struct_conf.pdbx_PDB_helix_length 
HELX_P HELX_P1 1 THR A 11 ? HIS A 13 ? THR A 39  HIS A 41  5 ? 3  
HELX_P HELX_P2 2 SER A 39 ? ASN A 50 ? SER A 67  ASN A 78  1 ? 12 
HELX_P HELX_P3 3 ASP A 96 ? ILE A 98 ? ASP A 124 ILE A 126 5 ? 3  
# 
_struct_conf_type.id          HELX_P 
_struct_conf_type.criteria    ? 
_struct_conf_type.reference   ? 
# 
loop_
_struct_conn.id 
_struct_conn.conn_type_id 
_struct_conn.pdbx_leaving_atom_flag 
_struct_conn.pdbx_PDB_id 
_struct_conn.ptnr1_label_asym_id 
_struct_conn.ptnr1_label_comp_id 
_struct_conn.ptnr1_label_seq_id 
_struct_conn.ptnr1_label_atom_id 
_struct_conn.pdbx_ptnr1_label_alt_id 
_struct_conn.pdbx_ptnr1_PDB_ins_code 
_struct_conn.pdbx_ptnr1_standard_comp_id 
_struct_conn.ptnr1_symmetry 
_struct_conn.ptnr2_label_asym_id 
_struct_conn.ptnr2_label_comp_id 
_struct_conn.ptnr2_label_seq_id 
_struct_conn.ptnr2_label_atom_id 
_struct_conn.pdbx_ptnr2_label_alt_id 
_struct_conn.pdbx_ptnr2_PDB_ins_code 
_struct_conn.ptnr1_auth_asym_id 
_struct_conn.ptnr1_auth_comp_id 
_struct_conn.ptnr1_auth_seq_id 
_struct_conn.ptnr2_auth_asym_id 
_struct_conn.ptnr2_auth_comp_id 
_struct_conn.ptnr2_auth_seq_id 
_struct_conn.ptnr2_symmetry 
_struct_conn.pdbx_ptnr3_label_atom_id 
_struct_conn.pdbx_ptnr3_label_seq_id 
_struct_conn.pdbx_ptnr3_label_comp_id 
_struct_conn.pdbx_ptnr3_label_asym_id 
_struct_conn.pdbx_ptnr3_label_alt_id 
_struct_conn.pdbx_ptnr3_PDB_ins_code 
_struct_conn.details 
_struct_conn.pdbx_dist_value 
_struct_conn.pdbx_value_order 
_struct_conn.pdbx_role 
disulf1 disulf ? ? A CYS 43 SG ? ? ? 1_555 A CYS 69 SG ? ? A CYS 71 A CYS 97 1_555 ? ? ? ? ? ? ? 2.033 ? ? 
disulf2 disulf ? ? A CYS 47 SG ? ? ? 1_555 A CYS 57 SG ? ? A CYS 75 A CYS 85 1_555 ? ? ? ? ? ? ? 2.056 ? ? 
# 
_struct_conn_type.id          disulf 
_struct_conn_type.criteria    ? 
_struct_conn_type.reference   ? 
# 
loop_
_pdbx_modification_feature.ordinal 
_pdbx_modification_feature.label_comp_id 
_pdbx_modification_feature.label_asym_id 
_pdbx_modification_feature.label_seq_id 
_pdbx_modification_feature.label_alt_id 
_pdbx_modification_feature.modified_residue_label_comp_id 
_pdbx_modification_feature.modified_residue_label_asym_id 
_pdbx_modification_feature.modified_residue_label_seq_id 
_pdbx_modification_feature.modified_residue_label_alt_id 
_pdbx_modification_feature.auth_comp_id 
_pdbx_modification_feature.auth_asym_id 
_pdbx_modification_feature.auth_seq_id 
_pdbx_modification_feature.PDB_ins_code 
_pdbx_modification_feature.symmetry 
_pdbx_modification_feature.modified_residue_auth_comp_id 
_pdbx_modification_feature.modified_residue_auth_asym_id 
_pdbx_modification_feature.modified_residue_auth_seq_id 
_pdbx_modification_feature.modified_residue_PDB_ins_code 
_pdbx_modification_feature.modified_residue_symmetry 
_pdbx_modification_feature.comp_id_linking_atom 
_pdbx_modification_feature.modified_residue_id_linking_atom 
_pdbx_modification_feature.modified_residue_id 
_pdbx_modification_feature.ref_pcm_id 
_pdbx_modification_feature.ref_comp_id 
_pdbx_modification_feature.type 
_pdbx_modification_feature.category 
1 CYS A 43 ? CYS A 69 ? CYS A 71 ? 1_555 CYS A 97 ? 1_555 SG SG . . . None 'Disulfide bridge' 
2 CYS A 47 ? CYS A 57 ? CYS A 75 ? 1_555 CYS A 85 ? 1_555 SG SG . . . None 'Disulfide bridge' 
# 
_struct_sheet.id               A 
_struct_sheet.type             ? 
_struct_sheet.number_strands   5 
_struct_sheet.details          ? 
# 
loop_
_struct_sheet_order.sheet_id 
_struct_sheet_order.range_id_1 
_struct_sheet_order.range_id_2 
_struct_sheet_order.offset 
_struct_sheet_order.sense 
A 1 2 ? anti-parallel 
A 2 3 ? anti-parallel 
A 3 4 ? anti-parallel 
A 4 5 ? anti-parallel 
# 
loop_
_struct_sheet_range.sheet_id 
_struct_sheet_range.id 
_struct_sheet_range.beg_label_comp_id 
_struct_sheet_range.beg_label_asym_id 
_struct_sheet_range.beg_label_seq_id 
_struct_sheet_range.pdbx_beg_PDB_ins_code 
_struct_sheet_range.end_label_comp_id 
_struct_sheet_range.end_label_asym_id 
_struct_sheet_range.end_label_seq_id 
_struct_sheet_range.pdbx_end_PDB_ins_code 
_struct_sheet_range.beg_auth_comp_id 
_struct_sheet_range.beg_auth_asym_id 
_struct_sheet_range.beg_auth_seq_id 
_struct_sheet_range.end_auth_comp_id 
_struct_sheet_range.end_auth_asym_id 
_struct_sheet_range.end_auth_seq_id 
A 1 PHE A 15 ? THR A 24 ? PHE A 43  THR A 52  
A 2 LYS A 82 ? ASN A 94 ? LYS A 110 ASN A 122 
A 3 ALA A 59 ? ASP A 63 ? ALA A 87  ASP A 91  
A 4 ARG A 68 ? TYR A 72 ? ARG A 96  TYR A 100 
A 5 LYS A 33 ? LYS A 36 ? LYS A 61  LYS A 64  
# 
loop_
_pdbx_struct_sheet_hbond.sheet_id 
_pdbx_struct_sheet_hbond.range_id_1 
_pdbx_struct_sheet_hbond.range_id_2 
_pdbx_struct_sheet_hbond.range_1_label_atom_id 
_pdbx_struct_sheet_hbond.range_1_label_comp_id 
_pdbx_struct_sheet_hbond.range_1_label_asym_id 
_pdbx_struct_sheet_hbond.range_1_label_seq_id 
_pdbx_struct_sheet_hbond.range_1_PDB_ins_code 
_pdbx_struct_sheet_hbond.range_1_auth_atom_id 
_pdbx_struct_sheet_hbond.range_1_auth_comp_id 
_pdbx_struct_sheet_hbond.range_1_auth_asym_id 
_pdbx_struct_sheet_hbond.range_1_auth_seq_id 
_pdbx_struct_sheet_hbond.range_2_label_atom_id 
_pdbx_struct_sheet_hbond.range_2_label_comp_id 
_pdbx_struct_sheet_hbond.range_2_label_asym_id 
_pdbx_struct_sheet_hbond.range_2_label_seq_id 
_pdbx_struct_sheet_hbond.range_2_PDB_ins_code 
_pdbx_struct_sheet_hbond.range_2_auth_atom_id 
_pdbx_struct_sheet_hbond.range_2_auth_comp_id 
_pdbx_struct_sheet_hbond.range_2_auth_asym_id 
_pdbx_struct_sheet_hbond.range_2_auth_seq_id 
A 1 2 N THR A 24 ? N THR A 52  O LYS A 82 ? O LYS A 110 
A 2 3 O TYR A 92 ? O TYR A 120 N PHE A 60 ? N PHE A 88  
A 3 4 N ASP A 63 ? N ASP A 91  O ARG A 68 ? O ARG A 96  
A 4 5 O CYS A 69 ? O CYS A 97  N LYS A 35 ? N LYS A 63  
# 
_struct_site.id                   AC1 
_struct_site.pdbx_evidence_code   Software 
_struct_site.pdbx_auth_asym_id    A 
_struct_site.pdbx_auth_comp_id    SO4 
_struct_site.pdbx_auth_seq_id     301 
_struct_site.pdbx_auth_ins_code   ? 
_struct_site.pdbx_num_residues    6 
_struct_site.details              'BINDING SITE FOR RESIDUE SO4 A 301' 
# 
loop_
_struct_site_gen.id 
_struct_site_gen.site_id 
_struct_site_gen.pdbx_num_res 
_struct_site_gen.label_comp_id 
_struct_site_gen.label_asym_id 
_struct_site_gen.label_seq_id 
_struct_site_gen.pdbx_auth_ins_code 
_struct_site_gen.auth_comp_id 
_struct_site_gen.auth_asym_id 
_struct_site_gen.auth_seq_id 
_struct_site_gen.label_atom_id 
_struct_site_gen.label_alt_id 
_struct_site_gen.symmetry 
_struct_site_gen.details 
1 AC1 6 LYS A 36 ? LYS A 64   . ? 6_544 ? 
2 AC1 6 ARG A 68 ? ARG A 96   . ? 6_544 ? 
3 AC1 6 SER A 78 ? SER A 106  . ? 1_555 ? 
4 AC1 6 HOH C .  ? HOH A 1004 . ? 1_555 ? 
5 AC1 6 HOH C .  ? HOH A 1034 . ? 6_544 ? 
6 AC1 6 HOH C .  ? HOH A 1055 . ? 6_544 ? 
# 
_pdbx_entry_details.entry_id                   3HMR 
_pdbx_entry_details.compound_details           ? 
_pdbx_entry_details.source_details             ? 
_pdbx_entry_details.nonpolymer_details         ? 
_pdbx_entry_details.sequence_details           ? 
_pdbx_entry_details.has_ligand_of_interest     ? 
_pdbx_entry_details.has_protein_modification   Y 
# 
_pdbx_validate_rmsd_bond.id                        1 
_pdbx_validate_rmsd_bond.PDB_model_num             1 
_pdbx_validate_rmsd_bond.auth_atom_id_1            CD 
_pdbx_validate_rmsd_bond.auth_asym_id_1            A 
_pdbx_validate_rmsd_bond.auth_comp_id_1            GLU 
_pdbx_validate_rmsd_bond.auth_seq_id_1             70 
_pdbx_validate_rmsd_bond.PDB_ins_code_1            ? 
_pdbx_validate_rmsd_bond.label_alt_id_1            ? 
_pdbx_validate_rmsd_bond.auth_atom_id_2            OE2 
_pdbx_validate_rmsd_bond.auth_asym_id_2            A 
_pdbx_validate_rmsd_bond.auth_comp_id_2            GLU 
_pdbx_validate_rmsd_bond.auth_seq_id_2             70 
_pdbx_validate_rmsd_bond.PDB_ins_code_2            ? 
_pdbx_validate_rmsd_bond.label_alt_id_2            ? 
_pdbx_validate_rmsd_bond.bond_value                1.332 
_pdbx_validate_rmsd_bond.bond_target_value         1.252 
_pdbx_validate_rmsd_bond.bond_deviation            0.080 
_pdbx_validate_rmsd_bond.bond_standard_deviation   0.011 
_pdbx_validate_rmsd_bond.linker_flag               N 
# 
loop_
_pdbx_validate_torsion.id 
_pdbx_validate_torsion.PDB_model_num 
_pdbx_validate_torsion.auth_comp_id 
_pdbx_validate_torsion.auth_asym_id 
_pdbx_validate_torsion.auth_seq_id 
_pdbx_validate_torsion.PDB_ins_code 
_pdbx_validate_torsion.label_alt_id 
_pdbx_validate_torsion.phi 
_pdbx_validate_torsion.psi 
1 1 LEU A 40 ? ? -54.97  -1.10  
2 1 ASP A 55 ? ? -178.47 98.66  
3 1 LEU A 57 ? ? -91.37  42.69  
4 1 ARG A 79 ? ? -19.26  -98.96 
# 
loop_
_pdbx_unobs_or_zero_occ_residues.id 
_pdbx_unobs_or_zero_occ_residues.PDB_model_num 
_pdbx_unobs_or_zero_occ_residues.polymer_flag 
_pdbx_unobs_or_zero_occ_residues.occupancy_flag 
_pdbx_unobs_or_zero_occ_residues.auth_asym_id 
_pdbx_unobs_or_zero_occ_residues.auth_comp_id 
_pdbx_unobs_or_zero_occ_residues.auth_seq_id 
_pdbx_unobs_or_zero_occ_residues.PDB_ins_code 
_pdbx_unobs_or_zero_occ_residues.label_asym_id 
_pdbx_unobs_or_zero_occ_residues.label_comp_id 
_pdbx_unobs_or_zero_occ_residues.label_seq_id 
1 1 Y 1 A GLY 29 ? A GLY 1 
2 1 Y 1 A SER 30 ? A SER 2 
3 1 Y 1 A GLU 31 ? A GLU 3 
4 1 Y 1 A GLY 32 ? A GLY 4 
5 1 Y 1 A GLN 33 ? A GLN 5 
6 1 Y 1 A LYS 34 ? A LYS 6 
7 1 Y 1 A LYS 35 ? A LYS 7 
8 1 Y 1 A ARG 36 ? A ARG 8 
9 1 Y 1 A ARG 37 ? A ARG 9 
# 
loop_
_chem_comp_atom.comp_id 
_chem_comp_atom.atom_id 
_chem_comp_atom.type_symbol 
_chem_comp_atom.pdbx_aromatic_flag 
_chem_comp_atom.pdbx_stereo_config 
_chem_comp_atom.pdbx_ordinal 
ALA N    N N N 1   
ALA CA   C N S 2   
ALA C    C N N 3   
ALA O    O N N 4   
ALA CB   C N N 5   
ALA OXT  O N N 6   
ALA H    H N N 7   
ALA H2   H N N 8   
ALA HA   H N N 9   
ALA HB1  H N N 10  
ALA HB2  H N N 11  
ALA HB3  H N N 12  
ALA HXT  H N N 13  
ARG N    N N N 14  
ARG CA   C N S 15  
ARG C    C N N 16  
ARG O    O N N 17  
ARG CB   C N N 18  
ARG CG   C N N 19  
ARG CD   C N N 20  
ARG NE   N N N 21  
ARG CZ   C N N 22  
ARG NH1  N N N 23  
ARG NH2  N N N 24  
ARG OXT  O N N 25  
ARG H    H N N 26  
ARG H2   H N N 27  
ARG HA   H N N 28  
ARG HB2  H N N 29  
ARG HB3  H N N 30  
ARG HG2  H N N 31  
ARG HG3  H N N 32  
ARG HD2  H N N 33  
ARG HD3  H N N 34  
ARG HE   H N N 35  
ARG HH11 H N N 36  
ARG HH12 H N N 37  
ARG HH21 H N N 38  
ARG HH22 H N N 39  
ARG HXT  H N N 40  
ASN N    N N N 41  
ASN CA   C N S 42  
ASN C    C N N 43  
ASN O    O N N 44  
ASN CB   C N N 45  
ASN CG   C N N 46  
ASN OD1  O N N 47  
ASN ND2  N N N 48  
ASN OXT  O N N 49  
ASN H    H N N 50  
ASN H2   H N N 51  
ASN HA   H N N 52  
ASN HB2  H N N 53  
ASN HB3  H N N 54  
ASN HD21 H N N 55  
ASN HD22 H N N 56  
ASN HXT  H N N 57  
ASP N    N N N 58  
ASP CA   C N S 59  
ASP C    C N N 60  
ASP O    O N N 61  
ASP CB   C N N 62  
ASP CG   C N N 63  
ASP OD1  O N N 64  
ASP OD2  O N N 65  
ASP OXT  O N N 66  
ASP H    H N N 67  
ASP H2   H N N 68  
ASP HA   H N N 69  
ASP HB2  H N N 70  
ASP HB3  H N N 71  
ASP HD2  H N N 72  
ASP HXT  H N N 73  
CYS N    N N N 74  
CYS CA   C N R 75  
CYS C    C N N 76  
CYS O    O N N 77  
CYS CB   C N N 78  
CYS SG   S N N 79  
CYS OXT  O N N 80  
CYS H    H N N 81  
CYS H2   H N N 82  
CYS HA   H N N 83  
CYS HB2  H N N 84  
CYS HB3  H N N 85  
CYS HG   H N N 86  
CYS HXT  H N N 87  
GLN N    N N N 88  
GLN CA   C N S 89  
GLN C    C N N 90  
GLN O    O N N 91  
GLN CB   C N N 92  
GLN CG   C N N 93  
GLN CD   C N N 94  
GLN OE1  O N N 95  
GLN NE2  N N N 96  
GLN OXT  O N N 97  
GLN H    H N N 98  
GLN H2   H N N 99  
GLN HA   H N N 100 
GLN HB2  H N N 101 
GLN HB3  H N N 102 
GLN HG2  H N N 103 
GLN HG3  H N N 104 
GLN HE21 H N N 105 
GLN HE22 H N N 106 
GLN HXT  H N N 107 
GLU N    N N N 108 
GLU CA   C N S 109 
GLU C    C N N 110 
GLU O    O N N 111 
GLU CB   C N N 112 
GLU CG   C N N 113 
GLU CD   C N N 114 
GLU OE1  O N N 115 
GLU OE2  O N N 116 
GLU OXT  O N N 117 
GLU H    H N N 118 
GLU H2   H N N 119 
GLU HA   H N N 120 
GLU HB2  H N N 121 
GLU HB3  H N N 122 
GLU HG2  H N N 123 
GLU HG3  H N N 124 
GLU HE2  H N N 125 
GLU HXT  H N N 126 
GLY N    N N N 127 
GLY CA   C N N 128 
GLY C    C N N 129 
GLY O    O N N 130 
GLY OXT  O N N 131 
GLY H    H N N 132 
GLY H2   H N N 133 
GLY HA2  H N N 134 
GLY HA3  H N N 135 
GLY HXT  H N N 136 
HIS N    N N N 137 
HIS CA   C N S 138 
HIS C    C N N 139 
HIS O    O N N 140 
HIS CB   C N N 141 
HIS CG   C Y N 142 
HIS ND1  N Y N 143 
HIS CD2  C Y N 144 
HIS CE1  C Y N 145 
HIS NE2  N Y N 146 
HIS OXT  O N N 147 
HIS H    H N N 148 
HIS H2   H N N 149 
HIS HA   H N N 150 
HIS HB2  H N N 151 
HIS HB3  H N N 152 
HIS HD1  H N N 153 
HIS HD2  H N N 154 
HIS HE1  H N N 155 
HIS HE2  H N N 156 
HIS HXT  H N N 157 
HOH O    O N N 158 
HOH H1   H N N 159 
HOH H2   H N N 160 
ILE N    N N N 161 
ILE CA   C N S 162 
ILE C    C N N 163 
ILE O    O N N 164 
ILE CB   C N S 165 
ILE CG1  C N N 166 
ILE CG2  C N N 167 
ILE CD1  C N N 168 
ILE OXT  O N N 169 
ILE H    H N N 170 
ILE H2   H N N 171 
ILE HA   H N N 172 
ILE HB   H N N 173 
ILE HG12 H N N 174 
ILE HG13 H N N 175 
ILE HG21 H N N 176 
ILE HG22 H N N 177 
ILE HG23 H N N 178 
ILE HD11 H N N 179 
ILE HD12 H N N 180 
ILE HD13 H N N 181 
ILE HXT  H N N 182 
LEU N    N N N 183 
LEU CA   C N S 184 
LEU C    C N N 185 
LEU O    O N N 186 
LEU CB   C N N 187 
LEU CG   C N N 188 
LEU CD1  C N N 189 
LEU CD2  C N N 190 
LEU OXT  O N N 191 
LEU H    H N N 192 
LEU H2   H N N 193 
LEU HA   H N N 194 
LEU HB2  H N N 195 
LEU HB3  H N N 196 
LEU HG   H N N 197 
LEU HD11 H N N 198 
LEU HD12 H N N 199 
LEU HD13 H N N 200 
LEU HD21 H N N 201 
LEU HD22 H N N 202 
LEU HD23 H N N 203 
LEU HXT  H N N 204 
LYS N    N N N 205 
LYS CA   C N S 206 
LYS C    C N N 207 
LYS O    O N N 208 
LYS CB   C N N 209 
LYS CG   C N N 210 
LYS CD   C N N 211 
LYS CE   C N N 212 
LYS NZ   N N N 213 
LYS OXT  O N N 214 
LYS H    H N N 215 
LYS H2   H N N 216 
LYS HA   H N N 217 
LYS HB2  H N N 218 
LYS HB3  H N N 219 
LYS HG2  H N N 220 
LYS HG3  H N N 221 
LYS HD2  H N N 222 
LYS HD3  H N N 223 
LYS HE2  H N N 224 
LYS HE3  H N N 225 
LYS HZ1  H N N 226 
LYS HZ2  H N N 227 
LYS HZ3  H N N 228 
LYS HXT  H N N 229 
MET N    N N N 230 
MET CA   C N S 231 
MET C    C N N 232 
MET O    O N N 233 
MET CB   C N N 234 
MET CG   C N N 235 
MET SD   S N N 236 
MET CE   C N N 237 
MET OXT  O N N 238 
MET H    H N N 239 
MET H2   H N N 240 
MET HA   H N N 241 
MET HB2  H N N 242 
MET HB3  H N N 243 
MET HG2  H N N 244 
MET HG3  H N N 245 
MET HE1  H N N 246 
MET HE2  H N N 247 
MET HE3  H N N 248 
MET HXT  H N N 249 
PHE N    N N N 250 
PHE CA   C N S 251 
PHE C    C N N 252 
PHE O    O N N 253 
PHE CB   C N N 254 
PHE CG   C Y N 255 
PHE CD1  C Y N 256 
PHE CD2  C Y N 257 
PHE CE1  C Y N 258 
PHE CE2  C Y N 259 
PHE CZ   C Y N 260 
PHE OXT  O N N 261 
PHE H    H N N 262 
PHE H2   H N N 263 
PHE HA   H N N 264 
PHE HB2  H N N 265 
PHE HB3  H N N 266 
PHE HD1  H N N 267 
PHE HD2  H N N 268 
PHE HE1  H N N 269 
PHE HE2  H N N 270 
PHE HZ   H N N 271 
PHE HXT  H N N 272 
PRO N    N N N 273 
PRO CA   C N S 274 
PRO C    C N N 275 
PRO O    O N N 276 
PRO CB   C N N 277 
PRO CG   C N N 278 
PRO CD   C N N 279 
PRO OXT  O N N 280 
PRO H    H N N 281 
PRO HA   H N N 282 
PRO HB2  H N N 283 
PRO HB3  H N N 284 
PRO HG2  H N N 285 
PRO HG3  H N N 286 
PRO HD2  H N N 287 
PRO HD3  H N N 288 
PRO HXT  H N N 289 
SER N    N N N 290 
SER CA   C N S 291 
SER C    C N N 292 
SER O    O N N 293 
SER CB   C N N 294 
SER OG   O N N 295 
SER OXT  O N N 296 
SER H    H N N 297 
SER H2   H N N 298 
SER HA   H N N 299 
SER HB2  H N N 300 
SER HB3  H N N 301 
SER HG   H N N 302 
SER HXT  H N N 303 
SO4 S    S N N 304 
SO4 O1   O N N 305 
SO4 O2   O N N 306 
SO4 O3   O N N 307 
SO4 O4   O N N 308 
THR N    N N N 309 
THR CA   C N S 310 
THR C    C N N 311 
THR O    O N N 312 
THR CB   C N R 313 
THR OG1  O N N 314 
THR CG2  C N N 315 
THR OXT  O N N 316 
THR H    H N N 317 
THR H2   H N N 318 
THR HA   H N N 319 
THR HB   H N N 320 
THR HG1  H N N 321 
THR HG21 H N N 322 
THR HG22 H N N 323 
THR HG23 H N N 324 
THR HXT  H N N 325 
TRP N    N N N 326 
TRP CA   C N S 327 
TRP C    C N N 328 
TRP O    O N N 329 
TRP CB   C N N 330 
TRP CG   C Y N 331 
TRP CD1  C Y N 332 
TRP CD2  C Y N 333 
TRP NE1  N Y N 334 
TRP CE2  C Y N 335 
TRP CE3  C Y N 336 
TRP CZ2  C Y N 337 
TRP CZ3  C Y N 338 
TRP CH2  C Y N 339 
TRP OXT  O N N 340 
TRP H    H N N 341 
TRP H2   H N N 342 
TRP HA   H N N 343 
TRP HB2  H N N 344 
TRP HB3  H N N 345 
TRP HD1  H N N 346 
TRP HE1  H N N 347 
TRP HE3  H N N 348 
TRP HZ2  H N N 349 
TRP HZ3  H N N 350 
TRP HH2  H N N 351 
TRP HXT  H N N 352 
TYR N    N N N 353 
TYR CA   C N S 354 
TYR C    C N N 355 
TYR O    O N N 356 
TYR CB   C N N 357 
TYR CG   C Y N 358 
TYR CD1  C Y N 359 
TYR CD2  C Y N 360 
TYR CE1  C Y N 361 
TYR CE2  C Y N 362 
TYR CZ   C Y N 363 
TYR OH   O N N 364 
TYR OXT  O N N 365 
TYR H    H N N 366 
TYR H2   H N N 367 
TYR HA   H N N 368 
TYR HB2  H N N 369 
TYR HB3  H N N 370 
TYR HD1  H N N 371 
TYR HD2  H N N 372 
TYR HE1  H N N 373 
TYR HE2  H N N 374 
TYR HH   H N N 375 
TYR HXT  H N N 376 
VAL N    N N N 377 
VAL CA   C N S 378 
VAL C    C N N 379 
VAL O    O N N 380 
VAL CB   C N N 381 
VAL CG1  C N N 382 
VAL CG2  C N N 383 
VAL OXT  O N N 384 
VAL H    H N N 385 
VAL H2   H N N 386 
VAL HA   H N N 387 
VAL HB   H N N 388 
VAL HG11 H N N 389 
VAL HG12 H N N 390 
VAL HG13 H N N 391 
VAL HG21 H N N 392 
VAL HG22 H N N 393 
VAL HG23 H N N 394 
VAL HXT  H N N 395 
# 
loop_
_chem_comp_bond.comp_id 
_chem_comp_bond.atom_id_1 
_chem_comp_bond.atom_id_2 
_chem_comp_bond.value_order 
_chem_comp_bond.pdbx_aromatic_flag 
_chem_comp_bond.pdbx_stereo_config 
_chem_comp_bond.pdbx_ordinal 
ALA N   CA   sing N N 1   
ALA N   H    sing N N 2   
ALA N   H2   sing N N 3   
ALA CA  C    sing N N 4   
ALA CA  CB   sing N N 5   
ALA CA  HA   sing N N 6   
ALA C   O    doub N N 7   
ALA C   OXT  sing N N 8   
ALA CB  HB1  sing N N 9   
ALA CB  HB2  sing N N 10  
ALA CB  HB3  sing N N 11  
ALA OXT HXT  sing N N 12  
ARG N   CA   sing N N 13  
ARG N   H    sing N N 14  
ARG N   H2   sing N N 15  
ARG CA  C    sing N N 16  
ARG CA  CB   sing N N 17  
ARG CA  HA   sing N N 18  
ARG C   O    doub N N 19  
ARG C   OXT  sing N N 20  
ARG CB  CG   sing N N 21  
ARG CB  HB2  sing N N 22  
ARG CB  HB3  sing N N 23  
ARG CG  CD   sing N N 24  
ARG CG  HG2  sing N N 25  
ARG CG  HG3  sing N N 26  
ARG CD  NE   sing N N 27  
ARG CD  HD2  sing N N 28  
ARG CD  HD3  sing N N 29  
ARG NE  CZ   sing N N 30  
ARG NE  HE   sing N N 31  
ARG CZ  NH1  sing N N 32  
ARG CZ  NH2  doub N N 33  
ARG NH1 HH11 sing N N 34  
ARG NH1 HH12 sing N N 35  
ARG NH2 HH21 sing N N 36  
ARG NH2 HH22 sing N N 37  
ARG OXT HXT  sing N N 38  
ASN N   CA   sing N N 39  
ASN N   H    sing N N 40  
ASN N   H2   sing N N 41  
ASN CA  C    sing N N 42  
ASN CA  CB   sing N N 43  
ASN CA  HA   sing N N 44  
ASN C   O    doub N N 45  
ASN C   OXT  sing N N 46  
ASN CB  CG   sing N N 47  
ASN CB  HB2  sing N N 48  
ASN CB  HB3  sing N N 49  
ASN CG  OD1  doub N N 50  
ASN CG  ND2  sing N N 51  
ASN ND2 HD21 sing N N 52  
ASN ND2 HD22 sing N N 53  
ASN OXT HXT  sing N N 54  
ASP N   CA   sing N N 55  
ASP N   H    sing N N 56  
ASP N   H2   sing N N 57  
ASP CA  C    sing N N 58  
ASP CA  CB   sing N N 59  
ASP CA  HA   sing N N 60  
ASP C   O    doub N N 61  
ASP C   OXT  sing N N 62  
ASP CB  CG   sing N N 63  
ASP CB  HB2  sing N N 64  
ASP CB  HB3  sing N N 65  
ASP CG  OD1  doub N N 66  
ASP CG  OD2  sing N N 67  
ASP OD2 HD2  sing N N 68  
ASP OXT HXT  sing N N 69  
CYS N   CA   sing N N 70  
CYS N   H    sing N N 71  
CYS N   H2   sing N N 72  
CYS CA  C    sing N N 73  
CYS CA  CB   sing N N 74  
CYS CA  HA   sing N N 75  
CYS C   O    doub N N 76  
CYS C   OXT  sing N N 77  
CYS CB  SG   sing N N 78  
CYS CB  HB2  sing N N 79  
CYS CB  HB3  sing N N 80  
CYS SG  HG   sing N N 81  
CYS OXT HXT  sing N N 82  
GLN N   CA   sing N N 83  
GLN N   H    sing N N 84  
GLN N   H2   sing N N 85  
GLN CA  C    sing N N 86  
GLN CA  CB   sing N N 87  
GLN CA  HA   sing N N 88  
GLN C   O    doub N N 89  
GLN C   OXT  sing N N 90  
GLN CB  CG   sing N N 91  
GLN CB  HB2  sing N N 92  
GLN CB  HB3  sing N N 93  
GLN CG  CD   sing N N 94  
GLN CG  HG2  sing N N 95  
GLN CG  HG3  sing N N 96  
GLN CD  OE1  doub N N 97  
GLN CD  NE2  sing N N 98  
GLN NE2 HE21 sing N N 99  
GLN NE2 HE22 sing N N 100 
GLN OXT HXT  sing N N 101 
GLU N   CA   sing N N 102 
GLU N   H    sing N N 103 
GLU N   H2   sing N N 104 
GLU CA  C    sing N N 105 
GLU CA  CB   sing N N 106 
GLU CA  HA   sing N N 107 
GLU C   O    doub N N 108 
GLU C   OXT  sing N N 109 
GLU CB  CG   sing N N 110 
GLU CB  HB2  sing N N 111 
GLU CB  HB3  sing N N 112 
GLU CG  CD   sing N N 113 
GLU CG  HG2  sing N N 114 
GLU CG  HG3  sing N N 115 
GLU CD  OE1  doub N N 116 
GLU CD  OE2  sing N N 117 
GLU OE2 HE2  sing N N 118 
GLU OXT HXT  sing N N 119 
GLY N   CA   sing N N 120 
GLY N   H    sing N N 121 
GLY N   H2   sing N N 122 
GLY CA  C    sing N N 123 
GLY CA  HA2  sing N N 124 
GLY CA  HA3  sing N N 125 
GLY C   O    doub N N 126 
GLY C   OXT  sing N N 127 
GLY OXT HXT  sing N N 128 
HIS N   CA   sing N N 129 
HIS N   H    sing N N 130 
HIS N   H2   sing N N 131 
HIS CA  C    sing N N 132 
HIS CA  CB   sing N N 133 
HIS CA  HA   sing N N 134 
HIS C   O    doub N N 135 
HIS C   OXT  sing N N 136 
HIS CB  CG   sing N N 137 
HIS CB  HB2  sing N N 138 
HIS CB  HB3  sing N N 139 
HIS CG  ND1  sing Y N 140 
HIS CG  CD2  doub Y N 141 
HIS ND1 CE1  doub Y N 142 
HIS ND1 HD1  sing N N 143 
HIS CD2 NE2  sing Y N 144 
HIS CD2 HD2  sing N N 145 
HIS CE1 NE2  sing Y N 146 
HIS CE1 HE1  sing N N 147 
HIS NE2 HE2  sing N N 148 
HIS OXT HXT  sing N N 149 
HOH O   H1   sing N N 150 
HOH O   H2   sing N N 151 
ILE N   CA   sing N N 152 
ILE N   H    sing N N 153 
ILE N   H2   sing N N 154 
ILE CA  C    sing N N 155 
ILE CA  CB   sing N N 156 
ILE CA  HA   sing N N 157 
ILE C   O    doub N N 158 
ILE C   OXT  sing N N 159 
ILE CB  CG1  sing N N 160 
ILE CB  CG2  sing N N 161 
ILE CB  HB   sing N N 162 
ILE CG1 CD1  sing N N 163 
ILE CG1 HG12 sing N N 164 
ILE CG1 HG13 sing N N 165 
ILE CG2 HG21 sing N N 166 
ILE CG2 HG22 sing N N 167 
ILE CG2 HG23 sing N N 168 
ILE CD1 HD11 sing N N 169 
ILE CD1 HD12 sing N N 170 
ILE CD1 HD13 sing N N 171 
ILE OXT HXT  sing N N 172 
LEU N   CA   sing N N 173 
LEU N   H    sing N N 174 
LEU N   H2   sing N N 175 
LEU CA  C    sing N N 176 
LEU CA  CB   sing N N 177 
LEU CA  HA   sing N N 178 
LEU C   O    doub N N 179 
LEU C   OXT  sing N N 180 
LEU CB  CG   sing N N 181 
LEU CB  HB2  sing N N 182 
LEU CB  HB3  sing N N 183 
LEU CG  CD1  sing N N 184 
LEU CG  CD2  sing N N 185 
LEU CG  HG   sing N N 186 
LEU CD1 HD11 sing N N 187 
LEU CD1 HD12 sing N N 188 
LEU CD1 HD13 sing N N 189 
LEU CD2 HD21 sing N N 190 
LEU CD2 HD22 sing N N 191 
LEU CD2 HD23 sing N N 192 
LEU OXT HXT  sing N N 193 
LYS N   CA   sing N N 194 
LYS N   H    sing N N 195 
LYS N   H2   sing N N 196 
LYS CA  C    sing N N 197 
LYS CA  CB   sing N N 198 
LYS CA  HA   sing N N 199 
LYS C   O    doub N N 200 
LYS C   OXT  sing N N 201 
LYS CB  CG   sing N N 202 
LYS CB  HB2  sing N N 203 
LYS CB  HB3  sing N N 204 
LYS CG  CD   sing N N 205 
LYS CG  HG2  sing N N 206 
LYS CG  HG3  sing N N 207 
LYS CD  CE   sing N N 208 
LYS CD  HD2  sing N N 209 
LYS CD  HD3  sing N N 210 
LYS CE  NZ   sing N N 211 
LYS CE  HE2  sing N N 212 
LYS CE  HE3  sing N N 213 
LYS NZ  HZ1  sing N N 214 
LYS NZ  HZ2  sing N N 215 
LYS NZ  HZ3  sing N N 216 
LYS OXT HXT  sing N N 217 
MET N   CA   sing N N 218 
MET N   H    sing N N 219 
MET N   H2   sing N N 220 
MET CA  C    sing N N 221 
MET CA  CB   sing N N 222 
MET CA  HA   sing N N 223 
MET C   O    doub N N 224 
MET C   OXT  sing N N 225 
MET CB  CG   sing N N 226 
MET CB  HB2  sing N N 227 
MET CB  HB3  sing N N 228 
MET CG  SD   sing N N 229 
MET CG  HG2  sing N N 230 
MET CG  HG3  sing N N 231 
MET SD  CE   sing N N 232 
MET CE  HE1  sing N N 233 
MET CE  HE2  sing N N 234 
MET CE  HE3  sing N N 235 
MET OXT HXT  sing N N 236 
PHE N   CA   sing N N 237 
PHE N   H    sing N N 238 
PHE N   H2   sing N N 239 
PHE CA  C    sing N N 240 
PHE CA  CB   sing N N 241 
PHE CA  HA   sing N N 242 
PHE C   O    doub N N 243 
PHE C   OXT  sing N N 244 
PHE CB  CG   sing N N 245 
PHE CB  HB2  sing N N 246 
PHE CB  HB3  sing N N 247 
PHE CG  CD1  doub Y N 248 
PHE CG  CD2  sing Y N 249 
PHE CD1 CE1  sing Y N 250 
PHE CD1 HD1  sing N N 251 
PHE CD2 CE2  doub Y N 252 
PHE CD2 HD2  sing N N 253 
PHE CE1 CZ   doub Y N 254 
PHE CE1 HE1  sing N N 255 
PHE CE2 CZ   sing Y N 256 
PHE CE2 HE2  sing N N 257 
PHE CZ  HZ   sing N N 258 
PHE OXT HXT  sing N N 259 
PRO N   CA   sing N N 260 
PRO N   CD   sing N N 261 
PRO N   H    sing N N 262 
PRO CA  C    sing N N 263 
PRO CA  CB   sing N N 264 
PRO CA  HA   sing N N 265 
PRO C   O    doub N N 266 
PRO C   OXT  sing N N 267 
PRO CB  CG   sing N N 268 
PRO CB  HB2  sing N N 269 
PRO CB  HB3  sing N N 270 
PRO CG  CD   sing N N 271 
PRO CG  HG2  sing N N 272 
PRO CG  HG3  sing N N 273 
PRO CD  HD2  sing N N 274 
PRO CD  HD3  sing N N 275 
PRO OXT HXT  sing N N 276 
SER N   CA   sing N N 277 
SER N   H    sing N N 278 
SER N   H2   sing N N 279 
SER CA  C    sing N N 280 
SER CA  CB   sing N N 281 
SER CA  HA   sing N N 282 
SER C   O    doub N N 283 
SER C   OXT  sing N N 284 
SER CB  OG   sing N N 285 
SER CB  HB2  sing N N 286 
SER CB  HB3  sing N N 287 
SER OG  HG   sing N N 288 
SER OXT HXT  sing N N 289 
SO4 S   O1   doub N N 290 
SO4 S   O2   doub N N 291 
SO4 S   O3   sing N N 292 
SO4 S   O4   sing N N 293 
THR N   CA   sing N N 294 
THR N   H    sing N N 295 
THR N   H2   sing N N 296 
THR CA  C    sing N N 297 
THR CA  CB   sing N N 298 
THR CA  HA   sing N N 299 
THR C   O    doub N N 300 
THR C   OXT  sing N N 301 
THR CB  OG1  sing N N 302 
THR CB  CG2  sing N N 303 
THR CB  HB   sing N N 304 
THR OG1 HG1  sing N N 305 
THR CG2 HG21 sing N N 306 
THR CG2 HG22 sing N N 307 
THR CG2 HG23 sing N N 308 
THR OXT HXT  sing N N 309 
TRP N   CA   sing N N 310 
TRP N   H    sing N N 311 
TRP N   H2   sing N N 312 
TRP CA  C    sing N N 313 
TRP CA  CB   sing N N 314 
TRP CA  HA   sing N N 315 
TRP C   O    doub N N 316 
TRP C   OXT  sing N N 317 
TRP CB  CG   sing N N 318 
TRP CB  HB2  sing N N 319 
TRP CB  HB3  sing N N 320 
TRP CG  CD1  doub Y N 321 
TRP CG  CD2  sing Y N 322 
TRP CD1 NE1  sing Y N 323 
TRP CD1 HD1  sing N N 324 
TRP CD2 CE2  doub Y N 325 
TRP CD2 CE3  sing Y N 326 
TRP NE1 CE2  sing Y N 327 
TRP NE1 HE1  sing N N 328 
TRP CE2 CZ2  sing Y N 329 
TRP CE3 CZ3  doub Y N 330 
TRP CE3 HE3  sing N N 331 
TRP CZ2 CH2  doub Y N 332 
TRP CZ2 HZ2  sing N N 333 
TRP CZ3 CH2  sing Y N 334 
TRP CZ3 HZ3  sing N N 335 
TRP CH2 HH2  sing N N 336 
TRP OXT HXT  sing N N 337 
TYR N   CA   sing N N 338 
TYR N   H    sing N N 339 
TYR N   H2   sing N N 340 
TYR CA  C    sing N N 341 
TYR CA  CB   sing N N 342 
TYR CA  HA   sing N N 343 
TYR C   O    doub N N 344 
TYR C   OXT  sing N N 345 
TYR CB  CG   sing N N 346 
TYR CB  HB2  sing N N 347 
TYR CB  HB3  sing N N 348 
TYR CG  CD1  doub Y N 349 
TYR CG  CD2  sing Y N 350 
TYR CD1 CE1  sing Y N 351 
TYR CD1 HD1  sing N N 352 
TYR CD2 CE2  doub Y N 353 
TYR CD2 HD2  sing N N 354 
TYR CE1 CZ   doub Y N 355 
TYR CE1 HE1  sing N N 356 
TYR CE2 CZ   sing Y N 357 
TYR CE2 HE2  sing N N 358 
TYR CZ  OH   sing N N 359 
TYR OH  HH   sing N N 360 
TYR OXT HXT  sing N N 361 
VAL N   CA   sing N N 362 
VAL N   H    sing N N 363 
VAL N   H2   sing N N 364 
VAL CA  C    sing N N 365 
VAL CA  CB   sing N N 366 
VAL CA  HA   sing N N 367 
VAL C   O    doub N N 368 
VAL C   OXT  sing N N 369 
VAL CB  CG1  sing N N 370 
VAL CB  CG2  sing N N 371 
VAL CB  HB   sing N N 372 
VAL CG1 HG11 sing N N 373 
VAL CG1 HG12 sing N N 374 
VAL CG1 HG13 sing N N 375 
VAL CG2 HG21 sing N N 376 
VAL CG2 HG22 sing N N 377 
VAL CG2 HG23 sing N N 378 
VAL OXT HXT  sing N N 379 
# 
_pdbx_initial_refinement_model.id               1 
_pdbx_initial_refinement_model.entity_id_list   ? 
_pdbx_initial_refinement_model.type             'experimental model' 
_pdbx_initial_refinement_model.source_name      PDB 
_pdbx_initial_refinement_model.accession_code   1NK1 
_pdbx_initial_refinement_model.details          'PDB entry 1NK1' 
# 
_atom_sites.entry_id                    3HMR 
_atom_sites.fract_transf_matrix[1][1]   0.00674842 
_atom_sites.fract_transf_matrix[1][2]   -0.01482723 
_atom_sites.fract_transf_matrix[1][3]   -0.00876519 
_atom_sites.fract_transf_matrix[2][1]   0.01821205 
_atom_sites.fract_transf_matrix[2][2]   -0.00157168 
_atom_sites.fract_transf_matrix[2][3]   -0.00283975 
_atom_sites.fract_transf_matrix[3][1]   0.00162317 
_atom_sites.fract_transf_matrix[3][2]   -0.00804828 
_atom_sites.fract_transf_matrix[3][3]   0.01486421 
_atom_sites.fract_transf_vector[1]      0.824895 
_atom_sites.fract_transf_vector[2]      0.334910 
_atom_sites.fract_transf_vector[3]      0.210388 
# 
loop_
_atom_type.symbol 
C 
N 
O 
S 
# 
loop_
_atom_site.group_PDB 
_atom_site.id 
_atom_site.type_symbol 
_atom_site.label_atom_id 
_atom_site.label_alt_id 
_atom_site.label_comp_id 
_atom_site.label_asym_id 
_atom_site.label_entity_id 
_atom_site.label_seq_id 
_atom_site.pdbx_PDB_ins_code 
_atom_site.Cartn_x 
_atom_site.Cartn_y 
_atom_site.Cartn_z 
_atom_site.occupancy 
_atom_site.B_iso_or_equiv 
_atom_site.pdbx_formal_charge 
_atom_site.auth_seq_id 
_atom_site.auth_comp_id 
_atom_site.auth_asym_id 
_atom_site.auth_atom_id 
_atom_site.pdbx_PDB_model_num 
ATOM   1   N N   . ASN A 1 10 ? 14.071  6.237   10.626  1.00 62.72 ? 38   ASN A N   1 
ATOM   2   C CA  . ASN A 1 10 ? 13.680  6.086   9.195   1.00 63.50 ? 38   ASN A CA  1 
ATOM   3   C C   . ASN A 1 10 ? 12.882  7.298   8.707   1.00 62.77 ? 38   ASN A C   1 
ATOM   4   O O   . ASN A 1 10 ? 13.052  8.411   9.209   1.00 63.29 ? 38   ASN A O   1 
ATOM   5   C CB  . ASN A 1 10 ? 12.848  4.812   9.008   1.00 64.85 ? 38   ASN A CB  1 
ATOM   6   C CG  . ASN A 1 10 ? 11.569  4.824   9.827   1.00 66.70 ? 38   ASN A CG  1 
ATOM   7   O OD1 . ASN A 1 10 ? 10.738  5.723   9.689   1.00 67.54 ? 38   ASN A OD1 1 
ATOM   8   N ND2 . ASN A 1 10 ? 11.402  3.820   10.683  1.00 67.36 ? 38   ASN A ND2 1 
ATOM   9   N N   . THR A 1 11 ? 12.016  7.072   7.725   1.00 61.29 ? 39   THR A N   1 
ATOM   10  C CA  . THR A 1 11 ? 11.190  8.134   7.158   1.00 58.82 ? 39   THR A CA  1 
ATOM   11  C C   . THR A 1 11 ? 9.771   7.627   6.895   1.00 56.95 ? 39   THR A C   1 
ATOM   12  O O   . THR A 1 11 ? 8.913   8.373   6.415   1.00 57.25 ? 39   THR A O   1 
ATOM   13  C CB  . THR A 1 11 ? 11.778  8.645   5.825   1.00 59.98 ? 39   THR A CB  1 
ATOM   14  O OG1 . THR A 1 11 ? 11.767  7.583   4.861   1.00 60.76 ? 39   THR A OG1 1 
ATOM   15  C CG2 . THR A 1 11 ? 13.215  9.131   6.021   1.00 60.11 ? 39   THR A CG2 1 
ATOM   16  N N   . LEU A 1 12 ? 9.532   6.357   7.209   1.00 52.82 ? 40   LEU A N   1 
ATOM   17  C CA  . LEU A 1 12 ? 8.228   5.730   7.015   1.00 48.57 ? 40   LEU A CA  1 
ATOM   18  C C   . LEU A 1 12 ? 7.156   6.554   7.736   1.00 46.42 ? 40   LEU A C   1 
ATOM   19  O O   . LEU A 1 12 ? 5.970   6.251   7.674   1.00 43.29 ? 40   LEU A O   1 
ATOM   20  C CB  . LEU A 1 12 ? 8.283   4.293   7.553   1.00 48.76 ? 40   LEU A CB  1 
ATOM   21  C CG  . LEU A 1 12 ? 7.130   3.291   7.416   1.00 48.92 ? 40   LEU A CG  1 
ATOM   22  C CD1 . LEU A 1 12 ? 5.999   3.664   8.361   1.00 50.53 ? 40   LEU A CD1 1 
ATOM   23  C CD2 . LEU A 1 12 ? 6.655   3.231   5.979   1.00 48.45 ? 40   LEU A CD2 1 
ATOM   24  N N   . HIS A 1 13 ? 7.598   7.622   8.392   1.00 45.21 ? 41   HIS A N   1 
ATOM   25  C CA  . HIS A 1 13 ? 6.732   8.528   9.143   1.00 42.48 ? 41   HIS A CA  1 
ATOM   26  C C   . HIS A 1 13 ? 5.849   9.408   8.242   1.00 39.00 ? 41   HIS A C   1 
ATOM   27  O O   . HIS A 1 13 ? 5.148   10.308  8.712   1.00 38.85 ? 41   HIS A O   1 
ATOM   28  C CB  . HIS A 1 13 ? 7.614   9.384   10.046  1.00 46.58 ? 41   HIS A CB  1 
ATOM   29  C CG  . HIS A 1 13 ? 8.688   8.599   10.737  1.00 49.27 ? 41   HIS A CG  1 
ATOM   30  N ND1 . HIS A 1 13 ? 8.411   7.630   11.679  1.00 50.44 ? 41   HIS A ND1 1 
ATOM   31  C CD2 . HIS A 1 13 ? 10.034  8.595   10.580  1.00 50.95 ? 41   HIS A CD2 1 
ATOM   32  C CE1 . HIS A 1 13 ? 9.539   7.063   12.070  1.00 51.46 ? 41   HIS A CE1 1 
ATOM   33  N NE2 . HIS A 1 13 ? 10.538  7.629   11.417  1.00 51.20 ? 41   HIS A NE2 1 
ATOM   34  N N   . GLU A 1 14 ? 5.896   9.138   6.942   1.00 33.25 ? 42   GLU A N   1 
ATOM   35  C CA  . GLU A 1 14 ? 5.100   9.862   5.966   1.00 27.52 ? 42   GLU A CA  1 
ATOM   36  C C   . GLU A 1 14 ? 3.846   9.047   5.658   1.00 23.17 ? 42   GLU A C   1 
ATOM   37  O O   . GLU A 1 14 ? 3.031   9.427   4.818   1.00 18.80 ? 42   GLU A O   1 
ATOM   38  C CB  . GLU A 1 14 ? 5.910   10.081  4.686   1.00 31.21 ? 42   GLU A CB  1 
ATOM   39  C CG  . GLU A 1 14 ? 7.077   11.045  4.863   1.00 38.76 ? 42   GLU A CG  1 
ATOM   40  C CD  . GLU A 1 14 ? 7.662   11.510  3.539   1.00 44.12 ? 42   GLU A CD  1 
ATOM   41  O OE1 . GLU A 1 14 ? 6.873   11.913  2.653   1.00 46.38 ? 42   GLU A OE1 1 
ATOM   42  O OE2 . GLU A 1 14 ? 8.908   11.484  3.387   1.00 45.96 ? 42   GLU A OE2 1 
ATOM   43  N N   . PHE A 1 15 ? 3.708   7.918   6.352   1.00 20.10 ? 43   PHE A N   1 
ATOM   44  C CA  . PHE A 1 15 ? 2.574   7.025   6.173   1.00 17.17 ? 43   PHE A CA  1 
ATOM   45  C C   . PHE A 1 15 ? 1.832   6.757   7.475   1.00 17.19 ? 43   PHE A C   1 
ATOM   46  O O   . PHE A 1 15 ? 2.416   6.806   8.558   1.00 16.77 ? 43   PHE A O   1 
ATOM   47  C CB  . PHE A 1 15 ? 3.025   5.665   5.623   1.00 13.78 ? 43   PHE A CB  1 
ATOM   48  C CG  . PHE A 1 15 ? 3.607   5.727   4.246   1.00 12.63 ? 43   PHE A CG  1 
ATOM   49  C CD1 . PHE A 1 15 ? 4.926   6.140   4.050   1.00 12.56 ? 43   PHE A CD1 1 
ATOM   50  C CD2 . PHE A 1 15 ? 2.825   5.417   3.140   1.00 9.82  ? 43   PHE A CD2 1 
ATOM   51  C CE1 . PHE A 1 15 ? 5.449   6.247   2.770   1.00 11.49 ? 43   PHE A CE1 1 
ATOM   52  C CE2 . PHE A 1 15 ? 3.334   5.519   1.854   1.00 10.55 ? 43   PHE A CE2 1 
ATOM   53  C CZ  . PHE A 1 15 ? 4.646   5.936   1.659   1.00 12.46 ? 43   PHE A CZ  1 
ATOM   54  N N   . LYS A 1 16 ? 0.540   6.465   7.349   1.00 13.72 ? 44   LYS A N   1 
ATOM   55  C CA  . LYS A 1 16 ? -0.292  6.105   8.487   1.00 12.70 ? 44   LYS A CA  1 
ATOM   56  C C   . LYS A 1 16 ? -0.341  4.572   8.434   1.00 13.11 ? 44   LYS A C   1 
ATOM   57  O O   . LYS A 1 16 ? -0.804  3.992   7.450   1.00 11.95 ? 44   LYS A O   1 
ATOM   58  C CB  . LYS A 1 16 ? -1.707  6.661   8.329   1.00 11.46 ? 44   LYS A CB  1 
ATOM   59  C CG  . LYS A 1 16 ? -2.699  6.081   9.344   1.00 12.67 ? 44   LYS A CG  1 
ATOM   60  C CD  . LYS A 1 16 ? -4.116  6.558   9.064   1.00 12.34 ? 44   LYS A CD  1 
ATOM   61  C CE  . LYS A 1 16 ? -5.081  6.107   10.148  1.00 15.38 ? 44   LYS A CE  1 
ATOM   62  N NZ  . LYS A 1 16 ? -6.480  6.459   9.777   1.00 20.52 ? 44   LYS A NZ  1 
ATOM   63  N N   . LYS A 1 17 ? 0.137   3.919   9.485   1.00 13.29 ? 45   LYS A N   1 
ATOM   64  C CA  . LYS A 1 17 ? 0.166   2.467   9.515   1.00 15.23 ? 45   LYS A CA  1 
ATOM   65  C C   . LYS A 1 17 ? -1.024  1.836   10.209  1.00 17.06 ? 45   LYS A C   1 
ATOM   66  O O   . LYS A 1 17 ? -1.404  2.238   11.308  1.00 19.04 ? 45   LYS A O   1 
ATOM   67  C CB  . LYS A 1 17 ? 1.437   1.973   10.203  1.00 15.03 ? 45   LYS A CB  1 
ATOM   68  C CG  . LYS A 1 17 ? 1.530   0.457   10.285  1.00 15.19 ? 45   LYS A CG  1 
ATOM   69  C CD  . LYS A 1 17 ? 2.723   0.035   11.122  1.00 17.79 ? 45   LYS A CD  1 
ATOM   70  C CE  . LYS A 1 17 ? 2.835   -1.483  11.232  1.00 17.88 ? 45   LYS A CE  1 
ATOM   71  N NZ  . LYS A 1 17 ? 3.943   -1.851  12.164  1.00 21.09 ? 45   LYS A NZ  1 
ATOM   72  N N   . SER A 1 18 ? -1.597  0.834   9.557   1.00 17.65 ? 46   SER A N   1 
ATOM   73  C CA  . SER A 1 18 ? -2.725  0.092   10.097  1.00 17.11 ? 46   SER A CA  1 
ATOM   74  C C   . SER A 1 18 ? -2.334  -1.367  9.960   1.00 16.60 ? 46   SER A C   1 
ATOM   75  O O   . SER A 1 18 ? -2.300  -1.909  8.853   1.00 14.59 ? 46   SER A O   1 
ATOM   76  C CB  . SER A 1 18 ? -4.002  0.377   9.300   1.00 17.20 ? 46   SER A CB  1 
ATOM   77  O OG  . SER A 1 18 ? -4.409  1.725   9.456   1.00 15.11 ? 46   SER A OG  1 
ATOM   78  N N   . ALA A 1 19 ? -2.018  -1.989  11.089  1.00 16.68 ? 47   ALA A N   1 
ATOM   79  C CA  . ALA A 1 19 ? -1.605  -3.389  11.107  1.00 18.57 ? 47   ALA A CA  1 
ATOM   80  C C   . ALA A 1 19 ? -2.746  -4.355  10.797  1.00 18.61 ? 47   ALA A C   1 
ATOM   81  O O   . ALA A 1 19 ? -3.925  -4.019  10.939  1.00 17.00 ? 47   ALA A O   1 
ATOM   82  C CB  . ALA A 1 19 ? -0.987  -3.738  12.469  1.00 18.04 ? 47   ALA A CB  1 
ATOM   83  N N   . LYS A 1 20 ? -2.368  -5.552  10.363  1.00 18.83 ? 48   LYS A N   1 
ATOM   84  C CA  . LYS A 1 20 ? -3.309  -6.618  10.039  1.00 21.26 ? 48   LYS A CA  1 
ATOM   85  C C   . LYS A 1 20 ? -4.442  -6.137  9.154   1.00 20.02 ? 48   LYS A C   1 
ATOM   86  O O   . LYS A 1 20 ? -5.611  -6.430  9.406   1.00 20.24 ? 48   LYS A O   1 
ATOM   87  C CB  . LYS A 1 20 ? -3.857  -7.223  11.336  1.00 21.36 ? 48   LYS A CB  1 
ATOM   88  C CG  . LYS A 1 20 ? -2.754  -7.741  12.263  1.00 23.91 ? 48   LYS A CG  1 
ATOM   89  C CD  . LYS A 1 20 ? -3.321  -8.462  13.483  1.00 27.96 ? 48   LYS A CD  1 
ATOM   90  C CE  . LYS A 1 20 ? -2.223  -9.195  14.250  1.00 29.45 ? 48   LYS A CE  1 
ATOM   91  N NZ  . LYS A 1 20 ? -2.793  -10.082 15.309  1.00 33.97 ? 48   LYS A NZ  1 
ATOM   92  N N   . THR A 1 21 ? -4.084  -5.416  8.099   1.00 22.24 ? 49   THR A N   1 
ATOM   93  C CA  . THR A 1 21 ? -5.070  -4.856  7.188   1.00 21.45 ? 49   THR A CA  1 
ATOM   94  C C   . THR A 1 21 ? -4.648  -4.952  5.725   1.00 23.34 ? 49   THR A C   1 
ATOM   95  O O   . THR A 1 21 ? -3.457  -4.919  5.404   1.00 21.57 ? 49   THR A O   1 
ATOM   96  C CB  . THR A 1 21 ? -5.322  -3.372  7.534   1.00 22.21 ? 49   THR A CB  1 
ATOM   97  O OG1 . THR A 1 21 ? -5.697  -3.264  8.915   1.00 23.71 ? 49   THR A OG1 1 
ATOM   98  C CG2 . THR A 1 21 ? -6.425  -2.795  6.666   1.00 21.09 ? 49   THR A CG2 1 
ATOM   99  N N   . THR A 1 22 ? -5.644  -5.059  4.849   1.00 23.72 ? 50   THR A N   1 
ATOM   100 C CA  . THR A 1 22 ? -5.431  -5.147  3.407   1.00 26.28 ? 50   THR A CA  1 
ATOM   101 C C   . THR A 1 22 ? -6.454  -4.240  2.735   1.00 26.96 ? 50   THR A C   1 
ATOM   102 O O   . THR A 1 22 ? -7.436  -3.839  3.359   1.00 25.91 ? 50   THR A O   1 
ATOM   103 C CB  . THR A 1 22 ? -5.675  -6.577  2.875   1.00 27.85 ? 50   THR A CB  1 
ATOM   104 O OG1 . THR A 1 22 ? -7.051  -6.927  3.073   1.00 28.17 ? 50   THR A OG1 1 
ATOM   105 C CG2 . THR A 1 22 ? -4.795  -7.584  3.594   1.00 29.21 ? 50   THR A CG2 1 
ATOM   106 N N   . LEU A 1 23 ? -6.215  -3.919  1.466   1.00 27.60 ? 51   LEU A N   1 
ATOM   107 C CA  . LEU A 1 23 ? -7.120  -3.083  0.684   1.00 29.49 ? 51   LEU A CA  1 
ATOM   108 C C   . LEU A 1 23 ? -7.627  -3.891  -0.501  1.00 32.56 ? 51   LEU A C   1 
ATOM   109 O O   . LEU A 1 23 ? -6.839  -4.487  -1.231  1.00 31.65 ? 51   LEU A O   1 
ATOM   110 C CB  . LEU A 1 23 ? -6.412  -1.839  0.148   1.00 26.85 ? 51   LEU A CB  1 
ATOM   111 C CG  . LEU A 1 23 ? -6.040  -0.718  1.111   1.00 27.76 ? 51   LEU A CG  1 
ATOM   112 C CD1 . LEU A 1 23 ? -5.461  0.438   0.304   1.00 26.77 ? 51   LEU A CD1 1 
ATOM   113 C CD2 . LEU A 1 23 ? -7.265  -0.267  1.890   1.00 25.21 ? 51   LEU A CD2 1 
ATOM   114 N N   . THR A 1 24 ? -8.942  -3.893  -0.689  1.00 35.61 ? 52   THR A N   1 
ATOM   115 C CA  . THR A 1 24 ? -9.571  -4.623  -1.780  1.00 39.87 ? 52   THR A CA  1 
ATOM   116 C C   . THR A 1 24 ? -10.499 -3.712  -2.573  1.00 42.11 ? 52   THR A C   1 
ATOM   117 O O   . THR A 1 24 ? -11.177 -2.856  -2.006  1.00 40.05 ? 52   THR A O   1 
ATOM   118 C CB  . THR A 1 24 ? -10.389 -5.817  -1.247  1.00 40.29 ? 52   THR A CB  1 
ATOM   119 O OG1 . THR A 1 24 ? -9.514  -6.730  -0.574  1.00 42.60 ? 52   THR A OG1 1 
ATOM   120 C CG2 . THR A 1 24 ? -11.089 -6.540  -2.387  1.00 42.37 ? 52   THR A CG2 1 
ATOM   121 N N   . LYS A 1 25 ? -10.524 -3.905  -3.886  1.00 45.44 ? 53   LYS A N   1 
ATOM   122 C CA  . LYS A 1 25 ? -11.366 -3.109  -4.766  1.00 49.98 ? 53   LYS A CA  1 
ATOM   123 C C   . LYS A 1 25 ? -11.763 -3.923  -5.995  1.00 53.49 ? 53   LYS A C   1 
ATOM   124 O O   . LYS A 1 25 ? -10.961 -4.110  -6.911  1.00 53.62 ? 53   LYS A O   1 
ATOM   125 C CB  . LYS A 1 25 ? -10.622 -1.848  -5.207  1.00 49.65 ? 53   LYS A CB  1 
ATOM   126 C CG  . LYS A 1 25 ? -11.454 -0.928  -6.077  1.00 50.15 ? 53   LYS A CG  1 
ATOM   127 C CD  . LYS A 1 25 ? -10.640 0.243   -6.584  1.00 51.26 ? 53   LYS A CD  1 
ATOM   128 C CE  . LYS A 1 25 ? -11.480 1.142   -7.480  1.00 51.10 ? 53   LYS A CE  1 
ATOM   129 N NZ  . LYS A 1 25 ? -10.674 2.242   -8.075  1.00 51.34 ? 53   LYS A NZ  1 
ATOM   130 N N   . GLU A 1 26 ? -13.002 -4.405  -6.010  1.00 57.52 ? 54   GLU A N   1 
ATOM   131 C CA  . GLU A 1 26 ? -13.499 -5.200  -7.130  1.00 61.92 ? 54   GLU A CA  1 
ATOM   132 C C   . GLU A 1 26 ? -13.337 -4.470  -8.457  1.00 63.88 ? 54   GLU A C   1 
ATOM   133 O O   . GLU A 1 26 ? -13.974 -3.442  -8.689  1.00 63.99 ? 54   GLU A O   1 
ATOM   134 C CB  . GLU A 1 26 ? -14.974 -5.540  -6.922  1.00 63.37 ? 54   GLU A CB  1 
ATOM   135 C CG  . GLU A 1 26 ? -15.246 -6.444  -5.738  1.00 65.70 ? 54   GLU A CG  1 
ATOM   136 C CD  . GLU A 1 26 ? -16.721 -6.741  -5.574  1.00 67.18 ? 54   GLU A CD  1 
ATOM   137 O OE1 . GLU A 1 26 ? -17.348 -7.198  -6.555  1.00 68.54 ? 54   GLU A OE1 1 
ATOM   138 O OE2 . GLU A 1 26 ? -17.255 -6.523  -4.467  1.00 67.95 ? 54   GLU A OE2 1 
ATOM   139 N N   . ASP A 1 27 ? -12.488 -5.009  -9.328  1.00 66.60 ? 55   ASP A N   1 
ATOM   140 C CA  . ASP A 1 27 ? -12.251 -4.411  -10.636 1.00 69.61 ? 55   ASP A CA  1 
ATOM   141 C C   . ASP A 1 27 ? -11.264 -5.246  -11.452 1.00 71.08 ? 55   ASP A C   1 
ATOM   142 O O   . ASP A 1 27 ? -10.049 -5.143  -11.272 1.00 71.92 ? 55   ASP A O   1 
ATOM   143 C CB  . ASP A 1 27 ? -11.711 -2.988  -10.474 1.00 70.45 ? 55   ASP A CB  1 
ATOM   144 C CG  . ASP A 1 27 ? -11.621 -2.247  -11.792 1.00 71.73 ? 55   ASP A CG  1 
ATOM   145 O OD1 . ASP A 1 27 ? -10.905 -2.721  -12.698 1.00 71.76 ? 55   ASP A OD1 1 
ATOM   146 O OD2 . ASP A 1 27 ? -12.270 -1.187  -11.920 1.00 73.19 ? 55   ASP A OD2 1 
ATOM   147 N N   . PRO A 1 28 ? -11.778 -6.088  -12.364 1.00 71.92 ? 56   PRO A N   1 
ATOM   148 C CA  . PRO A 1 28 ? -10.952 -6.950  -13.216 1.00 72.36 ? 56   PRO A CA  1 
ATOM   149 C C   . PRO A 1 28 ? -9.895  -6.199  -14.030 1.00 72.43 ? 56   PRO A C   1 
ATOM   150 O O   . PRO A 1 28 ? -8.847  -6.756  -14.363 1.00 72.52 ? 56   PRO A O   1 
ATOM   151 C CB  . PRO A 1 28 ? -11.985 -7.639  -14.105 1.00 73.16 ? 56   PRO A CB  1 
ATOM   152 C CG  . PRO A 1 28 ? -13.172 -7.751  -13.196 1.00 72.43 ? 56   PRO A CG  1 
ATOM   153 C CD  . PRO A 1 28 ? -13.210 -6.378  -12.564 1.00 72.41 ? 56   PRO A CD  1 
ATOM   154 N N   . LEU A 1 29 ? -10.173 -4.937  -14.347 1.00 71.97 ? 57   LEU A N   1 
ATOM   155 C CA  . LEU A 1 29 ? -9.240  -4.120  -15.121 1.00 71.06 ? 57   LEU A CA  1 
ATOM   156 C C   . LEU A 1 29 ? -8.272  -3.327  -14.245 1.00 69.50 ? 57   LEU A C   1 
ATOM   157 O O   . LEU A 1 29 ? -8.005  -2.152  -14.501 1.00 70.00 ? 57   LEU A O   1 
ATOM   158 C CB  . LEU A 1 29 ? -10.004 -3.160  -16.040 1.00 71.67 ? 57   LEU A CB  1 
ATOM   159 C CG  . LEU A 1 29 ? -10.740 -3.785  -17.228 1.00 72.20 ? 57   LEU A CG  1 
ATOM   160 C CD1 . LEU A 1 29 ? -11.450 -2.697  -18.021 1.00 72.27 ? 57   LEU A CD1 1 
ATOM   161 C CD2 . LEU A 1 29 ? -9.746  -4.528  -18.114 1.00 72.33 ? 57   LEU A CD2 1 
ATOM   162 N N   . LEU A 1 30 ? -7.749  -3.978  -13.210 1.00 67.27 ? 58   LEU A N   1 
ATOM   163 C CA  . LEU A 1 30 ? -6.799  -3.341  -12.307 1.00 64.39 ? 58   LEU A CA  1 
ATOM   164 C C   . LEU A 1 30 ? -5.725  -4.323  -11.867 1.00 61.50 ? 58   LEU A C   1 
ATOM   165 O O   . LEU A 1 30 ? -5.968  -5.208  -11.043 1.00 60.72 ? 58   LEU A O   1 
ATOM   166 C CB  . LEU A 1 30 ? -7.515  -2.772  -11.079 1.00 65.98 ? 58   LEU A CB  1 
ATOM   167 C CG  . LEU A 1 30 ? -8.410  -1.550  -11.312 1.00 67.10 ? 58   LEU A CG  1 
ATOM   168 C CD1 . LEU A 1 30 ? -8.980  -1.078  -9.981  1.00 67.91 ? 58   LEU A CD1 1 
ATOM   169 C CD2 . LEU A 1 30 ? -7.603  -0.435  -11.966 1.00 67.59 ? 58   LEU A CD2 1 
ATOM   170 N N   . LYS A 1 31 ? -4.536  -4.163  -12.437 1.00 58.51 ? 59   LYS A N   1 
ATOM   171 C CA  . LYS A 1 31 ? -3.399  -5.013  -12.117 1.00 55.02 ? 59   LYS A CA  1 
ATOM   172 C C   . LYS A 1 31 ? -2.588  -4.335  -11.019 1.00 51.22 ? 59   LYS A C   1 
ATOM   173 O O   . LYS A 1 31 ? -2.033  -3.255  -11.222 1.00 51.32 ? 59   LYS A O   1 
ATOM   174 C CB  . LYS A 1 31 ? -2.539  -5.217  -13.369 1.00 56.85 ? 59   LYS A CB  1 
ATOM   175 C CG  . LYS A 1 31 ? -2.219  -3.922  -14.106 1.00 59.07 ? 59   LYS A CG  1 
ATOM   176 C CD  . LYS A 1 31 ? -1.532  -4.174  -15.440 1.00 60.00 ? 59   LYS A CD  1 
ATOM   177 C CE  . LYS A 1 31 ? -1.259  -2.864  -16.167 1.00 60.33 ? 59   LYS A CE  1 
ATOM   178 N NZ  . LYS A 1 31 ? -0.587  -3.071  -17.480 1.00 61.04 ? 59   LYS A NZ  1 
ATOM   179 N N   . ILE A 1 32 ? -2.528  -4.971  -9.854  1.00 46.00 ? 60   ILE A N   1 
ATOM   180 C CA  . ILE A 1 32 ? -1.797  -4.416  -8.723  1.00 40.72 ? 60   ILE A CA  1 
ATOM   181 C C   . ILE A 1 32 ? -0.308  -4.740  -8.765  1.00 37.15 ? 60   ILE A C   1 
ATOM   182 O O   . ILE A 1 32 ? 0.089   -5.905  -8.803  1.00 36.10 ? 60   ILE A O   1 
ATOM   183 C CB  . ILE A 1 32 ? -2.374  -4.928  -7.388  1.00 40.72 ? 60   ILE A CB  1 
ATOM   184 C CG1 . ILE A 1 32 ? -3.870  -4.620  -7.324  1.00 40.81 ? 60   ILE A CG1 1 
ATOM   185 C CG2 . ILE A 1 32 ? -1.645  -4.274  -6.219  1.00 38.82 ? 60   ILE A CG2 1 
ATOM   186 C CD1 . ILE A 1 32 ? -4.551  -5.117  -6.068  1.00 42.43 ? 60   ILE A CD1 1 
ATOM   187 N N   . LYS A 1 33 ? 0.507   -3.690  -8.752  1.00 33.23 ? 61   LYS A N   1 
ATOM   188 C CA  . LYS A 1 33 ? 1.958   -3.824  -8.775  1.00 29.06 ? 61   LYS A CA  1 
ATOM   189 C C   . LYS A 1 33 ? 2.428   -4.502  -7.485  1.00 25.43 ? 61   LYS A C   1 
ATOM   190 O O   . LYS A 1 33 ? 2.058   -4.086  -6.382  1.00 19.97 ? 61   LYS A O   1 
ATOM   191 C CB  . LYS A 1 33 ? 2.594   -2.436  -8.892  1.00 32.71 ? 61   LYS A CB  1 
ATOM   192 C CG  . LYS A 1 33 ? 4.109   -2.418  -9.006  1.00 36.89 ? 61   LYS A CG  1 
ATOM   193 C CD  . LYS A 1 33 ? 4.564   -2.897  -10.373 1.00 39.84 ? 61   LYS A CD  1 
ATOM   194 C CE  . LYS A 1 33 ? 6.059   -2.704  -10.553 1.00 42.34 ? 61   LYS A CE  1 
ATOM   195 N NZ  . LYS A 1 33 ? 6.514   -3.117  -11.919 1.00 43.25 ? 61   LYS A NZ  1 
ATOM   196 N N   . THR A 1 34 ? 3.241   -5.543  -7.628  1.00 21.22 ? 62   THR A N   1 
ATOM   197 C CA  . THR A 1 34 ? 3.756   -6.265  -6.473  1.00 21.86 ? 62   THR A CA  1 
ATOM   198 C C   . THR A 1 34 ? 5.115   -6.883  -6.759  1.00 21.82 ? 62   THR A C   1 
ATOM   199 O O   . THR A 1 34 ? 5.338   -7.427  -7.835  1.00 23.76 ? 62   THR A O   1 
ATOM   200 C CB  . THR A 1 34 ? 2.786   -7.404  -6.022  1.00 21.58 ? 62   THR A CB  1 
ATOM   201 O OG1 . THR A 1 34 ? 3.357   -8.104  -4.909  1.00 21.99 ? 62   THR A OG1 1 
ATOM   202 C CG2 . THR A 1 34 ? 2.549   -8.405  -7.148  1.00 20.96 ? 62   THR A CG2 1 
ATOM   203 N N   . LYS A 1 35 ? 6.017   -6.791  -5.792  1.00 22.04 ? 63   LYS A N   1 
ATOM   204 C CA  . LYS A 1 35 ? 7.354   -7.361  -5.917  1.00 23.00 ? 63   LYS A CA  1 
ATOM   205 C C   . LYS A 1 35 ? 7.847   -7.809  -4.553  1.00 22.06 ? 63   LYS A C   1 
ATOM   206 O O   . LYS A 1 35 ? 7.345   -7.354  -3.523  1.00 20.69 ? 63   LYS A O   1 
ATOM   207 C CB  . LYS A 1 35 ? 8.353   -6.334  -6.477  1.00 24.75 ? 63   LYS A CB  1 
ATOM   208 C CG  . LYS A 1 35 ? 8.109   -5.918  -7.920  1.00 33.77 ? 63   LYS A CG  1 
ATOM   209 C CD  . LYS A 1 35 ? 9.252   -5.045  -8.458  1.00 35.02 ? 63   LYS A CD  1 
ATOM   210 C CE  . LYS A 1 35 ? 9.034   -4.666  -9.934  1.00 38.79 ? 63   LYS A CE  1 
ATOM   211 N NZ  . LYS A 1 35 ? 10.091  -3.744  -10.484 1.00 38.17 ? 63   LYS A NZ  1 
ATOM   212 N N   . LYS A 1 36 ? 8.827   -8.707  -4.550  1.00 22.07 ? 64   LYS A N   1 
ATOM   213 C CA  . LYS A 1 36 ? 9.420   -9.168  -3.304  1.00 24.16 ? 64   LYS A CA  1 
ATOM   214 C C   . LYS A 1 36 ? 10.371  -8.067  -2.873  1.00 23.91 ? 64   LYS A C   1 
ATOM   215 O O   . LYS A 1 36 ? 11.056  -7.480  -3.706  1.00 23.91 ? 64   LYS A O   1 
ATOM   216 C CB  . LYS A 1 36 ? 10.236  -10.445 -3.507  1.00 23.85 ? 64   LYS A CB  1 
ATOM   217 C CG  . LYS A 1 36 ? 9.457   -11.662 -3.939  1.00 27.68 ? 64   LYS A CG  1 
ATOM   218 C CD  . LYS A 1 36 ? 10.419  -12.829 -4.054  1.00 28.81 ? 64   LYS A CD  1 
ATOM   219 C CE  . LYS A 1 36 ? 9.753   -14.044 -4.620  1.00 29.79 ? 64   LYS A CE  1 
ATOM   220 N NZ  . LYS A 1 36 ? 10.685  -15.196 -4.587  1.00 31.55 ? 64   LYS A NZ  1 
ATOM   221 N N   . VAL A 1 37 ? 10.419  -7.797  -1.576  1.00 25.22 ? 65   VAL A N   1 
ATOM   222 C CA  . VAL A 1 37 ? 11.291  -6.766  -1.031  1.00 26.11 ? 65   VAL A CA  1 
ATOM   223 C C   . VAL A 1 37 ? 11.862  -7.260  0.292   1.00 27.98 ? 65   VAL A C   1 
ATOM   224 O O   . VAL A 1 37 ? 11.504  -8.338  0.764   1.00 30.08 ? 65   VAL A O   1 
ATOM   225 C CB  . VAL A 1 37 ? 10.509  -5.469  -0.763  1.00 25.78 ? 65   VAL A CB  1 
ATOM   226 C CG1 . VAL A 1 37 ? 9.839   -4.990  -2.042  1.00 23.29 ? 65   VAL A CG1 1 
ATOM   227 C CG2 . VAL A 1 37 ? 9.472   -5.712  0.322   1.00 25.19 ? 65   VAL A CG2 1 
ATOM   228 N N   . ASN A 1 38 ? 12.740  -6.472  0.902   1.00 28.56 ? 66   ASN A N   1 
ATOM   229 C CA  . ASN A 1 38 ? 13.321  -6.877  2.177   1.00 29.83 ? 66   ASN A CA  1 
ATOM   230 C C   . ASN A 1 38 ? 12.565  -6.299  3.373   1.00 28.22 ? 66   ASN A C   1 
ATOM   231 O O   . ASN A 1 38 ? 12.440  -6.954  4.403   1.00 29.31 ? 66   ASN A O   1 
ATOM   232 C CB  . ASN A 1 38 ? 14.796  -6.467  2.241   1.00 34.22 ? 66   ASN A CB  1 
ATOM   233 C CG  . ASN A 1 38 ? 15.636  -7.143  1.168   1.00 38.17 ? 66   ASN A CG  1 
ATOM   234 O OD1 . ASN A 1 38 ? 15.717  -8.375  1.105   1.00 39.43 ? 66   ASN A OD1 1 
ATOM   235 N ND2 . ASN A 1 38 ? 16.261  -6.338  0.312   1.00 39.55 ? 66   ASN A ND2 1 
ATOM   236 N N   . SER A 1 39 ? 12.049  -5.081  3.241   1.00 25.12 ? 67   SER A N   1 
ATOM   237 C CA  . SER A 1 39 ? 11.329  -4.463  4.346   1.00 23.66 ? 67   SER A CA  1 
ATOM   238 C C   . SER A 1 39 ? 10.305  -3.445  3.870   1.00 22.27 ? 67   SER A C   1 
ATOM   239 O O   . SER A 1 39 ? 10.325  -3.020  2.716   1.00 21.78 ? 67   SER A O   1 
ATOM   240 C CB  . SER A 1 39 ? 12.310  -3.781  5.306   1.00 23.94 ? 67   SER A CB  1 
ATOM   241 O OG  . SER A 1 39 ? 12.890  -2.632  4.715   1.00 26.72 ? 67   SER A OG  1 
ATOM   242 N N   . ALA A 1 40 ? 9.410   -3.061  4.773   1.00 20.27 ? 68   ALA A N   1 
ATOM   243 C CA  . ALA A 1 40 ? 8.373   -2.093  4.450   1.00 22.12 ? 68   ALA A CA  1 
ATOM   244 C C   . ALA A 1 40 ? 9.016   -0.769  4.064   1.00 21.48 ? 68   ALA A C   1 
ATOM   245 O O   . ALA A 1 40 ? 8.468   -0.007  3.273   1.00 20.19 ? 68   ALA A O   1 
ATOM   246 C CB  . ALA A 1 40 ? 7.442   -1.901  5.656   1.00 22.84 ? 68   ALA A CB  1 
ATOM   247 N N   . ASP A 1 41 ? 10.189  -0.509  4.623   1.00 22.57 ? 69   ASP A N   1 
ATOM   248 C CA  . ASP A 1 41 ? 10.916  0.728   4.363   1.00 27.17 ? 69   ASP A CA  1 
ATOM   249 C C   . ASP A 1 41 ? 11.217  0.962   2.887   1.00 25.82 ? 69   ASP A C   1 
ATOM   250 O O   . ASP A 1 41 ? 11.069  2.080   2.389   1.00 24.40 ? 69   ASP A O   1 
ATOM   251 C CB  . ASP A 1 41 ? 12.212  0.723   5.165   1.00 32.44 ? 69   ASP A CB  1 
ATOM   252 C CG  . ASP A 1 41 ? 11.976  0.400   6.625   1.00 38.31 ? 69   ASP A CG  1 
ATOM   253 O OD1 . ASP A 1 41 ? 11.502  1.292   7.360   1.00 43.21 ? 69   ASP A OD1 1 
ATOM   254 O OD2 . ASP A 1 41 ? 12.247  -0.753  7.035   1.00 42.80 ? 69   ASP A OD2 1 
ATOM   255 N N   . GLU A 1 42 ? 11.639  -0.087  2.189   1.00 26.65 ? 70   GLU A N   1 
ATOM   256 C CA  . GLU A 1 42 ? 11.949  0.032   0.766   1.00 27.45 ? 70   GLU A CA  1 
ATOM   257 C C   . GLU A 1 42 ? 10.672  0.261   -0.024  1.00 25.83 ? 70   GLU A C   1 
ATOM   258 O O   . GLU A 1 42 ? 10.673  0.965   -1.033  1.00 24.95 ? 70   GLU A O   1 
ATOM   259 C CB  . GLU A 1 42 ? 12.651  -1.230  0.255   1.00 30.80 ? 70   GLU A CB  1 
ATOM   260 C CG  . GLU A 1 42 ? 13.970  -1.524  0.959   1.00 36.76 ? 70   GLU A CG  1 
ATOM   261 C CD  . GLU A 1 42 ? 13.949  -2.851  1.694   1.00 40.66 ? 70   GLU A CD  1 
ATOM   262 O OE1 . GLU A 1 42 ? 14.796  -3.115  2.554   1.00 41.22 ? 70   GLU A OE1 1 
ATOM   263 O OE2 . GLU A 1 42 ? 12.982  -3.700  1.351   1.00 42.04 ? 70   GLU A OE2 1 
ATOM   264 N N   . CYS A 1 43 ? 9.580   -0.338  0.438   1.00 24.30 ? 71   CYS A N   1 
ATOM   265 C CA  . CYS A 1 43 ? 8.301   -0.176  -0.237  1.00 23.63 ? 71   CYS A CA  1 
ATOM   266 C C   . CYS A 1 43 ? 7.875   1.279   -0.086  1.00 21.10 ? 71   CYS A C   1 
ATOM   267 O O   . CYS A 1 43 ? 7.394   1.895   -1.033  1.00 17.98 ? 71   CYS A O   1 
ATOM   268 C CB  . CYS A 1 43 ? 7.242   -1.093  0.383   1.00 26.43 ? 71   CYS A CB  1 
ATOM   269 S SG  . CYS A 1 43 ? 7.683   -2.863  0.412   1.00 31.29 ? 71   CYS A SG  1 
ATOM   270 N N   . ALA A 1 44 ? 8.071   1.820   1.115   1.00 20.21 ? 72   ALA A N   1 
ATOM   271 C CA  . ALA A 1 44 ? 7.711   3.202   1.414   1.00 20.24 ? 72   ALA A CA  1 
ATOM   272 C C   . ALA A 1 44 ? 8.432   4.183   0.495   1.00 19.61 ? 72   ALA A C   1 
ATOM   273 O O   . ALA A 1 44 ? 7.812   5.087   -0.059  1.00 17.89 ? 72   ALA A O   1 
ATOM   274 C CB  . ALA A 1 44 ? 8.024   3.533   2.885   1.00 16.44 ? 72   ALA A CB  1 
ATOM   275 N N   . ASN A 1 45 ? 9.739   4.008   0.341   1.00 21.97 ? 73   ASN A N   1 
ATOM   276 C CA  . ASN A 1 45 ? 10.518  4.893   -0.521  1.00 23.37 ? 73   ASN A CA  1 
ATOM   277 C C   . ASN A 1 45 ? 10.013  4.845   -1.954  1.00 23.72 ? 73   ASN A C   1 
ATOM   278 O O   . ASN A 1 45 ? 9.867   5.883   -2.613  1.00 23.61 ? 73   ASN A O   1 
ATOM   279 C CB  . ASN A 1 45 ? 12.004  4.519   -0.484  1.00 27.48 ? 73   ASN A CB  1 
ATOM   280 C CG  . ASN A 1 45 ? 12.843  5.364   -1.442  1.00 32.80 ? 73   ASN A CG  1 
ATOM   281 O OD1 . ASN A 1 45 ? 13.029  5.005   -2.608  1.00 36.53 ? 73   ASN A OD1 1 
ATOM   282 N ND2 . ASN A 1 45 ? 13.340  6.499   -0.955  1.00 33.26 ? 73   ASN A ND2 1 
ATOM   283 N N   . ARG A 1 46 ? 9.740   3.645   -2.447  1.00 22.20 ? 74   ARG A N   1 
ATOM   284 C CA  . ARG A 1 46 ? 9.247   3.525   -3.807  1.00 21.17 ? 74   ARG A CA  1 
ATOM   285 C C   . ARG A 1 46 ? 7.890   4.221   -3.971  1.00 19.96 ? 74   ARG A C   1 
ATOM   286 O O   . ARG A 1 46 ? 7.639   4.871   -4.985  1.00 19.69 ? 74   ARG A O   1 
ATOM   287 C CB  . ARG A 1 46 ? 9.152   2.051   -4.208  1.00 23.50 ? 74   ARG A CB  1 
ATOM   288 C CG  . ARG A 1 46 ? 8.729   1.861   -5.644  1.00 26.33 ? 74   ARG A CG  1 
ATOM   289 C CD  . ARG A 1 46 ? 9.038   0.470   -6.164  1.00 29.67 ? 74   ARG A CD  1 
ATOM   290 N NE  . ARG A 1 46 ? 8.692   0.372   -7.580  1.00 32.92 ? 74   ARG A NE  1 
ATOM   291 C CZ  . ARG A 1 46 ? 8.984   -0.661  -8.362  1.00 34.72 ? 74   ARG A CZ  1 
ATOM   292 N NH1 . ARG A 1 46 ? 9.638   -1.709  -7.873  1.00 34.73 ? 74   ARG A NH1 1 
ATOM   293 N NH2 . ARG A 1 46 ? 8.628   -0.638  -9.640  1.00 34.83 ? 74   ARG A NH2 1 
ATOM   294 N N   . CYS A 1 47 ? 7.023   4.105   -2.969  1.00 18.68 ? 75   CYS A N   1 
ATOM   295 C CA  . CYS A 1 47 ? 5.707   4.737   -3.042  1.00 18.66 ? 75   CYS A CA  1 
ATOM   296 C C   . CYS A 1 47 ? 5.785   6.276   -3.081  1.00 17.61 ? 75   CYS A C   1 
ATOM   297 O O   . CYS A 1 47 ? 5.234   6.900   -3.990  1.00 16.46 ? 75   CYS A O   1 
ATOM   298 C CB  . CYS A 1 47 ? 4.840   4.273   -1.862  1.00 19.42 ? 75   CYS A CB  1 
ATOM   299 S SG  . CYS A 1 47 ? 3.087   4.801   -1.878  1.00 22.34 ? 75   CYS A SG  1 
ATOM   300 N N   . ILE A 1 48 ? 6.477   6.886   -2.120  1.00 17.35 ? 76   ILE A N   1 
ATOM   301 C CA  . ILE A 1 48 ? 6.572   8.351   -2.086  1.00 18.60 ? 76   ILE A CA  1 
ATOM   302 C C   . ILE A 1 48 ? 7.235   8.930   -3.322  1.00 16.91 ? 76   ILE A C   1 
ATOM   303 O O   . ILE A 1 48 ? 6.939   10.049  -3.720  1.00 17.83 ? 76   ILE A O   1 
ATOM   304 C CB  . ILE A 1 48 ? 7.368   8.877   -0.862  1.00 20.34 ? 76   ILE A CB  1 
ATOM   305 C CG1 . ILE A 1 48 ? 8.800   8.339   -0.900  1.00 21.65 ? 76   ILE A CG1 1 
ATOM   306 C CG2 . ILE A 1 48 ? 6.669   8.496   0.429   1.00 23.49 ? 76   ILE A CG2 1 
ATOM   307 C CD1 . ILE A 1 48 ? 9.708   8.938   0.158   1.00 22.29 ? 76   ILE A CD1 1 
ATOM   308 N N   . ARG A 1 49 ? 8.136   8.171   -3.927  1.00 16.49 ? 77   ARG A N   1 
ATOM   309 C CA  . ARG A 1 49 ? 8.834   8.638   -5.114  1.00 17.90 ? 77   ARG A CA  1 
ATOM   310 C C   . ARG A 1 49 ? 8.124   8.216   -6.395  1.00 17.33 ? 77   ARG A C   1 
ATOM   311 O O   . ARG A 1 49 ? 8.471   8.680   -7.477  1.00 16.93 ? 77   ARG A O   1 
ATOM   312 C CB  . ARG A 1 49 ? 10.271  8.088   -5.132  1.00 18.54 ? 77   ARG A CB  1 
ATOM   313 C CG  . ARG A 1 49 ? 11.123  8.463   -3.920  1.00 22.27 ? 77   ARG A CG  1 
ATOM   314 C CD  . ARG A 1 49 ? 12.452  9.053   -4.374  1.00 26.84 ? 77   ARG A CD  1 
ATOM   315 N NE  . ARG A 1 49 ? 13.129  8.146   -5.290  1.00 33.15 ? 77   ARG A NE  1 
ATOM   316 C CZ  . ARG A 1 49 ? 13.815  8.526   -6.363  1.00 32.52 ? 77   ARG A CZ  1 
ATOM   317 N NH1 . ARG A 1 49 ? 13.930  9.810   -6.672  1.00 33.20 ? 77   ARG A NH1 1 
ATOM   318 N NH2 . ARG A 1 49 ? 14.371  7.609   -7.140  1.00 34.37 ? 77   ARG A NH2 1 
ATOM   319 N N   . ASN A 1 50 ? 7.134   7.336   -6.274  1.00 18.98 ? 78   ASN A N   1 
ATOM   320 C CA  . ASN A 1 50 ? 6.416   6.831   -7.448  1.00 21.50 ? 78   ASN A CA  1 
ATOM   321 C C   . ASN A 1 50 ? 7.424   6.186   -8.404  1.00 25.46 ? 78   ASN A C   1 
ATOM   322 O O   . ASN A 1 50 ? 7.213   6.149   -9.612  1.00 25.60 ? 78   ASN A O   1 
ATOM   323 C CB  . ASN A 1 50 ? 5.673   7.968   -8.163  1.00 19.40 ? 78   ASN A CB  1 
ATOM   324 C CG  . ASN A 1 50 ? 4.441   8.424   -7.408  1.00 19.40 ? 78   ASN A CG  1 
ATOM   325 O OD1 . ASN A 1 50 ? 4.172   9.618   -7.310  1.00 20.45 ? 78   ASN A OD1 1 
ATOM   326 N ND2 . ASN A 1 50 ? 3.679   7.469   -6.876  1.00 14.33 ? 78   ASN A ND2 1 
ATOM   327 N N   . ARG A 1 51 ? 8.517   5.675   -7.838  1.00 31.36 ? 79   ARG A N   1 
ATOM   328 C CA  . ARG A 1 51 ? 9.596   5.031   -8.593  1.00 36.56 ? 79   ARG A CA  1 
ATOM   329 C C   . ARG A 1 51 ? 9.247   4.555   -9.997  1.00 38.47 ? 79   ARG A C   1 
ATOM   330 O O   . ARG A 1 51 ? 9.245   5.343   -10.941 1.00 42.71 ? 79   ARG A O   1 
ATOM   331 C CB  . ARG A 1 51 ? 10.165  3.861   -7.793  1.00 39.84 ? 79   ARG A CB  1 
ATOM   332 C CG  . ARG A 1 51 ? 11.463  4.176   -7.073  1.00 43.66 ? 79   ARG A CG  1 
ATOM   333 C CD  . ARG A 1 51 ? 12.693  3.848   -7.922  1.00 45.99 ? 79   ARG A CD  1 
ATOM   334 N NE  . ARG A 1 51 ? 12.951  2.409   -7.987  1.00 48.63 ? 79   ARG A NE  1 
ATOM   335 C CZ  . ARG A 1 51 ? 12.342  1.565   -8.815  1.00 49.90 ? 79   ARG A CZ  1 
ATOM   336 N NH1 . ARG A 1 51 ? 11.429  2.006   -9.670  1.00 51.04 ? 79   ARG A NH1 1 
ATOM   337 N NH2 . ARG A 1 51 ? 12.641  0.275   -8.781  1.00 50.17 ? 79   ARG A NH2 1 
ATOM   338 N N   . GLY A 1 52 ? 8.963   3.268   -10.146 1.00 39.11 ? 80   GLY A N   1 
ATOM   339 C CA  . GLY A 1 52 ? 8.639   2.759   -11.471 1.00 38.86 ? 80   GLY A CA  1 
ATOM   340 C C   . GLY A 1 52 ? 7.162   2.491   -11.686 1.00 38.75 ? 80   GLY A C   1 
ATOM   341 O O   . GLY A 1 52 ? 6.781   1.427   -12.175 1.00 38.69 ? 80   GLY A O   1 
ATOM   342 N N   . PHE A 1 53 ? 6.324   3.457   -11.323 1.00 37.35 ? 81   PHE A N   1 
ATOM   343 C CA  . PHE A 1 53 ? 4.884   3.306   -11.480 1.00 36.80 ? 81   PHE A CA  1 
ATOM   344 C C   . PHE A 1 53 ? 4.382   4.189   -12.603 1.00 36.65 ? 81   PHE A C   1 
ATOM   345 O O   . PHE A 1 53 ? 5.054   5.126   -13.025 1.00 37.57 ? 81   PHE A O   1 
ATOM   346 C CB  . PHE A 1 53 ? 4.154   3.700   -10.187 1.00 33.97 ? 81   PHE A CB  1 
ATOM   347 C CG  . PHE A 1 53 ? 4.633   2.971   -8.967  1.00 30.96 ? 81   PHE A CG  1 
ATOM   348 C CD1 . PHE A 1 53 ? 4.550   3.570   -7.713  1.00 30.46 ? 81   PHE A CD1 1 
ATOM   349 C CD2 . PHE A 1 53 ? 5.166   1.693   -9.064  1.00 31.21 ? 81   PHE A CD2 1 
ATOM   350 C CE1 . PHE A 1 53 ? 4.994   2.908   -6.576  1.00 27.88 ? 81   PHE A CE1 1 
ATOM   351 C CE2 . PHE A 1 53 ? 5.615   1.021   -7.928  1.00 30.48 ? 81   PHE A CE2 1 
ATOM   352 C CZ  . PHE A 1 53 ? 5.527   1.633   -6.682  1.00 29.82 ? 81   PHE A CZ  1 
ATOM   353 N N   . THR A 1 54 ? 3.190   3.879   -13.087 1.00 36.57 ? 82   THR A N   1 
ATOM   354 C CA  . THR A 1 54 ? 2.567   4.669   -14.135 1.00 37.11 ? 82   THR A CA  1 
ATOM   355 C C   . THR A 1 54 ? 1.492   5.504   -13.444 1.00 34.29 ? 82   THR A C   1 
ATOM   356 O O   . THR A 1 54 ? 0.983   6.478   -13.995 1.00 36.11 ? 82   THR A O   1 
ATOM   357 C CB  . THR A 1 54 ? 1.924   3.761   -15.203 1.00 38.24 ? 82   THR A CB  1 
ATOM   358 O OG1 . THR A 1 54 ? 2.955   3.051   -15.906 1.00 43.60 ? 82   THR A OG1 1 
ATOM   359 C CG2 . THR A 1 54 ? 1.125   4.581   -16.191 1.00 39.41 ? 82   THR A CG2 1 
ATOM   360 N N   . PHE A 1 55 ? 1.173   5.113   -12.215 1.00 29.70 ? 83   PHE A N   1 
ATOM   361 C CA  . PHE A 1 55 ? 0.157   5.784   -11.413 1.00 27.06 ? 83   PHE A CA  1 
ATOM   362 C C   . PHE A 1 55 ? 0.788   6.508   -10.228 1.00 25.03 ? 83   PHE A C   1 
ATOM   363 O O   . PHE A 1 55 ? 2.003   6.483   -10.049 1.00 25.21 ? 83   PHE A O   1 
ATOM   364 C CB  . PHE A 1 55 ? -0.847  4.745   -10.898 1.00 25.49 ? 83   PHE A CB  1 
ATOM   365 C CG  . PHE A 1 55 ? -0.217  3.639   -10.087 1.00 25.87 ? 83   PHE A CG  1 
ATOM   366 C CD1 . PHE A 1 55 ? 0.049   3.810   -8.730  1.00 27.70 ? 83   PHE A CD1 1 
ATOM   367 C CD2 . PHE A 1 55 ? 0.130   2.434   -10.684 1.00 27.49 ? 83   PHE A CD2 1 
ATOM   368 C CE1 . PHE A 1 55 ? 0.653   2.796   -7.977  1.00 26.61 ? 83   PHE A CE1 1 
ATOM   369 C CE2 . PHE A 1 55 ? 0.734   1.413   -9.943  1.00 28.66 ? 83   PHE A CE2 1 
ATOM   370 C CZ  . PHE A 1 55 ? 0.996   1.598   -8.582  1.00 27.54 ? 83   PHE A CZ  1 
ATOM   371 N N   . THR A 1 56 ? -0.054  7.156   -9.429  1.00 22.19 ? 84   THR A N   1 
ATOM   372 C CA  . THR A 1 56 ? 0.390   7.861   -8.238  1.00 21.65 ? 84   THR A CA  1 
ATOM   373 C C   . THR A 1 56 ? 0.085   6.910   -7.078  1.00 19.50 ? 84   THR A C   1 
ATOM   374 O O   . THR A 1 56 ? -1.067  6.533   -6.872  1.00 18.85 ? 84   THR A O   1 
ATOM   375 C CB  . THR A 1 56 ? -0.392  9.182   -8.047  1.00 22.10 ? 84   THR A CB  1 
ATOM   376 O OG1 . THR A 1 56 ? -0.208  10.015  -9.199  1.00 27.47 ? 84   THR A OG1 1 
ATOM   377 C CG2 . THR A 1 56 ? 0.093   9.923   -6.815  1.00 23.31 ? 84   THR A CG2 1 
ATOM   378 N N   . CYS A 1 57 ? 1.115   6.515   -6.339  1.00 18.14 ? 85   CYS A N   1 
ATOM   379 C CA  . CYS A 1 57 ? 0.945   5.592   -5.217  1.00 18.28 ? 85   CYS A CA  1 
ATOM   380 C C   . CYS A 1 57 ? 0.357   6.304   -4.000  1.00 16.69 ? 85   CYS A C   1 
ATOM   381 O O   . CYS A 1 57 ? 0.925   7.274   -3.509  1.00 18.86 ? 85   CYS A O   1 
ATOM   382 C CB  . CYS A 1 57 ? 2.298   4.955   -4.848  1.00 18.67 ? 85   CYS A CB  1 
ATOM   383 S SG  . CYS A 1 57 ? 2.230   3.786   -3.448  1.00 22.61 ? 85   CYS A SG  1 
ATOM   384 N N   . LYS A 1 58 ? -0.791  5.833   -3.523  1.00 16.00 ? 86   LYS A N   1 
ATOM   385 C CA  . LYS A 1 58 ? -1.424  6.442   -2.351  1.00 15.97 ? 86   LYS A CA  1 
ATOM   386 C C   . LYS A 1 58 ? -1.279  5.553   -1.132  1.00 14.21 ? 86   LYS A C   1 
ATOM   387 O O   . LYS A 1 58 ? -1.452  6.003   0.002   1.00 15.52 ? 86   LYS A O   1 
ATOM   388 C CB  . LYS A 1 58 ? -2.913  6.723   -2.606  1.00 17.45 ? 86   LYS A CB  1 
ATOM   389 C CG  . LYS A 1 58 ? -3.191  7.878   -3.569  1.00 20.41 ? 86   LYS A CG  1 
ATOM   390 C CD  . LYS A 1 58 ? -4.660  8.281   -3.512  1.00 23.13 ? 86   LYS A CD  1 
ATOM   391 C CE  . LYS A 1 58 ? -4.941  9.510   -4.359  1.00 26.08 ? 86   LYS A CE  1 
ATOM   392 N NZ  . LYS A 1 58 ? -4.644  9.275   -5.788  1.00 32.35 ? 86   LYS A NZ  1 
ATOM   393 N N   . ALA A 1 59 ? -0.956  4.286   -1.368  1.00 13.75 ? 87   ALA A N   1 
ATOM   394 C CA  . ALA A 1 59 ? -0.791  3.329   -0.282  1.00 10.64 ? 87   ALA A CA  1 
ATOM   395 C C   . ALA A 1 59 ? -0.093  2.057   -0.753  1.00 11.60 ? 87   ALA A C   1 
ATOM   396 O O   . ALA A 1 59 ? -0.019  1.770   -1.956  1.00 12.13 ? 87   ALA A O   1 
ATOM   397 C CB  . ALA A 1 59 ? -2.157  2.969   0.300   1.00 12.95 ? 87   ALA A CB  1 
ATOM   398 N N   . PHE A 1 60 ? 0.427   1.305   0.209   1.00 10.19 ? 88   PHE A N   1 
ATOM   399 C CA  . PHE A 1 60 ? 1.071   0.035   -0.068  1.00 10.99 ? 88   PHE A CA  1 
ATOM   400 C C   . PHE A 1 60 ? 0.830   -0.904  1.108   1.00 12.12 ? 88   PHE A C   1 
ATOM   401 O O   . PHE A 1 60 ? 0.626   -0.465  2.238   1.00 9.10  ? 88   PHE A O   1 
ATOM   402 C CB  . PHE A 1 60 ? 2.583   0.207   -0.324  1.00 9.16  ? 88   PHE A CB  1 
ATOM   403 C CG  . PHE A 1 60 ? 3.408   0.514   0.914   1.00 12.09 ? 88   PHE A CG  1 
ATOM   404 C CD1 . PHE A 1 60 ? 3.890   -0.512  1.719   1.00 10.68 ? 88   PHE A CD1 1 
ATOM   405 C CD2 . PHE A 1 60 ? 3.755   1.826   1.227   1.00 9.02  ? 88   PHE A CD2 1 
ATOM   406 C CE1 . PHE A 1 60 ? 4.710   -0.240  2.814   1.00 12.80 ? 88   PHE A CE1 1 
ATOM   407 C CE2 . PHE A 1 60 ? 4.570   2.110   2.314   1.00 10.72 ? 88   PHE A CE2 1 
ATOM   408 C CZ  . PHE A 1 60 ? 5.055   1.073   3.113   1.00 10.22 ? 88   PHE A CZ  1 
ATOM   409 N N   . VAL A 1 61 ? 0.814   -2.198  0.822   1.00 12.47 ? 89   VAL A N   1 
ATOM   410 C CA  . VAL A 1 61 ? 0.634   -3.197  1.855   1.00 13.34 ? 89   VAL A CA  1 
ATOM   411 C C   . VAL A 1 61 ? 1.905   -4.028  1.852   1.00 15.56 ? 89   VAL A C   1 
ATOM   412 O O   . VAL A 1 61 ? 2.407   -4.405  0.789   1.00 15.08 ? 89   VAL A O   1 
ATOM   413 C CB  . VAL A 1 61 ? -0.569  -4.116  1.561   1.00 14.20 ? 89   VAL A CB  1 
ATOM   414 C CG1 . VAL A 1 61 ? -0.492  -5.367  2.436   1.00 11.56 ? 89   VAL A CG1 1 
ATOM   415 C CG2 . VAL A 1 61 ? -1.883  -3.362  1.830   1.00 12.02 ? 89   VAL A CG2 1 
ATOM   416 N N   . PHE A 1 62 ? 2.447   -4.278  3.039   1.00 15.12 ? 90   PHE A N   1 
ATOM   417 C CA  . PHE A 1 62 ? 3.647   -5.083  3.154   1.00 16.98 ? 90   PHE A CA  1 
ATOM   418 C C   . PHE A 1 62 ? 3.269   -6.440  3.740   1.00 17.42 ? 90   PHE A C   1 
ATOM   419 O O   . PHE A 1 62 ? 2.722   -6.525  4.838   1.00 15.73 ? 90   PHE A O   1 
ATOM   420 C CB  . PHE A 1 62 ? 4.682   -4.413  4.056   1.00 16.66 ? 90   PHE A CB  1 
ATOM   421 C CG  . PHE A 1 62 ? 5.889   -5.268  4.320   1.00 19.13 ? 90   PHE A CG  1 
ATOM   422 C CD1 . PHE A 1 62 ? 6.735   -5.638  3.280   1.00 19.55 ? 90   PHE A CD1 1 
ATOM   423 C CD2 . PHE A 1 62 ? 6.177   -5.709  5.611   1.00 18.14 ? 90   PHE A CD2 1 
ATOM   424 C CE1 . PHE A 1 62 ? 7.860   -6.437  3.521   1.00 21.34 ? 90   PHE A CE1 1 
ATOM   425 C CE2 . PHE A 1 62 ? 7.292   -6.507  5.864   1.00 21.82 ? 90   PHE A CE2 1 
ATOM   426 C CZ  . PHE A 1 62 ? 8.137   -6.872  4.818   1.00 21.97 ? 90   PHE A CZ  1 
ATOM   427 N N   . ASP A 1 63 ? 3.550   -7.491  2.983   1.00 18.82 ? 91   ASP A N   1 
ATOM   428 C CA  . ASP A 1 63 ? 3.261   -8.853  3.409   1.00 21.19 ? 91   ASP A CA  1 
ATOM   429 C C   . ASP A 1 63 ? 4.470   -9.325  4.218   1.00 22.30 ? 91   ASP A C   1 
ATOM   430 O O   . ASP A 1 63 ? 5.501   -9.682  3.645   1.00 20.19 ? 91   ASP A O   1 
ATOM   431 C CB  . ASP A 1 63 ? 3.077   -9.736  2.175   1.00 22.88 ? 91   ASP A CB  1 
ATOM   432 C CG  . ASP A 1 63 ? 2.593   -11.124 2.517   1.00 22.72 ? 91   ASP A CG  1 
ATOM   433 O OD1 . ASP A 1 63 ? 2.984   -11.648 3.580   1.00 23.33 ? 91   ASP A OD1 1 
ATOM   434 O OD2 . ASP A 1 63 ? 1.831   -11.695 1.708   1.00 25.30 ? 91   ASP A OD2 1 
ATOM   435 N N   . LYS A 1 64 ? 4.346   -9.311  5.545   1.00 23.51 ? 92   LYS A N   1 
ATOM   436 C CA  . LYS A 1 64 ? 5.440   -9.726  6.421   1.00 26.89 ? 92   LYS A CA  1 
ATOM   437 C C   . LYS A 1 64 ? 5.817   -11.190 6.254   1.00 27.25 ? 92   LYS A C   1 
ATOM   438 O O   . LYS A 1 64 ? 6.970   -11.564 6.447   1.00 27.91 ? 92   LYS A O   1 
ATOM   439 C CB  . LYS A 1 64 ? 5.087   -9.469  7.889   1.00 29.34 ? 92   LYS A CB  1 
ATOM   440 C CG  . LYS A 1 64 ? 5.162   -8.008  8.303   1.00 33.42 ? 92   LYS A CG  1 
ATOM   441 C CD  . LYS A 1 64 ? 3.816   -7.499  8.806   1.00 37.47 ? 92   LYS A CD  1 
ATOM   442 C CE  . LYS A 1 64 ? 3.302   -8.299  10.002  1.00 37.96 ? 92   LYS A CE  1 
ATOM   443 N NZ  . LYS A 1 64 ? 4.178   -8.174  11.199  1.00 39.49 ? 92   LYS A NZ  1 
ATOM   444 N N   . SER A 1 65 ? 4.843   -12.013 5.888   1.00 27.12 ? 93   SER A N   1 
ATOM   445 C CA  . SER A 1 65 ? 5.079   -13.438 5.712   1.00 27.85 ? 93   SER A CA  1 
ATOM   446 C C   . SER A 1 65 ? 5.883   -13.758 4.448   1.00 27.07 ? 93   SER A C   1 
ATOM   447 O O   . SER A 1 65 ? 6.890   -14.468 4.497   1.00 25.09 ? 93   SER A O   1 
ATOM   448 C CB  . SER A 1 65 ? 3.734   -14.178 5.680   1.00 29.51 ? 93   SER A CB  1 
ATOM   449 O OG  . SER A 1 65 ? 3.915   -15.580 5.565   1.00 35.12 ? 93   SER A OG  1 
ATOM   450 N N   . ARG A 1 66 ? 5.440   -13.223 3.317   1.00 25.00 ? 94   ARG A N   1 
ATOM   451 C CA  . ARG A 1 66 ? 6.098   -13.478 2.046   1.00 24.62 ? 94   ARG A CA  1 
ATOM   452 C C   . ARG A 1 66 ? 7.171   -12.445 1.692   1.00 24.72 ? 94   ARG A C   1 
ATOM   453 O O   . ARG A 1 66 ? 7.860   -12.582 0.680   1.00 24.43 ? 94   ARG A O   1 
ATOM   454 C CB  . ARG A 1 66 ? 5.042   -13.540 0.947   1.00 25.34 ? 94   ARG A CB  1 
ATOM   455 C CG  . ARG A 1 66 ? 3.892   -14.487 1.287   1.00 28.47 ? 94   ARG A CG  1 
ATOM   456 C CD  . ARG A 1 66 ? 2.842   -14.532 0.181   1.00 31.13 ? 94   ARG A CD  1 
ATOM   457 N NE  . ARG A 1 66 ? 1.728   -15.420 0.510   1.00 32.90 ? 94   ARG A NE  1 
ATOM   458 C CZ  . ARG A 1 66 ? 0.879   -15.221 1.516   1.00 34.37 ? 94   ARG A CZ  1 
ATOM   459 N NH1 . ARG A 1 66 ? 1.011   -14.159 2.300   1.00 34.32 ? 94   ARG A NH1 1 
ATOM   460 N NH2 . ARG A 1 66 ? -0.103  -16.085 1.742   1.00 34.01 ? 94   ARG A NH2 1 
ATOM   461 N N   . LYS A 1 67 ? 7.322   -11.423 2.533   1.00 21.96 ? 95   LYS A N   1 
ATOM   462 C CA  . LYS A 1 67 ? 8.303   -10.370 2.286   1.00 22.00 ? 95   LYS A CA  1 
ATOM   463 C C   . LYS A 1 67 ? 8.067   -9.735  0.925   1.00 19.92 ? 95   LYS A C   1 
ATOM   464 O O   . LYS A 1 67 ? 8.939   -9.758  0.052   1.00 16.51 ? 95   LYS A O   1 
ATOM   465 C CB  . LYS A 1 67 ? 9.736   -10.921 2.325   1.00 25.28 ? 95   LYS A CB  1 
ATOM   466 C CG  . LYS A 1 67 ? 10.195  -11.438 3.675   1.00 28.83 ? 95   LYS A CG  1 
ATOM   467 C CD  . LYS A 1 67 ? 10.064  -10.376 4.748   1.00 33.09 ? 95   LYS A CD  1 
ATOM   468 C CE  . LYS A 1 67 ? 10.909  -10.728 5.963   1.00 35.73 ? 95   LYS A CE  1 
ATOM   469 N NZ  . LYS A 1 67 ? 12.362  -10.742 5.607   1.00 38.36 ? 95   LYS A NZ  1 
ATOM   470 N N   . ARG A 1 68 ? 6.876   -9.182  0.732   1.00 18.84 ? 96   ARG A N   1 
ATOM   471 C CA  . ARG A 1 68 ? 6.569   -8.527  -0.530  1.00 18.51 ? 96   ARG A CA  1 
ATOM   472 C C   . ARG A 1 68 ? 5.565   -7.412  -0.312  1.00 18.04 ? 96   ARG A C   1 
ATOM   473 O O   . ARG A 1 68 ? 4.861   -7.380  0.696   1.00 17.06 ? 96   ARG A O   1 
ATOM   474 C CB  . ARG A 1 68 ? 5.993   -9.520  -1.542  1.00 19.24 ? 96   ARG A CB  1 
ATOM   475 C CG  . ARG A 1 68 ? 4.576   -9.981  -1.254  1.00 20.46 ? 96   ARG A CG  1 
ATOM   476 C CD  . ARG A 1 68 ? 3.869   -10.462 -2.531  1.00 22.65 ? 96   ARG A CD  1 
ATOM   477 N NE  . ARG A 1 68 ? 4.569   -11.587 -3.132  1.00 23.76 ? 96   ARG A NE  1 
ATOM   478 C CZ  . ARG A 1 68 ? 5.153   -11.578 -4.327  1.00 21.19 ? 96   ARG A CZ  1 
ATOM   479 N NH1 . ARG A 1 68 ? 5.127   -10.499 -5.099  1.00 21.18 ? 96   ARG A NH1 1 
ATOM   480 N NH2 . ARG A 1 68 ? 5.810   -12.648 -4.727  1.00 21.51 ? 96   ARG A NH2 1 
ATOM   481 N N   . CYS A 1 69 ? 5.512   -6.475  -1.246  1.00 19.28 ? 97   CYS A N   1 
ATOM   482 C CA  . CYS A 1 69 ? 4.535   -5.426  -1.107  1.00 20.26 ? 97   CYS A CA  1 
ATOM   483 C C   . CYS A 1 69 ? 3.690   -5.216  -2.329  1.00 17.28 ? 97   CYS A C   1 
ATOM   484 O O   . CYS A 1 69 ? 3.982   -5.707  -3.426  1.00 14.41 ? 97   CYS A O   1 
ATOM   485 C CB  . CYS A 1 69 ? 5.153   -4.092  -0.660  1.00 27.41 ? 97   CYS A CB  1 
ATOM   486 S SG  . CYS A 1 69 ? 6.812   -3.647  -1.249  1.00 40.85 ? 97   CYS A SG  1 
ATOM   487 N N   . TYR A 1 70 ? 2.607   -4.495  -2.092  1.00 14.66 ? 98   TYR A N   1 
ATOM   488 C CA  . TYR A 1 70 ? 1.640   -4.162  -3.101  1.00 13.80 ? 98   TYR A CA  1 
ATOM   489 C C   . TYR A 1 70 ? 1.499   -2.655  -3.046  1.00 13.02 ? 98   TYR A C   1 
ATOM   490 O O   . TYR A 1 70 ? 1.378   -2.072  -1.964  1.00 12.06 ? 98   TYR A O   1 
ATOM   491 C CB  . TYR A 1 70 ? 0.306   -4.826  -2.772  1.00 13.71 ? 98   TYR A CB  1 
ATOM   492 C CG  . TYR A 1 70 ? 0.383   -6.335  -2.712  1.00 18.86 ? 98   TYR A CG  1 
ATOM   493 C CD1 . TYR A 1 70 ? 0.911   -6.986  -1.596  1.00 19.28 ? 98   TYR A CD1 1 
ATOM   494 C CD2 . TYR A 1 70 ? -0.051  -7.114  -3.786  1.00 18.98 ? 98   TYR A CD2 1 
ATOM   495 C CE1 . TYR A 1 70 ? 1.007   -8.379  -1.549  1.00 19.55 ? 98   TYR A CE1 1 
ATOM   496 C CE2 . TYR A 1 70 ? 0.043   -8.504  -3.751  1.00 20.79 ? 98   TYR A CE2 1 
ATOM   497 C CZ  . TYR A 1 70 ? 0.571   -9.127  -2.631  1.00 20.35 ? 98   TYR A CZ  1 
ATOM   498 O OH  . TYR A 1 70 ? 0.667   -10.499 -2.597  1.00 24.29 ? 98   TYR A OH  1 
ATOM   499 N N   . TRP A 1 71 ? 1.530   -2.027  -4.208  1.00 11.65 ? 99   TRP A N   1 
ATOM   500 C CA  . TRP A 1 71 ? 1.400   -0.584  -4.293  1.00 12.41 ? 99   TRP A CA  1 
ATOM   501 C C   . TRP A 1 71 ? 0.064   -0.289  -4.962  1.00 13.98 ? 99   TRP A C   1 
ATOM   502 O O   . TRP A 1 71 ? -0.270  -0.883  -6.000  1.00 13.59 ? 99   TRP A O   1 
ATOM   503 C CB  . TRP A 1 71 ? 2.563   0.000   -5.094  1.00 10.21 ? 99   TRP A CB  1 
ATOM   504 C CG  . TRP A 1 71 ? 3.884   -0.107  -4.379  1.00 12.20 ? 99   TRP A CG  1 
ATOM   505 C CD1 . TRP A 1 71 ? 4.370   0.737   -3.423  1.00 12.59 ? 99   TRP A CD1 1 
ATOM   506 C CD2 . TRP A 1 71 ? 4.884   -1.116  -4.568  1.00 13.13 ? 99   TRP A CD2 1 
ATOM   507 N NE1 . TRP A 1 71 ? 5.612   0.319   -3.004  1.00 10.08 ? 99   TRP A NE1 1 
ATOM   508 C CE2 . TRP A 1 71 ? 5.953   -0.814  -3.694  1.00 12.90 ? 99   TRP A CE2 1 
ATOM   509 C CE3 . TRP A 1 71 ? 4.983   -2.247  -5.396  1.00 17.88 ? 99   TRP A CE3 1 
ATOM   510 C CZ2 . TRP A 1 71 ? 7.113   -1.602  -3.625  1.00 16.56 ? 99   TRP A CZ2 1 
ATOM   511 C CZ3 . TRP A 1 71 ? 6.136   -3.035  -5.328  1.00 15.41 ? 99   TRP A CZ3 1 
ATOM   512 C CH2 . TRP A 1 71 ? 7.187   -2.705  -4.447  1.00 18.44 ? 99   TRP A CH2 1 
ATOM   513 N N   . TYR A 1 72 ? -0.708  0.606   -4.352  1.00 11.88 ? 100  TYR A N   1 
ATOM   514 C CA  . TYR A 1 72 ? -2.013  0.950   -4.889  1.00 13.14 ? 100  TYR A CA  1 
ATOM   515 C C   . TYR A 1 72 ? -2.167  2.406   -5.272  1.00 12.60 ? 100  TYR A C   1 
ATOM   516 O O   . TYR A 1 72 ? -1.592  3.289   -4.650  1.00 12.75 ? 100  TYR A O   1 
ATOM   517 C CB  . TYR A 1 72 ? -3.115  0.619   -3.881  1.00 12.85 ? 100  TYR A CB  1 
ATOM   518 C CG  . TYR A 1 72 ? -3.056  -0.775  -3.325  1.00 16.26 ? 100  TYR A CG  1 
ATOM   519 C CD1 . TYR A 1 72 ? -2.313  -1.059  -2.177  1.00 18.36 ? 100  TYR A CD1 1 
ATOM   520 C CD2 . TYR A 1 72 ? -3.734  -1.815  -3.948  1.00 15.84 ? 100  TYR A CD2 1 
ATOM   521 C CE1 . TYR A 1 72 ? -2.254  -2.359  -1.663  1.00 19.49 ? 100  TYR A CE1 1 
ATOM   522 C CE2 . TYR A 1 72 ? -3.684  -3.113  -3.446  1.00 20.25 ? 100  TYR A CE2 1 
ATOM   523 C CZ  . TYR A 1 72 ? -2.945  -3.378  -2.308  1.00 19.83 ? 100  TYR A CZ  1 
ATOM   524 O OH  . TYR A 1 72 ? -2.909  -4.661  -1.815  1.00 23.41 ? 100  TYR A OH  1 
ATOM   525 N N   . PRO A 1 73 ? -2.972  2.672   -6.307  1.00 14.04 ? 101  PRO A N   1 
ATOM   526 C CA  . PRO A 1 73 ? -3.234  4.027   -6.795  1.00 14.55 ? 101  PRO A CA  1 
ATOM   527 C C   . PRO A 1 73 ? -4.398  4.638   -6.002  1.00 16.57 ? 101  PRO A C   1 
ATOM   528 O O   . PRO A 1 73 ? -4.944  5.670   -6.379  1.00 16.33 ? 101  PRO A O   1 
ATOM   529 C CB  . PRO A 1 73 ? -3.593  3.791   -8.256  1.00 14.44 ? 101  PRO A CB  1 
ATOM   530 C CG  . PRO A 1 73 ? -4.359  2.510   -8.186  1.00 15.01 ? 101  PRO A CG  1 
ATOM   531 C CD  . PRO A 1 73 ? -3.517  1.665   -7.234  1.00 14.12 ? 101  PRO A CD  1 
ATOM   532 N N   . PHE A 1 74 ? -4.760  3.979   -4.903  1.00 16.27 ? 102  PHE A N   1 
ATOM   533 C CA  . PHE A 1 74 ? -5.862  4.403   -4.038  1.00 17.57 ? 102  PHE A CA  1 
ATOM   534 C C   . PHE A 1 74 ? -5.573  4.052   -2.580  1.00 16.78 ? 102  PHE A C   1 
ATOM   535 O O   . PHE A 1 74 ? -4.646  3.291   -2.281  1.00 16.38 ? 102  PHE A O   1 
ATOM   536 C CB  . PHE A 1 74 ? -7.166  3.711   -4.477  1.00 17.23 ? 102  PHE A CB  1 
ATOM   537 C CG  . PHE A 1 74 ? -7.051  2.207   -4.587  1.00 17.01 ? 102  PHE A CG  1 
ATOM   538 C CD1 . PHE A 1 74 ? -6.877  1.419   -3.453  1.00 17.98 ? 102  PHE A CD1 1 
ATOM   539 C CD2 . PHE A 1 74 ? -7.090  1.582   -5.832  1.00 18.34 ? 102  PHE A CD2 1 
ATOM   540 C CE1 . PHE A 1 74 ? -6.740  0.027   -3.556  1.00 20.88 ? 102  PHE A CE1 1 
ATOM   541 C CE2 . PHE A 1 74 ? -6.955  0.194   -5.947  1.00 19.26 ? 102  PHE A CE2 1 
ATOM   542 C CZ  . PHE A 1 74 ? -6.779  -0.583  -4.808  1.00 20.38 ? 102  PHE A CZ  1 
ATOM   543 N N   . ASN A 1 75 ? -6.355  4.620   -1.669  1.00 17.60 ? 103  ASN A N   1 
ATOM   544 C CA  . ASN A 1 75 ? -6.188  4.308   -0.259  1.00 17.31 ? 103  ASN A CA  1 
ATOM   545 C C   . ASN A 1 75 ? -7.534  3.883   0.316   1.00 17.39 ? 103  ASN A C   1 
ATOM   546 O O   . ASN A 1 75 ? -8.500  3.732   -0.431  1.00 16.86 ? 103  ASN A O   1 
ATOM   547 C CB  . ASN A 1 75 ? -5.588  5.492   0.520   1.00 19.23 ? 103  ASN A CB  1 
ATOM   548 C CG  . ASN A 1 75 ? -6.455  6.732   0.488   1.00 17.94 ? 103  ASN A CG  1 
ATOM   549 O OD1 . ASN A 1 75 ? -7.672  6.661   0.335   1.00 16.59 ? 103  ASN A OD1 1 
ATOM   550 N ND2 . ASN A 1 75 ? -5.826  7.885   0.665   1.00 18.84 ? 103  ASN A ND2 1 
ATOM   551 N N   . SER A 1 76 ? -7.598  3.686   1.629   1.00 16.52 ? 104  SER A N   1 
ATOM   552 C CA  . SER A 1 76 ? -8.831  3.238   2.269   1.00 17.80 ? 104  SER A CA  1 
ATOM   553 C C   . SER A 1 76 ? -10.029 4.185   2.184   1.00 19.12 ? 104  SER A C   1 
ATOM   554 O O   . SER A 1 76 ? -11.167 3.757   2.370   1.00 18.57 ? 104  SER A O   1 
ATOM   555 C CB  . SER A 1 76 ? -8.570  2.886   3.737   1.00 15.59 ? 104  SER A CB  1 
ATOM   556 O OG  . SER A 1 76 ? -8.239  4.040   4.486   1.00 17.30 ? 104  SER A OG  1 
ATOM   557 N N   A MET A 1 77 ? -9.777  5.459   1.900   0.50 19.72 ? 105  MET A N   1 
ATOM   558 N N   B MET A 1 77 ? -9.778  5.460   1.903   0.50 19.13 ? 105  MET A N   1 
ATOM   559 C CA  A MET A 1 77 ? -10.859 6.429   1.801   0.50 20.63 ? 105  MET A CA  1 
ATOM   560 C CA  B MET A 1 77 ? -10.860 6.433   1.800   0.50 19.63 ? 105  MET A CA  1 
ATOM   561 C C   A MET A 1 77 ? -11.339 6.605   0.363   0.50 20.20 ? 105  MET A C   1 
ATOM   562 C C   B MET A 1 77 ? -11.352 6.590   0.365   0.50 19.54 ? 105  MET A C   1 
ATOM   563 O O   A MET A 1 77 ? -12.227 7.413   0.095   0.50 19.93 ? 105  MET A O   1 
ATOM   564 O O   B MET A 1 77 ? -12.263 7.374   0.101   0.50 19.36 ? 105  MET A O   1 
ATOM   565 C CB  A MET A 1 77 ? -10.418 7.781   2.370   0.50 22.86 ? 105  MET A CB  1 
ATOM   566 C CB  B MET A 1 77 ? -10.416 7.805   2.320   0.50 20.48 ? 105  MET A CB  1 
ATOM   567 C CG  A MET A 1 77 ? -9.879  7.703   3.791   0.50 26.87 ? 105  MET A CG  1 
ATOM   568 C CG  B MET A 1 77 ? -9.888  7.816   3.745   0.50 23.51 ? 105  MET A CG  1 
ATOM   569 S SD  A MET A 1 77 ? -9.722  9.315   4.599   0.50 31.52 ? 105  MET A SD  1 
ATOM   570 S SD  B MET A 1 77 ? -8.098  7.577   3.824   0.50 24.13 ? 105  MET A SD  1 
ATOM   571 C CE  A MET A 1 77 ? -8.666  10.204  3.455   0.50 28.20 ? 105  MET A CE  1 
ATOM   572 C CE  B MET A 1 77 ? -7.917  6.879   5.484   0.50 24.37 ? 105  MET A CE  1 
ATOM   573 N N   . SER A 1 78 ? -10.750 5.847   -0.559  1.00 20.23 ? 106  SER A N   1 
ATOM   574 C CA  . SER A 1 78 ? -11.137 5.926   -1.969  1.00 20.86 ? 106  SER A CA  1 
ATOM   575 C C   . SER A 1 78 ? -12.436 5.163   -2.218  1.00 21.32 ? 106  SER A C   1 
ATOM   576 O O   . SER A 1 78 ? -12.719 4.158   -1.562  1.00 19.78 ? 106  SER A O   1 
ATOM   577 C CB  . SER A 1 78 ? -10.030 5.362   -2.876  1.00 20.68 ? 106  SER A CB  1 
ATOM   578 O OG  . SER A 1 78 ? -8.831  6.107   -2.743  1.00 20.75 ? 106  SER A OG  1 
ATOM   579 N N   . SER A 1 79 ? -13.210 5.643   -3.184  1.00 21.19 ? 107  SER A N   1 
ATOM   580 C CA  . SER A 1 79 ? -14.485 5.033   -3.516  1.00 23.22 ? 107  SER A CA  1 
ATOM   581 C C   . SER A 1 79 ? -14.339 3.583   -3.969  1.00 23.01 ? 107  SER A C   1 
ATOM   582 O O   . SER A 1 79 ? -13.544 3.271   -4.851  1.00 24.73 ? 107  SER A O   1 
ATOM   583 C CB  . SER A 1 79 ? -15.182 5.856   -4.603  1.00 24.29 ? 107  SER A CB  1 
ATOM   584 O OG  . SER A 1 79 ? -16.503 5.397   -4.819  1.00 27.51 ? 107  SER A OG  1 
ATOM   585 N N   . GLY A 1 80 ? -15.108 2.697   -3.344  1.00 24.54 ? 108  GLY A N   1 
ATOM   586 C CA  . GLY A 1 80 ? -15.071 1.291   -3.709  1.00 25.51 ? 108  GLY A CA  1 
ATOM   587 C C   . GLY A 1 80 ? -13.954 0.470   -3.089  1.00 26.12 ? 108  GLY A C   1 
ATOM   588 O O   . GLY A 1 80 ? -13.828 -0.721  -3.376  1.00 27.97 ? 108  GLY A O   1 
ATOM   589 N N   . VAL A 1 81 ? -13.134 1.084   -2.245  1.00 24.25 ? 109  VAL A N   1 
ATOM   590 C CA  . VAL A 1 81 ? -12.041 0.341   -1.629  1.00 23.52 ? 109  VAL A CA  1 
ATOM   591 C C   . VAL A 1 81 ? -12.429 -0.136  -0.243  1.00 25.01 ? 109  VAL A C   1 
ATOM   592 O O   . VAL A 1 81 ? -12.877 0.652   0.599   1.00 24.17 ? 109  VAL A O   1 
ATOM   593 C CB  . VAL A 1 81 ? -10.759 1.189   -1.541  1.00 23.06 ? 109  VAL A CB  1 
ATOM   594 C CG1 . VAL A 1 81 ? -9.652  0.389   -0.856  1.00 21.63 ? 109  VAL A CG1 1 
ATOM   595 C CG2 . VAL A 1 81 ? -10.325 1.613   -2.949  1.00 19.17 ? 109  VAL A CG2 1 
ATOM   596 N N   . LYS A 1 82 ? -12.256 -1.435  -0.016  1.00 25.54 ? 110  LYS A N   1 
ATOM   597 C CA  . LYS A 1 82 ? -12.597 -2.048  1.259   1.00 28.57 ? 110  LYS A CA  1 
ATOM   598 C C   . LYS A 1 82 ? -11.385 -2.450  2.090   1.00 28.44 ? 110  LYS A C   1 
ATOM   599 O O   . LYS A 1 82 ? -10.399 -2.982  1.575   1.00 27.76 ? 110  LYS A O   1 
ATOM   600 C CB  . LYS A 1 82 ? -13.484 -3.280  1.030   1.00 31.38 ? 110  LYS A CB  1 
ATOM   601 C CG  . LYS A 1 82 ? -14.867 -2.977  0.467   1.00 34.77 ? 110  LYS A CG  1 
ATOM   602 C CD  . LYS A 1 82 ? -15.711 -2.165  1.452   1.00 38.05 ? 110  LYS A CD  1 
ATOM   603 C CE  . LYS A 1 82 ? -17.152 -1.998  0.957   1.00 40.78 ? 110  LYS A CE  1 
ATOM   604 N NZ  . LYS A 1 82 ? -17.986 -1.148  1.869   1.00 39.94 ? 110  LYS A NZ  1 
ATOM   605 N N   . LYS A 1 83 ? -11.475 -2.179  3.385   1.00 28.68 ? 111  LYS A N   1 
ATOM   606 C CA  . LYS A 1 83 ? -10.423 -2.518  4.327   1.00 30.39 ? 111  LYS A CA  1 
ATOM   607 C C   . LYS A 1 83 ? -10.717 -3.940  4.801   1.00 31.12 ? 111  LYS A C   1 
ATOM   608 O O   . LYS A 1 83 ? -11.854 -4.251  5.172   1.00 31.47 ? 111  LYS A O   1 
ATOM   609 C CB  . LYS A 1 83 ? -10.466 -1.561  5.520   1.00 33.36 ? 111  LYS A CB  1 
ATOM   610 C CG  . LYS A 1 83 ? -9.236  -0.688  5.702   1.00 34.75 ? 111  LYS A CG  1 
ATOM   611 C CD  . LYS A 1 83 ? -9.346  0.118   6.997   1.00 38.83 ? 111  LYS A CD  1 
ATOM   612 C CE  . LYS A 1 83 ? -8.013  0.741   7.386   1.00 41.96 ? 111  LYS A CE  1 
ATOM   613 N NZ  . LYS A 1 83 ? -8.011  1.306   8.775   1.00 44.23 ? 111  LYS A NZ  1 
ATOM   614 N N   . GLY A 1 84 ? -9.706  -4.802  4.780   1.00 28.42 ? 112  GLY A N   1 
ATOM   615 C CA  . GLY A 1 84 ? -9.908  -6.172  5.214   1.00 27.20 ? 112  GLY A CA  1 
ATOM   616 C C   . GLY A 1 84 ? -8.922  -6.610  6.281   1.00 26.91 ? 112  GLY A C   1 
ATOM   617 O O   . GLY A 1 84 ? -7.965  -5.898  6.577   1.00 22.93 ? 112  GLY A O   1 
ATOM   618 N N   . PHE A 1 85 ? -9.162  -7.783  6.864   1.00 27.73 ? 113  PHE A N   1 
ATOM   619 C CA  . PHE A 1 85 ? -8.286  -8.320  7.895   1.00 29.47 ? 113  PHE A CA  1 
ATOM   620 C C   . PHE A 1 85 ? -7.323  -9.331  7.296   1.00 30.13 ? 113  PHE A C   1 
ATOM   621 O O   . PHE A 1 85 ? -7.710  -10.164 6.484   1.00 32.17 ? 113  PHE A O   1 
ATOM   622 C CB  . PHE A 1 85 ? -9.099  -8.985  9.015   1.00 30.11 ? 113  PHE A CB  1 
ATOM   623 C CG  . PHE A 1 85 ? -8.250  -9.627  10.082  1.00 30.05 ? 113  PHE A CG  1 
ATOM   624 C CD1 . PHE A 1 85 ? -7.745  -10.916 9.912   1.00 29.80 ? 113  PHE A CD1 1 
ATOM   625 C CD2 . PHE A 1 85 ? -7.912  -8.925  11.234  1.00 29.27 ? 113  PHE A CD2 1 
ATOM   626 C CE1 . PHE A 1 85 ? -6.920  -11.492 10.871  1.00 30.43 ? 113  PHE A CE1 1 
ATOM   627 C CE2 . PHE A 1 85 ? -7.085  -9.493  12.201  1.00 29.63 ? 113  PHE A CE2 1 
ATOM   628 C CZ  . PHE A 1 85 ? -6.587  -10.778 12.020  1.00 28.74 ? 113  PHE A CZ  1 
ATOM   629 N N   . GLY A 1 86 ? -6.063  -9.241  7.702   1.00 30.07 ? 114  GLY A N   1 
ATOM   630 C CA  . GLY A 1 86 ? -5.043  -10.145 7.212   1.00 30.35 ? 114  GLY A CA  1 
ATOM   631 C C   . GLY A 1 86 ? -3.923  -10.130 8.227   1.00 30.56 ? 114  GLY A C   1 
ATOM   632 O O   . GLY A 1 86 ? -3.231  -9.123  8.379   1.00 30.06 ? 114  GLY A O   1 
ATOM   633 N N   . HIS A 1 87 ? -3.741  -11.245 8.922   1.00 30.60 ? 115  HIS A N   1 
ATOM   634 C CA  . HIS A 1 87 ? -2.722  -11.348 9.961   1.00 30.38 ? 115  HIS A CA  1 
ATOM   635 C C   . HIS A 1 87 ? -1.296  -10.915 9.598   1.00 29.33 ? 115  HIS A C   1 
ATOM   636 O O   . HIS A 1 87 ? -0.630  -10.241 10.386  1.00 28.66 ? 115  HIS A O   1 
ATOM   637 C CB  . HIS A 1 87 ? -2.670  -12.777 10.494  1.00 33.70 ? 115  HIS A CB  1 
ATOM   638 C CG  . HIS A 1 87 ? -1.843  -12.920 11.731  1.00 38.51 ? 115  HIS A CG  1 
ATOM   639 N ND1 . HIS A 1 87 ? -2.248  -12.436 12.956  1.00 40.33 ? 115  HIS A ND1 1 
ATOM   640 C CD2 . HIS A 1 87 ? -0.617  -13.465 11.927  1.00 41.18 ? 115  HIS A CD2 1 
ATOM   641 C CE1 . HIS A 1 87 ? -1.308  -12.674 13.854  1.00 41.38 ? 115  HIS A CE1 1 
ATOM   642 N NE2 . HIS A 1 87 ? -0.308  -13.297 13.256  1.00 41.63 ? 115  HIS A NE2 1 
ATOM   643 N N   . GLU A 1 88 ? -0.823  -11.303 8.419   1.00 27.39 ? 116  GLU A N   1 
ATOM   644 C CA  . GLU A 1 88 ? 0.541   -10.968 8.013   1.00 27.56 ? 116  GLU A CA  1 
ATOM   645 C C   . GLU A 1 88 ? 0.678   -9.684  7.205   1.00 24.54 ? 116  GLU A C   1 
ATOM   646 O O   . GLU A 1 88 ? 1.778   -9.318  6.809   1.00 23.84 ? 116  GLU A O   1 
ATOM   647 C CB  . GLU A 1 88 ? 1.148   -12.112 7.194   1.00 28.18 ? 116  GLU A CB  1 
ATOM   648 C CG  . GLU A 1 88 ? 0.537   -12.264 5.809   1.00 30.18 ? 116  GLU A CG  1 
ATOM   649 C CD  . GLU A 1 88 ? -0.710  -13.126 5.816   1.00 33.39 ? 116  GLU A CD  1 
ATOM   650 O OE1 . GLU A 1 88 ? -1.616  -12.856 6.634   1.00 34.93 ? 116  GLU A OE1 1 
ATOM   651 O OE2 . GLU A 1 88 ? -0.781  -14.075 4.999   1.00 34.62 ? 116  GLU A OE2 1 
ATOM   652 N N   . PHE A 1 89 ? -0.434  -8.999  6.964   1.00 23.24 ? 117  PHE A N   1 
ATOM   653 C CA  . PHE A 1 89 ? -0.406  -7.777  6.169   1.00 20.67 ? 117  PHE A CA  1 
ATOM   654 C C   . PHE A 1 89 ? -0.484  -6.484  6.989   1.00 20.97 ? 117  PHE A C   1 
ATOM   655 O O   . PHE A 1 89 ? -1.268  -6.386  7.931   1.00 21.01 ? 117  PHE A O   1 
ATOM   656 C CB  . PHE A 1 89 ? -1.566  -7.791  5.171   1.00 20.42 ? 117  PHE A CB  1 
ATOM   657 C CG  . PHE A 1 89 ? -1.577  -8.986  4.247   1.00 20.88 ? 117  PHE A CG  1 
ATOM   658 C CD1 . PHE A 1 89 ? -0.733  -9.038  3.139   1.00 19.75 ? 117  PHE A CD1 1 
ATOM   659 C CD2 . PHE A 1 89 ? -2.474  -10.034 4.457   1.00 23.03 ? 117  PHE A CD2 1 
ATOM   660 C CE1 . PHE A 1 89 ? -0.785  -10.112 2.244   1.00 20.73 ? 117  PHE A CE1 1 
ATOM   661 C CE2 . PHE A 1 89 ? -2.536  -11.121 3.568   1.00 23.22 ? 117  PHE A CE2 1 
ATOM   662 C CZ  . PHE A 1 89 ? -1.688  -11.156 2.458   1.00 21.17 ? 117  PHE A CZ  1 
ATOM   663 N N   . ASP A 1 90 ? 0.347   -5.506  6.633   1.00 18.58 ? 118  ASP A N   1 
ATOM   664 C CA  . ASP A 1 90 ? 0.329   -4.194  7.277   1.00 16.72 ? 118  ASP A CA  1 
ATOM   665 C C   . ASP A 1 90 ? 0.039   -3.170  6.177   1.00 15.92 ? 118  ASP A C   1 
ATOM   666 O O   . ASP A 1 90 ? 0.697   -3.158  5.133   1.00 13.21 ? 118  ASP A O   1 
ATOM   667 C CB  . ASP A 1 90 ? 1.666   -3.851  7.944   1.00 18.23 ? 118  ASP A CB  1 
ATOM   668 C CG  . ASP A 1 90 ? 1.913   -4.641  9.227   1.00 23.26 ? 118  ASP A CG  1 
ATOM   669 O OD1 . ASP A 1 90 ? 0.928   -5.057  9.891   1.00 23.03 ? 118  ASP A OD1 1 
ATOM   670 O OD2 . ASP A 1 90 ? 3.099   -4.829  9.579   1.00 22.84 ? 118  ASP A OD2 1 
ATOM   671 N N   . LEU A 1 91 ? -0.959  -2.328  6.411   1.00 12.01 ? 119  LEU A N   1 
ATOM   672 C CA  . LEU A 1 91 ? -1.329  -1.306  5.450   1.00 11.80 ? 119  LEU A CA  1 
ATOM   673 C C   . LEU A 1 91 ? -0.652  0.012   5.793   1.00 12.94 ? 119  LEU A C   1 
ATOM   674 O O   . LEU A 1 91 ? -0.636  0.434   6.951   1.00 13.45 ? 119  LEU A O   1 
ATOM   675 C CB  . LEU A 1 91 ? -2.846  -1.099  5.449   1.00 13.32 ? 119  LEU A CB  1 
ATOM   676 C CG  . LEU A 1 91 ? -3.338  0.177   4.746   1.00 14.53 ? 119  LEU A CG  1 
ATOM   677 C CD1 . LEU A 1 91 ? -3.030  0.095   3.255   1.00 13.75 ? 119  LEU A CD1 1 
ATOM   678 C CD2 . LEU A 1 91 ? -4.830  0.349   4.970   1.00 15.60 ? 119  LEU A CD2 1 
ATOM   679 N N   . TYR A 1 92 ? -0.095  0.659   4.777   1.00 12.79 ? 120  TYR A N   1 
ATOM   680 C CA  . TYR A 1 92 ? 0.567   1.947   4.946   1.00 14.02 ? 120  TYR A CA  1 
ATOM   681 C C   . TYR A 1 92 ? -0.057  2.939   3.968   1.00 13.45 ? 120  TYR A C   1 
ATOM   682 O O   . TYR A 1 92 ? -0.055  2.706   2.757   1.00 13.36 ? 120  TYR A O   1 
ATOM   683 C CB  . TYR A 1 92 ? 2.065   1.813   4.664   1.00 12.96 ? 120  TYR A CB  1 
ATOM   684 C CG  . TYR A 1 92 ? 2.819   1.018   5.717   1.00 14.98 ? 120  TYR A CG  1 
ATOM   685 C CD1 . TYR A 1 92 ? 3.518   1.669   6.732   1.00 15.00 ? 120  TYR A CD1 1 
ATOM   686 C CD2 . TYR A 1 92 ? 2.860   -0.379  5.677   1.00 15.53 ? 120  TYR A CD2 1 
ATOM   687 C CE1 . TYR A 1 92 ? 4.247   0.955   7.676   1.00 15.92 ? 120  TYR A CE1 1 
ATOM   688 C CE2 . TYR A 1 92 ? 3.587   -1.105  6.618   1.00 16.51 ? 120  TYR A CE2 1 
ATOM   689 C CZ  . TYR A 1 92 ? 4.282   -0.426  7.612   1.00 17.18 ? 120  TYR A CZ  1 
ATOM   690 O OH  . TYR A 1 92 ? 5.026   -1.115  8.539   1.00 17.61 ? 120  TYR A OH  1 
ATOM   691 N N   . GLU A 1 93 ? -0.584  4.041   4.494   1.00 11.59 ? 121  GLU A N   1 
ATOM   692 C CA  . GLU A 1 93 ? -1.218  5.057   3.657   1.00 12.74 ? 121  GLU A CA  1 
ATOM   693 C C   . GLU A 1 93 ? -0.457  6.372   3.684   1.00 12.75 ? 121  GLU A C   1 
ATOM   694 O O   . GLU A 1 93 ? -0.188  6.931   4.748   1.00 14.50 ? 121  GLU A O   1 
ATOM   695 C CB  . GLU A 1 93 ? -2.662  5.298   4.111   1.00 14.30 ? 121  GLU A CB  1 
ATOM   696 C CG  . GLU A 1 93 ? -3.589  4.102   3.928   1.00 16.41 ? 121  GLU A CG  1 
ATOM   697 C CD  . GLU A 1 93 ? -4.935  4.299   4.611   1.00 22.10 ? 121  GLU A CD  1 
ATOM   698 O OE1 . GLU A 1 93 ? -4.948  4.434   5.859   1.00 23.90 ? 121  GLU A OE1 1 
ATOM   699 O OE2 . GLU A 1 93 ? -5.976  4.322   3.907   1.00 20.27 ? 121  GLU A OE2 1 
ATOM   700 N N   . ASN A 1 94 ? -0.130  6.870   2.502   1.00 12.93 ? 122  ASN A N   1 
ATOM   701 C CA  . ASN A 1 94 ? 0.598   8.125   2.353   1.00 12.65 ? 122  ASN A CA  1 
ATOM   702 C C   . ASN A 1 94 ? -0.254  9.259   2.938   1.00 13.57 ? 122  ASN A C   1 
ATOM   703 O O   . ASN A 1 94 ? -1.357  9.519   2.451   1.00 10.86 ? 122  ASN A O   1 
ATOM   704 C CB  . ASN A 1 94 ? 0.866   8.371   0.869   1.00 11.72 ? 122  ASN A CB  1 
ATOM   705 C CG  . ASN A 1 94 ? 1.775   9.552   0.632   1.00 15.43 ? 122  ASN A CG  1 
ATOM   706 O OD1 . ASN A 1 94 ? 1.697   10.555  1.332   1.00 16.41 ? 122  ASN A OD1 1 
ATOM   707 N ND2 . ASN A 1 94 ? 2.635   9.444   -0.369  1.00 17.41 ? 122  ASN A ND2 1 
ATOM   708 N N   . LYS A 1 95 ? 0.251   9.921   3.978   1.00 15.02 ? 123  LYS A N   1 
ATOM   709 C CA  . LYS A 1 95 ? -0.484  11.006  4.632   1.00 17.96 ? 123  LYS A CA  1 
ATOM   710 C C   . LYS A 1 95 ? -0.876  12.179  3.736   1.00 18.96 ? 123  LYS A C   1 
ATOM   711 O O   . LYS A 1 95 ? -1.779  12.938  4.078   1.00 18.23 ? 123  LYS A O   1 
ATOM   712 C CB  . LYS A 1 95 ? 0.297   11.525  5.847   1.00 19.44 ? 123  LYS A CB  1 
ATOM   713 C CG  . LYS A 1 95 ? 0.265   10.560  7.036   1.00 22.67 ? 123  LYS A CG  1 
ATOM   714 C CD  . LYS A 1 95 ? 1.092   11.061  8.217   1.00 24.93 ? 123  LYS A CD  1 
ATOM   715 C CE  . LYS A 1 95 ? 1.147   10.023  9.326   1.00 27.51 ? 123  LYS A CE  1 
ATOM   716 N NZ  . LYS A 1 95 ? 2.041   10.433  10.442  1.00 31.84 ? 123  LYS A NZ  1 
ATOM   717 N N   . ASP A 1 96 ? -0.217  12.332  2.592   1.00 18.45 ? 124  ASP A N   1 
ATOM   718 C CA  . ASP A 1 96 ? -0.567  13.427  1.698   1.00 20.60 ? 124  ASP A CA  1 
ATOM   719 C C   . ASP A 1 96 ? -1.964  13.247  1.108   1.00 20.44 ? 124  ASP A C   1 
ATOM   720 O O   . ASP A 1 96 ? -2.565  14.207  0.625   1.00 19.41 ? 124  ASP A O   1 
ATOM   721 C CB  . ASP A 1 96 ? 0.434   13.541  0.540   1.00 23.99 ? 124  ASP A CB  1 
ATOM   722 C CG  . ASP A 1 96 ? 1.793   14.059  0.981   1.00 28.26 ? 124  ASP A CG  1 
ATOM   723 O OD1 . ASP A 1 96 ? 1.839   14.959  1.846   1.00 27.94 ? 124  ASP A OD1 1 
ATOM   724 O OD2 . ASP A 1 96 ? 2.815   13.578  0.445   1.00 30.02 ? 124  ASP A OD2 1 
ATOM   725 N N   . TYR A 1 97 ? -2.477  12.020  1.135   1.00 19.82 ? 125  TYR A N   1 
ATOM   726 C CA  . TYR A 1 97 ? -3.789  11.751  0.557   1.00 17.62 ? 125  TYR A CA  1 
ATOM   727 C C   . TYR A 1 97 ? -4.847  11.359  1.577   1.00 20.93 ? 125  TYR A C   1 
ATOM   728 O O   . TYR A 1 97 ? -5.892  10.800  1.228   1.00 18.25 ? 125  TYR A O   1 
ATOM   729 C CB  . TYR A 1 97 ? -3.666  10.667  -0.514  1.00 17.15 ? 125  TYR A CB  1 
ATOM   730 C CG  . TYR A 1 97 ? -2.636  11.006  -1.558  1.00 16.97 ? 125  TYR A CG  1 
ATOM   731 C CD1 . TYR A 1 97 ? -1.325  10.551  -1.445  1.00 18.18 ? 125  TYR A CD1 1 
ATOM   732 C CD2 . TYR A 1 97 ? -2.945  11.867  -2.616  1.00 18.10 ? 125  TYR A CD2 1 
ATOM   733 C CE1 . TYR A 1 97 ? -0.340  10.951  -2.351  1.00 19.52 ? 125  TYR A CE1 1 
ATOM   734 C CE2 . TYR A 1 97 ? -1.962  12.271  -3.529  1.00 19.39 ? 125  TYR A CE2 1 
ATOM   735 C CZ  . TYR A 1 97 ? -0.667  11.811  -3.385  1.00 19.36 ? 125  TYR A CZ  1 
ATOM   736 O OH  . TYR A 1 97 ? 0.314   12.224  -4.259  1.00 22.50 ? 125  TYR A OH  1 
ATOM   737 N N   . ILE A 1 98 ? -4.566  11.651  2.840   1.00 22.77 ? 126  ILE A N   1 
ATOM   738 C CA  . ILE A 1 98 ? -5.496  11.360  3.919   1.00 28.49 ? 126  ILE A CA  1 
ATOM   739 C C   . ILE A 1 98 ? -6.052  12.693  4.394   1.00 32.17 ? 126  ILE A C   1 
ATOM   740 O O   . ILE A 1 98 ? -5.307  13.560  4.847   1.00 31.26 ? 126  ILE A O   1 
ATOM   741 C CB  . ILE A 1 98 ? -4.795  10.641  5.080   1.00 26.90 ? 126  ILE A CB  1 
ATOM   742 C CG1 . ILE A 1 98 ? -4.435  9.216   4.652   1.00 27.40 ? 126  ILE A CG1 1 
ATOM   743 C CG2 . ILE A 1 98 ? -5.701  10.615  6.311   1.00 27.98 ? 126  ILE A CG2 1 
ATOM   744 C CD1 . ILE A 1 98 ? -3.740  8.417   5.733   1.00 26.68 ? 126  ILE A CD1 1 
ATOM   745 N N   . ARG A 1 99 ? -7.366  12.848  4.273   1.00 36.84 ? 127  ARG A N   1 
ATOM   746 C CA  . ARG A 1 99 ? -8.045  14.082  4.656   1.00 42.17 ? 127  ARG A CA  1 
ATOM   747 C C   . ARG A 1 99 ? -8.759  13.958  6.001   1.00 44.93 ? 127  ARG A C   1 
ATOM   748 O O   . ARG A 1 99 ? -8.688  12.865  6.608   1.00 46.80 ? 127  ARG A O   1 
ATOM   749 C CB  . ARG A 1 99 ? -9.045  14.467  3.563   1.00 42.83 ? 127  ARG A CB  1 
ATOM   750 C CG  . ARG A 1 99 ? -9.738  15.794  3.770   1.00 45.85 ? 127  ARG A CG  1 
ATOM   751 C CD  . ARG A 1 99 ? -10.729 16.062  2.658   1.00 47.65 ? 127  ARG A CD  1 
ATOM   752 N NE  . ARG A 1 99 ? -11.549 17.235  2.941   1.00 50.89 ? 127  ARG A NE  1 
ATOM   753 C CZ  . ARG A 1 99 ? -12.334 17.357  4.007   1.00 51.81 ? 127  ARG A CZ  1 
ATOM   754 N NH1 . ARG A 1 99 ? -12.409 16.374  4.898   1.00 52.64 ? 127  ARG A NH1 1 
ATOM   755 N NH2 . ARG A 1 99 ? -13.046 18.461  4.184   1.00 53.75 ? 127  ARG A NH2 1 
ATOM   756 O OXT . ARG A 1 99 ? -9.380  14.958  6.434   1.00 48.17 ? 127  ARG A OXT 1 
HETATM 757 S S   . SO4 B 2 .  ? -10.065 9.587   -4.403  1.00 92.83 ? 301  SO4 A S   1 
HETATM 758 O O1  . SO4 B 2 .  ? -9.703  10.835  -5.105  1.00 93.01 ? 301  SO4 A O1  1 
HETATM 759 O O2  . SO4 B 2 .  ? -11.314 9.042   -4.971  1.00 92.22 ? 301  SO4 A O2  1 
HETATM 760 O O3  . SO4 B 2 .  ? -8.979  8.600   -4.566  1.00 92.19 ? 301  SO4 A O3  1 
HETATM 761 O O4  . SO4 B 2 .  ? -10.258 9.877   -2.970  1.00 92.14 ? 301  SO4 A O4  1 
HETATM 762 O O   . HOH C 3 .  ? -3.129  7.631   1.324   1.00 12.99 ? 1001 HOH A O   1 
HETATM 763 O O   . HOH C 3 .  ? 9.211   -10.162 -7.255  1.00 23.26 ? 1002 HOH A O   1 
HETATM 764 O O   . HOH C 3 .  ? -3.251  2.859   7.366   1.00 14.33 ? 1003 HOH A O   1 
HETATM 765 O O   . HOH C 3 .  ? -8.315  9.081   -0.911  1.00 17.24 ? 1004 HOH A O   1 
HETATM 766 O O   . HOH C 3 .  ? 5.071   -3.648  8.315   1.00 21.98 ? 1005 HOH A O   1 
HETATM 767 O O   . HOH C 3 .  ? 10.753  9.775   -8.850  1.00 25.65 ? 1006 HOH A O   1 
HETATM 768 O O   . HOH C 3 .  ? 3.046   8.723   -3.904  1.00 20.07 ? 1007 HOH A O   1 
HETATM 769 O O   . HOH C 3 .  ? 2.836   11.366  -4.147  1.00 28.63 ? 1008 HOH A O   1 
HETATM 770 O O   . HOH C 3 .  ? 0.405   -11.799 -0.409  1.00 24.86 ? 1009 HOH A O   1 
HETATM 771 O O   . HOH C 3 .  ? 10.899  -6.603  7.534   1.00 37.09 ? 1010 HOH A O   1 
HETATM 772 O O   . HOH C 3 .  ? 0.066   13.561  -6.474  1.00 20.27 ? 1011 HOH A O   1 
HETATM 773 O O   . HOH C 3 .  ? 11.825  -10.816 -0.172  1.00 26.07 ? 1012 HOH A O   1 
HETATM 774 O O   . HOH C 3 .  ? 4.958   11.687  -2.499  1.00 27.89 ? 1013 HOH A O   1 
HETATM 775 O O   . HOH C 3 .  ? -7.123  14.116  0.267   1.00 32.61 ? 1014 HOH A O   1 
HETATM 776 O O   . HOH C 3 .  ? -3.922  7.550   -7.707  1.00 29.66 ? 1015 HOH A O   1 
HETATM 777 O O   . HOH C 3 .  ? 2.682   1.266   -13.088 1.00 51.40 ? 1016 HOH A O   1 
HETATM 778 O O   . HOH C 3 .  ? -2.216  10.240  -11.188 1.00 50.87 ? 1017 HOH A O   1 
HETATM 779 O O   . HOH C 3 .  ? 6.437   -0.338  10.398  1.00 44.27 ? 1018 HOH A O   1 
HETATM 780 O O   . HOH C 3 .  ? -0.865  -1.289  -8.711  1.00 30.27 ? 1019 HOH A O   1 
HETATM 781 O O   . HOH C 3 .  ? 15.963  5.448   12.522  1.00 44.48 ? 1020 HOH A O   1 
HETATM 782 O O   . HOH C 3 .  ? -12.292 1.278   3.305   1.00 40.76 ? 1021 HOH A O   1 
HETATM 783 O O   . HOH C 3 .  ? -2.703  7.751   -10.678 1.00 33.15 ? 1022 HOH A O   1 
HETATM 784 O O   . HOH C 3 .  ? -6.846  4.473   7.482   1.00 31.62 ? 1023 HOH A O   1 
HETATM 785 O O   . HOH C 3 .  ? 15.499  8.277   -9.660  1.00 46.89 ? 1024 HOH A O   1 
HETATM 786 O O   . HOH C 3 .  ? -3.904  -5.596  0.526   1.00 27.69 ? 1025 HOH A O   1 
HETATM 787 O O   . HOH C 3 .  ? 3.139   -6.719  -10.266 1.00 37.16 ? 1026 HOH A O   1 
HETATM 788 O O   . HOH C 3 .  ? 3.358   0.565   -15.808 1.00 39.96 ? 1027 HOH A O   1 
HETATM 789 O O   . HOH C 3 .  ? 11.055  5.933   -12.690 1.00 44.85 ? 1028 HOH A O   1 
HETATM 790 O O   . HOH C 3 .  ? -4.044  -8.427  -0.635  1.00 34.01 ? 1029 HOH A O   1 
HETATM 791 O O   . HOH C 3 .  ? 7.373   -4.883  8.991   1.00 27.11 ? 1030 HOH A O   1 
HETATM 792 O O   . HOH C 3 .  ? -4.897  -13.761 13.140  1.00 50.37 ? 1031 HOH A O   1 
HETATM 793 O O   . HOH C 3 .  ? 9.592   -4.156  7.483   1.00 25.47 ? 1032 HOH A O   1 
HETATM 794 O O   . HOH C 3 .  ? -1.545  12.386  -8.072  1.00 44.50 ? 1033 HOH A O   1 
HETATM 795 O O   . HOH C 3 .  ? 6.638   -11.235 -7.956  1.00 49.08 ? 1034 HOH A O   1 
HETATM 796 O O   . HOH C 3 .  ? 6.204   1.130   -15.444 1.00 47.44 ? 1035 HOH A O   1 
HETATM 797 O O   . HOH C 3 .  ? -9.496  -5.666  1.753   1.00 37.61 ? 1036 HOH A O   1 
HETATM 798 O O   . HOH C 3 .  ? -3.467  -7.275  -2.904  1.00 50.63 ? 1037 HOH A O   1 
HETATM 799 O O   . HOH C 3 .  ? -5.453  -13.692 8.639   1.00 44.22 ? 1038 HOH A O   1 
HETATM 800 O O   . HOH C 3 .  ? -4.932  15.244  -0.853  1.00 36.42 ? 1039 HOH A O   1 
HETATM 801 O O   . HOH C 3 .  ? -4.217  -7.280  -9.032  1.00 40.96 ? 1040 HOH A O   1 
HETATM 802 O O   . HOH C 3 .  ? 9.745   -15.395 3.438   1.00 51.28 ? 1041 HOH A O   1 
HETATM 803 O O   . HOH C 3 .  ? -1.696  -0.607  -11.172 1.00 38.20 ? 1042 HOH A O   1 
HETATM 804 O O   . HOH C 3 .  ? -14.765 -1.609  -5.479  1.00 51.95 ? 1043 HOH A O   1 
HETATM 805 O O   . HOH C 3 .  ? -1.166  17.100  1.752   1.00 39.69 ? 1044 HOH A O   1 
HETATM 806 O O   . HOH C 3 .  ? 13.050  -2.516  -9.588  1.00 34.27 ? 1045 HOH A O   1 
HETATM 807 O O   . HOH C 3 .  ? -10.194 15.745  8.825   1.00 39.50 ? 1046 HOH A O   1 
HETATM 808 O O   . HOH C 3 .  ? -3.663  -13.913 5.729   1.00 42.47 ? 1047 HOH A O   1 
HETATM 809 O O   . HOH C 3 .  ? 8.942   -2.156  -11.959 1.00 59.03 ? 1048 HOH A O   1 
HETATM 810 O O   . HOH C 3 .  ? -16.294 3.280   -7.231  1.00 44.25 ? 1049 HOH A O   1 
HETATM 811 O O   . HOH C 3 .  ? -1.881  16.004  4.424   1.00 55.07 ? 1050 HOH A O   1 
HETATM 812 O O   . HOH C 3 .  ? 8.770   -9.317  7.748   1.00 52.51 ? 1051 HOH A O   1 
HETATM 813 O O   . HOH C 3 .  ? 11.941  2.652   -12.357 1.00 42.32 ? 1052 HOH A O   1 
HETATM 814 O O   . HOH C 3 .  ? 0.301   8.806   -12.991 1.00 44.69 ? 1053 HOH A O   1 
HETATM 815 O O   . HOH C 3 .  ? -4.910  -9.915  -2.474  1.00 38.93 ? 1054 HOH A O   1 
HETATM 816 O O   . HOH C 3 .  ? 3.518   -11.445 -8.789  1.00 42.80 ? 1055 HOH A O   1 
HETATM 817 O O   . HOH C 3 .  ? 2.629   8.357   -15.364 1.00 46.86 ? 1056 HOH A O   1 
HETATM 818 O O   . HOH C 3 .  ? -8.178  14.318  -2.001  1.00 45.88 ? 1057 HOH A O   1 
HETATM 819 O O   . HOH C 3 .  ? 18.785  -7.380  0.820   1.00 48.44 ? 1058 HOH A O   1 
HETATM 820 O O   . HOH C 3 .  ? -1.387  -8.137  -7.362  1.00 38.12 ? 1059 HOH A O   1 
HETATM 821 O O   . HOH C 3 .  ? -6.153  -13.267 5.480   1.00 51.62 ? 1060 HOH A O   1 
HETATM 822 O O   . HOH C 3 .  ? -13.994 -1.764  4.476   1.00 53.49 ? 1061 HOH A O   1 
HETATM 823 O O   . HOH C 3 .  ? 13.887  5.042   -5.221  1.00 51.18 ? 1062 HOH A O   1 
HETATM 824 O O   . HOH C 3 .  ? 16.720  -3.514  0.901   1.00 46.21 ? 1063 HOH A O   1 
HETATM 825 O O   . HOH C 3 .  ? 5.301   7.523   -14.750 1.00 39.37 ? 1064 HOH A O   1 
HETATM 826 O O   . HOH C 3 .  ? -4.701  10.586  -8.192  1.00 45.34 ? 1065 HOH A O   1 
HETATM 827 O O   . HOH C 3 .  ? -4.639  -16.592 8.395   1.00 53.19 ? 1066 HOH A O   1 
HETATM 828 O O   . HOH C 3 .  ? 4.174   8.135   10.318  1.00 45.31 ? 1067 HOH A O   1 
HETATM 829 O O   . HOH C 3 .  ? 15.227  -3.866  -8.084  1.00 53.68 ? 1068 HOH A O   1 
HETATM 830 O O   . HOH C 3 .  ? 14.628  -1.280  -7.570  1.00 45.07 ? 1069 HOH A O   1 
HETATM 831 O O   . HOH C 3 .  ? -9.295  13.648  9.926   1.00 49.38 ? 1070 HOH A O   1 
HETATM 832 O O   . HOH C 3 .  ? 4.139   6.822   -11.466 1.00 35.42 ? 1071 HOH A O   1 
HETATM 833 O O   . HOH C 3 .  ? 10.448  -12.886 -0.312  1.00 28.59 ? 1072 HOH A O   1 
HETATM 834 O O   . HOH C 3 .  ? 10.085  6.455   2.675   1.00 35.59 ? 1073 HOH A O   1 
HETATM 835 O O   . HOH C 3 .  ? 11.745  4.118   3.783   1.00 38.03 ? 1074 HOH A O   1 
HETATM 836 O O   . HOH C 3 .  ? 6.988   -9.048  -9.533  1.00 50.68 ? 1075 HOH A O   1 
HETATM 837 O O   . HOH C 3 .  ? 15.570  2.591   13.815  1.00 49.87 ? 1076 HOH A O   1 
HETATM 838 O O   . HOH C 3 .  ? 17.678  -9.616  -1.266  1.00 43.63 ? 1077 HOH A O   1 
HETATM 839 O O   . HOH C 3 .  ? 5.079   -9.308  -13.442 1.00 48.65 ? 1078 HOH A O   1 
HETATM 840 O O   . HOH C 3 .  ? 7.764   -11.076 -11.399 1.00 45.63 ? 1079 HOH A O   1 
HETATM 841 O O   . HOH C 3 .  ? -4.054  -8.562  17.071  1.00 49.41 ? 1080 HOH A O   1 
HETATM 842 O O   . HOH C 3 .  ? -12.348 2.807   5.592   1.00 46.32 ? 1081 HOH A O   1 
HETATM 843 O O   . HOH C 3 .  ? 4.587   -9.228  -10.521 1.00 45.89 ? 1082 HOH A O   1 
# 
